data_8DOV
#
_entry.id   8DOV
#
_cell.length_a   216.760
_cell.length_b   116.450
_cell.length_c   70.880
_cell.angle_alpha   90.000
_cell.angle_beta   96.900
_cell.angle_gamma   90.000
#
_symmetry.space_group_name_H-M   'C 1 2 1'
#
loop_
_entity.id
_entity.type
_entity.pdbx_description
1 polymer 'Hemoglobin subunit alpha'
2 polymer 'Hemoglobin subunit beta'
3 polymer 'Heme-binding protein Shr'
4 non-polymer 'PROTOPORPHYRIN IX CONTAINING FE'
5 non-polymer GLYCEROL
6 water water
#
loop_
_entity_poly.entity_id
_entity_poly.type
_entity_poly.pdbx_seq_one_letter_code
_entity_poly.pdbx_strand_id
1 'polypeptide(L)'
;VLSPADKTNVKAAWGKVGAHAGEYGAEALERMFLSFPTTKTYFPHFDLSHGSAQVKGHGKKVADALTNAVAHVDDMPNAL
SALSDLHAHKLRVDPVNFKLLSHCLLVTLAAHLPAEFTPAVHASLDKFLASVSTVLTSKYR
;
A,C,E,G
2 'polypeptide(L)'
;VHLTPEEKSAVTALWGKVNVDEVGGEALGRLLVVYPWTQRFFESFGDLSTPDAVMGNPKVKAHGKKVLGAFSDGLAHLDN
LKGTFATLSELHCDKLHVDPENFRLLGNVLVCVLAHHFGKEFTPPVQAAYQKVVAGVANALAHKYH
;
B,D,F,H
3 'polypeptide(L)'
;SNLSLITKLSQEDGAILFPEIDRYSDNKQIKALTQQITKVTVNGTVYKDLISDSVKDTNGWVSNMTGLHLGTKAFKDGEN
TIVISSKGFEDVTITVTKKDGQIHFVSAKQKQ
;
I,J,K
#
loop_
_chem_comp.id
_chem_comp.type
_chem_comp.name
_chem_comp.formula
GOL non-polymer GLYCEROL 'C3 H8 O3'
HEM non-polymer 'PROTOPORPHYRIN IX CONTAINING FE' 'C34 H32 Fe N4 O4'
#
# COMPACT_ATOMS: atom_id res chain seq x y z
N VAL A 1 8.20 -16.63 37.64
CA VAL A 1 7.74 -15.68 36.62
C VAL A 1 7.86 -14.24 37.18
N LEU A 2 7.00 -13.84 38.13
CA LEU A 2 7.11 -12.51 38.73
C LEU A 2 7.91 -12.63 40.01
N SER A 3 9.11 -12.04 40.00
CA SER A 3 10.02 -12.04 41.13
C SER A 3 9.48 -11.20 42.34
N PRO A 4 10.05 -11.33 43.56
CA PRO A 4 9.60 -10.46 44.67
C PRO A 4 9.77 -8.96 44.34
N ALA A 5 10.84 -8.59 43.63
CA ALA A 5 11.04 -7.19 43.24
C ALA A 5 9.93 -6.76 42.27
N ASP A 6 9.55 -7.62 41.31
CA ASP A 6 8.47 -7.32 40.37
C ASP A 6 7.14 -7.09 41.10
N LYS A 7 6.82 -7.96 42.09
CA LYS A 7 5.59 -7.85 42.88
C LYS A 7 5.57 -6.56 43.68
N THR A 8 6.73 -6.17 44.25
CA THR A 8 6.86 -4.92 44.99
C THR A 8 6.57 -3.74 44.05
N ASN A 9 7.20 -3.75 42.86
CA ASN A 9 7.06 -2.68 41.85
C ASN A 9 5.64 -2.54 41.37
N VAL A 10 4.98 -3.66 41.03
CA VAL A 10 3.61 -3.67 40.57
C VAL A 10 2.66 -3.15 41.67
N LYS A 11 2.81 -3.62 42.92
CA LYS A 11 1.98 -3.14 44.02
C LYS A 11 2.16 -1.66 44.29
N ALA A 12 3.41 -1.17 44.26
CA ALA A 12 3.66 0.24 44.49
C ALA A 12 3.13 1.13 43.33
N ALA A 13 3.33 0.70 42.09
CA ALA A 13 2.88 1.49 40.93
C ALA A 13 1.36 1.46 40.77
N TRP A 14 0.76 0.27 40.90
CA TRP A 14 -0.68 0.13 40.79
C TRP A 14 -1.40 0.80 41.98
N GLY A 15 -0.74 0.89 43.14
CA GLY A 15 -1.27 1.60 44.29
C GLY A 15 -1.31 3.12 44.09
N LYS A 16 -0.44 3.66 43.22
CA LYS A 16 -0.46 5.09 42.88
C LYS A 16 -1.69 5.40 41.96
N VAL A 17 -2.22 4.41 41.22
CA VAL A 17 -3.39 4.55 40.37
C VAL A 17 -4.60 4.86 41.27
N GLY A 18 -4.82 4.05 42.30
CA GLY A 18 -5.87 4.23 43.29
C GLY A 18 -7.26 4.46 42.72
N ALA A 19 -7.86 5.60 43.10
CA ALA A 19 -9.19 5.99 42.66
C ALA A 19 -9.27 6.33 41.14
N HIS A 20 -8.13 6.47 40.44
CA HIS A 20 -8.12 6.75 39.00
C HIS A 20 -8.20 5.51 38.11
N ALA A 21 -8.38 4.34 38.69
CA ALA A 21 -8.41 3.08 37.96
C ALA A 21 -9.37 3.08 36.75
N GLY A 22 -10.64 3.44 36.97
CA GLY A 22 -11.62 3.47 35.90
C GLY A 22 -11.25 4.46 34.80
N GLU A 23 -10.74 5.63 35.20
CA GLU A 23 -10.31 6.71 34.31
C GLU A 23 -9.15 6.22 33.42
N TYR A 24 -8.18 5.53 34.01
CA TYR A 24 -7.02 5.02 33.28
C TYR A 24 -7.39 3.84 32.36
N GLY A 25 -8.33 3.02 32.79
CA GLY A 25 -8.80 1.90 31.99
C GLY A 25 -9.55 2.40 30.77
N ALA A 26 -10.37 3.43 30.94
CA ALA A 26 -11.11 4.08 29.85
C ALA A 26 -10.13 4.77 28.88
N GLU A 27 -9.09 5.43 29.42
CA GLU A 27 -8.09 6.06 28.58
C GLU A 27 -7.30 5.01 27.74
N ALA A 28 -6.93 3.87 28.36
CA ALA A 28 -6.22 2.77 27.68
C ALA A 28 -7.07 2.15 26.58
N LEU A 29 -8.40 2.04 26.79
CA LEU A 29 -9.32 1.50 25.79
C LEU A 29 -9.44 2.46 24.63
N GLU A 30 -9.54 3.76 24.91
CA GLU A 30 -9.58 4.77 23.87
C GLU A 30 -8.29 4.77 23.03
N ARG A 31 -7.14 4.60 23.68
CA ARG A 31 -5.85 4.52 23.00
C ARG A 31 -5.83 3.30 22.05
N MET A 32 -6.35 2.17 22.53
CA MET A 32 -6.45 0.95 21.76
C MET A 32 -7.40 1.06 20.55
N PHE A 33 -8.61 1.60 20.72
CA PHE A 33 -9.56 1.75 19.63
C PHE A 33 -9.04 2.71 18.56
N LEU A 34 -8.31 3.78 18.96
CA LEU A 34 -7.78 4.73 17.98
C LEU A 34 -6.54 4.19 17.30
N SER A 35 -5.62 3.56 18.03
CA SER A 35 -4.36 3.07 17.43
C SER A 35 -4.55 1.79 16.66
N PHE A 36 -5.41 0.90 17.15
CA PHE A 36 -5.63 -0.42 16.55
C PHE A 36 -7.13 -0.59 16.28
N PRO A 37 -7.65 0.09 15.24
CA PRO A 37 -9.10 0.09 14.99
C PRO A 37 -9.80 -1.27 14.87
N THR A 38 -9.12 -2.34 14.39
CA THR A 38 -9.76 -3.65 14.32
C THR A 38 -10.31 -4.13 15.71
N THR A 39 -9.74 -3.62 16.82
CA THR A 39 -10.19 -4.00 18.16
C THR A 39 -11.64 -3.52 18.43
N LYS A 40 -12.14 -2.51 17.67
CA LYS A 40 -13.49 -1.98 17.83
C LYS A 40 -14.56 -3.01 17.47
N THR A 41 -14.23 -3.98 16.58
CA THR A 41 -15.14 -5.03 16.13
C THR A 41 -15.57 -5.97 17.26
N TYR A 42 -14.82 -5.99 18.38
CA TYR A 42 -15.23 -6.78 19.54
C TYR A 42 -16.34 -6.09 20.35
N PHE A 43 -16.61 -4.79 20.11
CA PHE A 43 -17.64 -4.06 20.87
C PHE A 43 -18.64 -3.44 19.88
N PRO A 44 -19.34 -4.27 19.07
CA PRO A 44 -20.29 -3.68 18.09
C PRO A 44 -21.51 -2.99 18.75
N HIS A 45 -21.83 -3.38 19.99
CA HIS A 45 -22.96 -2.84 20.78
C HIS A 45 -22.59 -1.55 21.56
N PHE A 46 -21.36 -1.07 21.40
CA PHE A 46 -20.88 0.09 22.12
C PHE A 46 -20.94 1.36 21.30
N ASP A 47 -21.16 2.48 22.00
CA ASP A 47 -20.97 3.82 21.49
C ASP A 47 -19.47 3.99 21.80
N LEU A 48 -18.63 4.06 20.77
CA LEU A 48 -17.19 4.16 20.97
C LEU A 48 -16.63 5.58 20.82
N SER A 49 -17.50 6.59 20.84
CA SER A 49 -17.07 7.98 20.75
C SER A 49 -16.34 8.41 22.04
N HIS A 50 -15.56 9.49 21.96
CA HIS A 50 -14.80 10.00 23.10
C HIS A 50 -15.74 10.37 24.26
N GLY A 51 -15.38 9.91 25.45
CA GLY A 51 -16.13 10.18 26.68
C GLY A 51 -17.45 9.43 26.82
N SER A 52 -17.68 8.39 26.01
CA SER A 52 -18.92 7.61 26.11
C SER A 52 -18.99 6.82 27.43
N ALA A 53 -20.17 6.77 28.03
CA ALA A 53 -20.44 6.07 29.28
C ALA A 53 -20.12 4.58 29.20
N GLN A 54 -20.35 3.96 28.05
CA GLN A 54 -20.02 2.57 27.84
C GLN A 54 -18.50 2.29 27.89
N VAL A 55 -17.68 3.14 27.30
CA VAL A 55 -16.23 2.99 27.32
C VAL A 55 -15.72 3.26 28.75
N LYS A 56 -16.29 4.30 29.43
CA LYS A 56 -15.98 4.62 30.83
C LYS A 56 -16.28 3.45 31.76
N GLY A 57 -17.49 2.88 31.63
CA GLY A 57 -17.87 1.71 32.41
C GLY A 57 -16.97 0.51 32.13
N HIS A 58 -16.70 0.22 30.84
CA HIS A 58 -15.83 -0.92 30.51
C HIS A 58 -14.41 -0.74 31.01
N GLY A 59 -13.91 0.49 31.00
CA GLY A 59 -12.58 0.80 31.49
C GLY A 59 -12.43 0.53 32.98
N LYS A 60 -13.52 0.80 33.74
CA LYS A 60 -13.57 0.53 35.16
C LYS A 60 -13.62 -1.01 35.39
N LYS A 61 -14.31 -1.75 34.52
CA LYS A 61 -14.34 -3.20 34.61
C LYS A 61 -12.94 -3.79 34.43
N VAL A 62 -12.24 -3.32 33.44
CA VAL A 62 -10.89 -3.78 33.14
C VAL A 62 -9.90 -3.41 34.27
N ALA A 63 -9.92 -2.17 34.75
CA ALA A 63 -9.01 -1.73 35.81
C ALA A 63 -9.26 -2.41 37.11
N ASP A 64 -10.53 -2.68 37.46
CA ASP A 64 -10.87 -3.41 38.67
C ASP A 64 -10.44 -4.89 38.59
N ALA A 65 -10.51 -5.49 37.38
CA ALA A 65 -10.02 -6.87 37.13
C ALA A 65 -8.49 -6.90 37.39
N LEU A 66 -7.79 -5.89 36.93
CA LEU A 66 -6.35 -5.72 37.15
C LEU A 66 -6.00 -5.46 38.61
N THR A 67 -6.80 -4.66 39.33
CA THR A 67 -6.60 -4.44 40.75
C THR A 67 -6.78 -5.77 41.51
N ASN A 68 -7.77 -6.57 41.09
CA ASN A 68 -8.00 -7.87 41.71
C ASN A 68 -6.80 -8.81 41.41
N ALA A 69 -6.27 -8.79 40.18
CA ALA A 69 -5.10 -9.60 39.83
C ALA A 69 -3.87 -9.18 40.66
N VAL A 70 -3.69 -7.86 40.96
CA VAL A 70 -2.57 -7.36 41.78
C VAL A 70 -2.69 -7.92 43.20
N ALA A 71 -3.94 -7.98 43.74
CA ALA A 71 -4.17 -8.54 45.08
C ALA A 71 -3.94 -10.04 45.09
N HIS A 72 -4.17 -10.73 43.97
CA HIS A 72 -3.97 -12.17 43.87
C HIS A 72 -2.78 -12.49 42.98
N VAL A 73 -1.70 -11.69 43.07
CA VAL A 73 -0.51 -11.88 42.22
C VAL A 73 0.16 -13.25 42.47
N ASP A 74 0.00 -13.81 43.69
CA ASP A 74 0.55 -15.12 44.06
C ASP A 74 -0.27 -16.31 43.50
N ASP A 75 -1.51 -16.06 43.06
CA ASP A 75 -2.38 -17.10 42.52
C ASP A 75 -3.29 -16.54 41.43
N MET A 76 -2.70 -15.84 40.45
CA MET A 76 -3.42 -15.22 39.34
C MET A 76 -4.23 -16.19 38.46
N PRO A 77 -3.71 -17.39 38.08
CA PRO A 77 -4.52 -18.28 37.23
C PRO A 77 -5.86 -18.66 37.86
N ASN A 78 -5.89 -18.86 39.18
CA ASN A 78 -7.12 -19.17 39.88
C ASN A 78 -8.06 -17.95 39.96
N ALA A 79 -7.53 -16.77 40.31
CA ALA A 79 -8.36 -15.57 40.43
C ALA A 79 -8.94 -15.13 39.08
N LEU A 80 -8.17 -15.30 38.01
CA LEU A 80 -8.60 -14.91 36.65
C LEU A 80 -9.24 -16.07 35.86
N SER A 81 -9.49 -17.21 36.48
CA SER A 81 -9.99 -18.40 35.80
C SER A 81 -11.29 -18.20 35.05
N ALA A 82 -12.34 -17.67 35.72
CA ALA A 82 -13.64 -17.42 35.07
C ALA A 82 -13.49 -16.37 33.94
N LEU A 83 -12.70 -15.35 34.17
CA LEU A 83 -12.50 -14.28 33.18
C LEU A 83 -11.80 -14.84 31.93
N SER A 84 -10.90 -15.80 32.10
CA SER A 84 -10.17 -16.39 30.99
C SER A 84 -11.06 -17.34 30.18
N ASP A 85 -12.02 -18.04 30.84
CA ASP A 85 -13.03 -18.85 30.20
C ASP A 85 -13.87 -17.97 29.28
N LEU A 86 -14.34 -16.83 29.79
CA LEU A 86 -15.12 -15.86 29.02
C LEU A 86 -14.38 -15.35 27.75
N HIS A 87 -13.15 -14.86 27.91
CA HIS A 87 -12.40 -14.29 26.79
C HIS A 87 -12.04 -15.31 25.72
N ALA A 88 -11.73 -16.56 26.11
CA ALA A 88 -11.45 -17.58 25.13
C ALA A 88 -12.71 -18.23 24.52
N HIS A 89 -13.60 -18.79 25.35
CA HIS A 89 -14.75 -19.54 24.90
C HIS A 89 -15.89 -18.69 24.34
N LYS A 90 -16.24 -17.58 24.97
CA LYS A 90 -17.39 -16.75 24.58
C LYS A 90 -17.01 -15.59 23.67
N LEU A 91 -16.00 -14.83 24.03
CA LEU A 91 -15.57 -13.66 23.27
C LEU A 91 -14.61 -13.98 22.11
N ARG A 92 -13.93 -15.15 22.17
CA ARG A 92 -12.98 -15.60 21.16
C ARG A 92 -11.95 -14.51 20.80
N VAL A 93 -11.41 -13.85 21.84
CA VAL A 93 -10.41 -12.81 21.62
C VAL A 93 -9.11 -13.38 21.04
N ASP A 94 -8.66 -12.82 19.93
CA ASP A 94 -7.41 -13.24 19.30
C ASP A 94 -6.24 -12.83 20.29
N PRO A 95 -5.36 -13.80 20.63
CA PRO A 95 -4.26 -13.51 21.57
C PRO A 95 -3.39 -12.30 21.23
N VAL A 96 -3.31 -11.92 19.95
CA VAL A 96 -2.55 -10.71 19.58
C VAL A 96 -3.14 -9.46 20.22
N ASN A 97 -4.45 -9.44 20.44
CA ASN A 97 -5.12 -8.27 21.01
C ASN A 97 -4.75 -8.01 22.45
N PHE A 98 -4.35 -9.04 23.21
CA PHE A 98 -3.96 -8.83 24.59
C PHE A 98 -2.64 -8.00 24.63
N LYS A 99 -1.74 -8.21 23.66
CA LYS A 99 -0.50 -7.43 23.56
C LYS A 99 -0.82 -5.97 23.25
N LEU A 100 -1.83 -5.70 22.41
CA LEU A 100 -2.25 -4.34 22.04
C LEU A 100 -2.83 -3.60 23.24
N LEU A 101 -3.72 -4.25 24.02
CA LEU A 101 -4.30 -3.60 25.20
C LEU A 101 -3.20 -3.44 26.28
N SER A 102 -2.31 -4.43 26.44
CA SER A 102 -1.22 -4.31 27.42
C SER A 102 -0.30 -3.14 27.10
N HIS A 103 0.00 -2.95 25.82
CA HIS A 103 0.79 -1.80 25.37
C HIS A 103 0.05 -0.46 25.70
N CYS A 104 -1.25 -0.39 25.40
CA CYS A 104 -2.03 0.82 25.67
C CYS A 104 -2.19 1.12 27.15
N LEU A 105 -2.20 0.06 28.00
CA LEU A 105 -2.25 0.21 29.45
C LEU A 105 -0.88 0.76 29.93
N LEU A 106 0.23 0.22 29.41
CA LEU A 106 1.57 0.70 29.75
C LEU A 106 1.75 2.17 29.34
N VAL A 107 1.27 2.56 28.12
CA VAL A 107 1.36 3.94 27.64
C VAL A 107 0.58 4.89 28.60
N THR A 108 -0.62 4.46 29.05
CA THR A 108 -1.42 5.24 29.99
C THR A 108 -0.68 5.39 31.32
N LEU A 109 -0.07 4.29 31.83
CA LEU A 109 0.66 4.37 33.10
C LEU A 109 1.89 5.28 32.96
N ALA A 110 2.63 5.18 31.87
CA ALA A 110 3.80 6.04 31.61
C ALA A 110 3.36 7.54 31.55
N ALA A 111 2.20 7.84 30.93
CA ALA A 111 1.67 9.20 30.83
C ALA A 111 1.17 9.78 32.18
N HIS A 112 0.77 8.90 33.13
CA HIS A 112 0.23 9.35 34.42
C HIS A 112 1.17 9.16 35.60
N LEU A 113 2.27 8.38 35.44
CA LEU A 113 3.22 8.17 36.55
C LEU A 113 4.63 8.69 36.18
N PRO A 114 4.82 9.98 35.88
CA PRO A 114 6.17 10.46 35.49
C PRO A 114 7.26 10.24 36.56
N ALA A 115 6.90 10.39 37.84
CA ALA A 115 7.86 10.24 38.92
C ALA A 115 8.10 8.79 39.34
N GLU A 116 7.36 7.81 38.82
CA GLU A 116 7.60 6.41 39.23
C GLU A 116 7.98 5.45 38.13
N PHE A 117 7.68 5.78 36.87
CA PHE A 117 7.91 4.86 35.74
C PHE A 117 9.39 4.71 35.36
N THR A 118 10.22 4.17 36.26
CA THR A 118 11.64 3.95 35.98
C THR A 118 11.78 2.73 35.03
N PRO A 119 12.99 2.46 34.49
CA PRO A 119 13.15 1.28 33.63
C PRO A 119 12.77 -0.03 34.34
N ALA A 120 13.11 -0.19 35.65
CA ALA A 120 12.75 -1.41 36.41
C ALA A 120 11.26 -1.52 36.66
N VAL A 121 10.58 -0.40 36.94
CA VAL A 121 9.14 -0.41 37.17
C VAL A 121 8.40 -0.72 35.89
N HIS A 122 8.86 -0.13 34.76
CA HIS A 122 8.36 -0.38 33.40
C HIS A 122 8.47 -1.90 33.09
N ALA A 123 9.63 -2.51 33.36
CA ALA A 123 9.86 -3.94 33.13
C ALA A 123 8.94 -4.81 33.99
N SER A 124 8.70 -4.43 35.26
CA SER A 124 7.82 -5.17 36.17
C SER A 124 6.35 -5.10 35.72
N LEU A 125 5.90 -3.91 35.32
CA LEU A 125 4.54 -3.70 34.84
C LEU A 125 4.32 -4.44 33.52
N ASP A 126 5.36 -4.47 32.65
CA ASP A 126 5.29 -5.22 31.40
C ASP A 126 5.12 -6.72 31.71
N LYS A 127 5.93 -7.24 32.64
CA LYS A 127 5.83 -8.63 33.06
C LYS A 127 4.47 -8.94 33.66
N PHE A 128 3.94 -8.05 34.52
CA PHE A 128 2.62 -8.24 35.11
C PHE A 128 1.52 -8.32 34.01
N LEU A 129 1.47 -7.34 33.10
CA LEU A 129 0.47 -7.33 32.06
C LEU A 129 0.63 -8.56 31.14
N ALA A 130 1.88 -8.99 30.87
CA ALA A 130 2.08 -10.21 30.06
C ALA A 130 1.58 -11.44 30.83
N SER A 131 1.77 -11.50 32.18
CA SER A 131 1.27 -12.61 33.02
C SER A 131 -0.26 -12.67 33.02
N VAL A 132 -0.93 -11.52 33.11
CA VAL A 132 -2.38 -11.46 33.04
C VAL A 132 -2.84 -11.97 31.65
N SER A 133 -2.19 -11.50 30.58
CA SER A 133 -2.50 -11.92 29.21
C SER A 133 -2.29 -13.43 29.02
N THR A 134 -1.25 -14.01 29.61
CA THR A 134 -0.97 -15.45 29.57
C THR A 134 -2.13 -16.23 30.20
N VAL A 135 -2.58 -15.82 31.40
CA VAL A 135 -3.73 -16.45 32.03
C VAL A 135 -4.99 -16.29 31.19
N LEU A 136 -5.26 -15.07 30.68
CA LEU A 136 -6.45 -14.78 29.88
C LEU A 136 -6.47 -15.47 28.51
N THR A 137 -5.31 -15.99 28.03
CA THR A 137 -5.26 -16.79 26.79
C THR A 137 -4.99 -18.28 27.05
N SER A 138 -5.04 -18.72 28.31
CA SER A 138 -4.74 -20.11 28.66
C SER A 138 -5.87 -21.13 28.42
N LYS A 139 -7.12 -20.70 28.23
CA LYS A 139 -8.24 -21.62 28.09
C LYS A 139 -8.63 -22.00 26.68
N TYR A 140 -7.76 -21.75 25.70
CA TYR A 140 -8.06 -22.12 24.31
C TYR A 140 -8.09 -23.64 24.08
N VAL B 1 2.32 3.07 4.96
CA VAL B 1 1.71 3.86 6.03
C VAL B 1 1.36 5.29 5.54
N HIS B 2 0.09 5.68 5.69
CA HIS B 2 -0.33 7.03 5.35
C HIS B 2 -0.98 7.77 6.51
N LEU B 3 -0.54 8.99 6.75
CA LEU B 3 -1.05 9.84 7.82
C LEU B 3 -1.94 10.92 7.24
N THR B 4 -3.03 11.29 7.95
CA THR B 4 -3.90 12.37 7.50
C THR B 4 -3.16 13.71 7.76
N PRO B 5 -3.55 14.84 7.11
CA PRO B 5 -2.87 16.11 7.40
C PRO B 5 -2.85 16.47 8.90
N GLU B 6 -3.96 16.20 9.61
CA GLU B 6 -4.08 16.48 11.05
C GLU B 6 -3.12 15.59 11.88
N GLU B 7 -2.93 14.33 11.46
CA GLU B 7 -2.03 13.39 12.10
C GLU B 7 -0.57 13.81 11.88
N LYS B 8 -0.23 14.17 10.63
CA LYS B 8 1.11 14.59 10.25
C LYS B 8 1.51 15.85 11.03
N SER B 9 0.57 16.80 11.19
CA SER B 9 0.76 18.03 11.94
C SER B 9 1.02 17.74 13.43
N ALA B 10 0.23 16.82 14.03
CA ALA B 10 0.36 16.45 15.43
C ALA B 10 1.71 15.79 15.71
N VAL B 11 2.15 14.92 14.80
CA VAL B 11 3.41 14.20 14.91
C VAL B 11 4.58 15.18 14.87
N THR B 12 4.57 16.10 13.91
CA THR B 12 5.66 17.05 13.74
C THR B 12 5.71 18.05 14.91
N ALA B 13 4.55 18.47 15.44
CA ALA B 13 4.54 19.40 16.57
C ALA B 13 5.15 18.76 17.83
N LEU B 14 4.86 17.48 18.09
CA LEU B 14 5.42 16.79 19.24
C LEU B 14 6.92 16.51 19.05
N TRP B 15 7.31 16.08 17.84
CA TRP B 15 8.69 15.73 17.57
C TRP B 15 9.69 16.90 17.71
N GLY B 16 9.23 18.12 17.43
CA GLY B 16 10.06 19.30 17.62
C GLY B 16 10.45 19.54 19.07
N LYS B 17 9.68 18.97 20.02
CA LYS B 17 9.94 19.10 21.45
C LYS B 17 10.83 17.97 22.02
N VAL B 18 11.13 16.95 21.22
CA VAL B 18 11.95 15.81 21.60
C VAL B 18 13.45 16.17 21.72
N ASN B 19 14.08 15.78 22.84
CA ASN B 19 15.51 16.00 23.01
C ASN B 19 16.17 14.84 22.24
N VAL B 20 16.80 15.19 21.11
CA VAL B 20 17.48 14.27 20.21
C VAL B 20 18.70 13.58 20.84
N ASP B 21 19.30 14.17 21.87
CA ASP B 21 20.46 13.58 22.53
C ASP B 21 20.05 12.55 23.61
N GLU B 22 18.80 12.57 24.09
CA GLU B 22 18.43 11.67 25.20
C GLU B 22 17.37 10.61 24.90
N VAL B 23 16.34 10.95 24.12
CA VAL B 23 15.20 10.08 23.86
C VAL B 23 15.61 8.73 23.22
N GLY B 24 16.53 8.75 22.26
CA GLY B 24 17.00 7.52 21.63
C GLY B 24 17.69 6.59 22.59
N GLY B 25 18.54 7.15 23.47
CA GLY B 25 19.25 6.39 24.49
C GLY B 25 18.30 5.78 25.50
N GLU B 26 17.26 6.53 25.86
CA GLU B 26 16.22 6.11 26.79
C GLU B 26 15.40 4.95 26.20
N ALA B 27 15.06 5.04 24.91
CA ALA B 27 14.31 3.99 24.21
C ALA B 27 15.16 2.73 24.06
N LEU B 28 16.44 2.87 23.62
CA LEU B 28 17.32 1.71 23.49
C LEU B 28 17.59 1.05 24.87
N GLY B 29 17.85 1.88 25.88
CA GLY B 29 18.11 1.43 27.23
C GLY B 29 16.93 0.66 27.81
N ARG B 30 15.71 1.18 27.60
CA ARG B 30 14.50 0.49 28.06
C ARG B 30 14.26 -0.79 27.29
N LEU B 31 14.61 -0.86 26.01
CA LEU B 31 14.46 -2.08 25.23
C LEU B 31 15.37 -3.18 25.83
N LEU B 32 16.62 -2.80 26.17
CA LEU B 32 17.60 -3.72 26.74
C LEU B 32 17.21 -4.18 28.17
N VAL B 33 16.54 -3.33 28.95
CA VAL B 33 16.11 -3.69 30.30
C VAL B 33 14.79 -4.51 30.27
N VAL B 34 13.78 -4.03 29.51
CA VAL B 34 12.46 -4.68 29.45
C VAL B 34 12.46 -6.02 28.65
N TYR B 35 13.26 -6.11 27.57
CA TYR B 35 13.33 -7.35 26.74
C TYR B 35 14.79 -7.78 26.70
N PRO B 36 15.28 -8.41 27.77
CA PRO B 36 16.73 -8.64 27.90
C PRO B 36 17.43 -9.48 26.83
N TRP B 37 16.69 -10.30 26.05
CA TRP B 37 17.29 -11.07 24.98
C TRP B 37 17.91 -10.12 23.90
N THR B 38 17.42 -8.87 23.78
CA THR B 38 17.96 -7.90 22.83
C THR B 38 19.42 -7.51 23.12
N GLN B 39 19.90 -7.77 24.35
CA GLN B 39 21.29 -7.51 24.74
C GLN B 39 22.27 -8.35 23.96
N ARG B 40 21.84 -9.52 23.43
CA ARG B 40 22.65 -10.43 22.62
C ARG B 40 23.31 -9.70 21.43
N PHE B 41 22.65 -8.65 20.90
CA PHE B 41 23.13 -7.88 19.76
C PHE B 41 24.08 -6.74 20.12
N PHE B 42 24.13 -6.35 21.39
CA PHE B 42 24.96 -5.25 21.83
C PHE B 42 26.04 -5.64 22.85
N GLU B 43 26.66 -6.84 22.69
CA GLU B 43 27.70 -7.36 23.58
C GLU B 43 29.01 -6.50 23.57
N SER B 44 29.28 -5.80 22.46
CA SER B 44 30.43 -4.88 22.38
C SER B 44 30.24 -3.60 23.24
N PHE B 45 29.01 -3.36 23.72
CA PHE B 45 28.69 -2.17 24.51
C PHE B 45 29.16 -2.24 25.98
N GLY B 46 29.62 -3.40 26.42
CA GLY B 46 30.13 -3.59 27.77
C GLY B 46 29.06 -3.95 28.78
N ASP B 47 29.13 -3.30 29.95
CA ASP B 47 28.20 -3.55 31.06
C ASP B 47 26.74 -3.12 30.79
N LEU B 48 25.86 -4.12 30.73
CA LEU B 48 24.41 -3.98 30.62
C LEU B 48 23.70 -4.86 31.68
N SER B 49 24.39 -5.23 32.78
CA SER B 49 23.88 -6.14 33.81
C SER B 49 22.77 -5.59 34.70
N THR B 50 22.67 -4.27 34.85
CA THR B 50 21.61 -3.66 35.66
C THR B 50 20.98 -2.48 34.90
N PRO B 51 19.75 -2.04 35.29
CA PRO B 51 19.19 -0.83 34.67
C PRO B 51 20.12 0.41 34.78
N ASP B 52 20.88 0.59 35.89
CA ASP B 52 21.82 1.71 36.00
C ASP B 52 23.00 1.57 35.03
N ALA B 53 23.53 0.34 34.87
CA ALA B 53 24.63 0.09 33.94
C ALA B 53 24.20 0.37 32.52
N VAL B 54 22.95 -0.03 32.16
CA VAL B 54 22.37 0.20 30.84
C VAL B 54 22.13 1.70 30.59
N MET B 55 21.33 2.37 31.46
CA MET B 55 20.95 3.76 31.29
C MET B 55 22.14 4.74 31.38
N GLY B 56 23.22 4.37 32.06
CA GLY B 56 24.40 5.21 32.14
C GLY B 56 25.50 4.86 31.17
N ASN B 57 25.33 3.79 30.37
CA ASN B 57 26.32 3.34 29.39
C ASN B 57 26.46 4.33 28.21
N PRO B 58 27.69 4.87 27.99
CA PRO B 58 27.88 5.85 26.91
C PRO B 58 27.58 5.31 25.52
N LYS B 59 27.88 4.02 25.28
CA LYS B 59 27.61 3.42 23.97
C LYS B 59 26.12 3.25 23.71
N VAL B 60 25.33 3.01 24.76
CA VAL B 60 23.88 2.90 24.64
C VAL B 60 23.33 4.29 24.28
N LYS B 61 23.84 5.34 24.97
CA LYS B 61 23.42 6.73 24.71
C LYS B 61 23.75 7.16 23.27
N ALA B 62 25.00 6.92 22.84
CA ALA B 62 25.44 7.27 21.49
C ALA B 62 24.69 6.47 20.41
N HIS B 63 24.45 5.15 20.63
CA HIS B 63 23.74 4.36 19.61
C HIS B 63 22.30 4.81 19.51
N GLY B 64 21.65 5.06 20.64
CA GLY B 64 20.29 5.55 20.69
C GLY B 64 20.11 6.86 19.93
N LYS B 65 21.17 7.70 19.84
CA LYS B 65 21.18 8.94 19.04
C LYS B 65 21.15 8.61 17.54
N LYS B 66 21.88 7.57 17.11
CA LYS B 66 21.86 7.13 15.70
C LYS B 66 20.47 6.63 15.36
N VAL B 67 19.85 5.84 16.25
CA VAL B 67 18.51 5.30 16.05
C VAL B 67 17.44 6.38 15.96
N LEU B 68 17.47 7.36 16.88
CA LEU B 68 16.54 8.48 16.87
C LEU B 68 16.71 9.34 15.60
N GLY B 69 17.94 9.47 15.12
CA GLY B 69 18.23 10.19 13.87
C GLY B 69 17.59 9.50 12.67
N ALA B 70 17.53 8.15 12.69
CA ALA B 70 16.90 7.41 11.60
C ALA B 70 15.38 7.55 11.71
N PHE B 71 14.81 7.57 12.93
CA PHE B 71 13.37 7.84 13.10
C PHE B 71 13.02 9.26 12.56
N SER B 72 13.89 10.27 12.82
CA SER B 72 13.70 11.64 12.31
C SER B 72 13.71 11.68 10.80
N ASP B 73 14.59 10.87 10.18
CA ASP B 73 14.67 10.73 8.73
C ASP B 73 13.36 10.18 8.18
N GLY B 74 12.82 9.18 8.86
CA GLY B 74 11.54 8.59 8.47
C GLY B 74 10.41 9.61 8.53
N LEU B 75 10.40 10.47 9.58
CA LEU B 75 9.40 11.52 9.77
C LEU B 75 9.39 12.55 8.65
N ALA B 76 10.54 12.76 8.01
CA ALA B 76 10.65 13.70 6.89
C ALA B 76 10.28 13.06 5.53
N HIS B 77 10.09 11.74 5.47
CA HIS B 77 9.83 11.00 4.23
C HIS B 77 8.76 9.94 4.50
N LEU B 78 7.65 10.33 5.10
CA LEU B 78 6.60 9.39 5.49
C LEU B 78 5.96 8.65 4.33
N ASP B 79 5.99 9.24 3.13
CA ASP B 79 5.44 8.58 1.96
C ASP B 79 6.45 7.66 1.23
N ASN B 80 7.70 7.59 1.70
CA ASN B 80 8.70 6.72 1.07
C ASN B 80 9.62 6.10 2.11
N LEU B 81 9.02 5.45 3.12
CA LEU B 81 9.78 4.81 4.18
C LEU B 81 10.63 3.64 3.66
N LYS B 82 10.09 2.84 2.73
CA LYS B 82 10.84 1.69 2.21
C LYS B 82 12.17 2.11 1.58
N GLY B 83 12.14 3.13 0.71
CA GLY B 83 13.34 3.67 0.08
C GLY B 83 14.29 4.28 1.09
N THR B 84 13.77 5.09 2.02
CA THR B 84 14.55 5.76 3.07
C THR B 84 15.33 4.74 3.93
N PHE B 85 14.68 3.62 4.28
CA PHE B 85 15.29 2.61 5.13
C PHE B 85 15.90 1.43 4.41
N ALA B 86 16.02 1.47 3.06
CA ALA B 86 16.56 0.32 2.29
C ALA B 86 17.94 -0.18 2.77
N THR B 87 18.94 0.73 2.93
CA THR B 87 20.29 0.40 3.41
C THR B 87 20.27 -0.13 4.84
N LEU B 88 19.44 0.48 5.73
CA LEU B 88 19.33 0.01 7.12
C LEU B 88 18.66 -1.37 7.17
N SER B 89 17.70 -1.61 6.28
CA SER B 89 16.99 -2.90 6.22
C SER B 89 17.96 -4.00 5.80
N GLU B 90 18.82 -3.72 4.82
CA GLU B 90 19.85 -4.65 4.37
C GLU B 90 20.82 -4.95 5.54
N LEU B 91 21.20 -3.92 6.34
CA LEU B 91 22.07 -4.09 7.48
C LEU B 91 21.45 -4.98 8.58
N HIS B 92 20.20 -4.69 8.95
CA HIS B 92 19.54 -5.40 10.05
C HIS B 92 19.12 -6.79 9.70
N CYS B 93 18.72 -7.00 8.46
CA CYS B 93 18.26 -8.31 8.01
C CYS B 93 19.40 -9.24 7.53
N ASP B 94 20.31 -8.78 6.66
CA ASP B 94 21.38 -9.64 6.12
C ASP B 94 22.61 -9.78 6.99
N LYS B 95 23.02 -8.70 7.68
CA LYS B 95 24.22 -8.75 8.48
C LYS B 95 23.94 -9.09 9.95
N LEU B 96 23.03 -8.35 10.60
CA LEU B 96 22.75 -8.54 12.03
C LEU B 96 21.80 -9.71 12.38
N HIS B 97 20.82 -10.01 11.52
CA HIS B 97 19.86 -11.08 11.78
C HIS B 97 18.97 -10.78 12.98
N VAL B 98 18.46 -9.55 13.02
CA VAL B 98 17.53 -9.14 14.06
C VAL B 98 16.16 -9.64 13.63
N ASP B 99 15.44 -10.42 14.47
CA ASP B 99 14.08 -10.84 14.09
C ASP B 99 13.20 -9.59 14.00
N PRO B 100 12.42 -9.43 12.92
CA PRO B 100 11.65 -8.19 12.75
C PRO B 100 10.65 -7.87 13.88
N GLU B 101 10.29 -8.85 14.73
CA GLU B 101 9.42 -8.61 15.87
C GLU B 101 10.09 -7.57 16.83
N ASN B 102 11.42 -7.57 16.92
CA ASN B 102 12.16 -6.64 17.75
C ASN B 102 12.06 -5.18 17.26
N PHE B 103 11.82 -4.96 15.96
CA PHE B 103 11.59 -3.61 15.43
C PHE B 103 10.30 -3.06 15.98
N ARG B 104 9.25 -3.92 16.07
CA ARG B 104 7.96 -3.55 16.64
C ARG B 104 8.15 -3.23 18.11
N LEU B 105 8.95 -4.02 18.84
CA LEU B 105 9.17 -3.78 20.28
C LEU B 105 9.88 -2.43 20.51
N LEU B 106 10.88 -2.10 19.70
CA LEU B 106 11.59 -0.83 19.87
C LEU B 106 10.64 0.35 19.61
N GLY B 107 9.80 0.24 18.59
CA GLY B 107 8.82 1.26 18.26
C GLY B 107 7.85 1.50 19.40
N ASN B 108 7.42 0.43 20.05
CA ASN B 108 6.52 0.50 21.20
C ASN B 108 7.19 1.04 22.48
N VAL B 109 8.47 0.73 22.68
CA VAL B 109 9.23 1.30 23.78
C VAL B 109 9.38 2.84 23.53
N LEU B 110 9.61 3.26 22.26
CA LEU B 110 9.73 4.67 21.92
C LEU B 110 8.40 5.40 22.24
N VAL B 111 7.27 4.79 21.89
CA VAL B 111 5.95 5.33 22.21
C VAL B 111 5.78 5.50 23.76
N CYS B 112 6.23 4.50 24.58
CA CYS B 112 6.21 4.60 26.05
C CYS B 112 7.10 5.76 26.57
N VAL B 113 8.29 5.97 25.94
CA VAL B 113 9.21 7.05 26.31
C VAL B 113 8.58 8.41 25.98
N LEU B 114 7.89 8.51 24.83
CA LEU B 114 7.21 9.75 24.48
C LEU B 114 6.07 10.03 25.47
N ALA B 115 5.26 9.01 25.81
CA ALA B 115 4.19 9.15 26.79
C ALA B 115 4.75 9.57 28.16
N HIS B 116 5.86 8.99 28.57
CA HIS B 116 6.52 9.30 29.83
C HIS B 116 7.00 10.76 29.88
N HIS B 117 7.61 11.25 28.79
CA HIS B 117 8.12 12.63 28.70
C HIS B 117 7.02 13.67 28.54
N PHE B 118 6.00 13.39 27.72
CA PHE B 118 4.96 14.37 27.42
C PHE B 118 3.70 14.29 28.27
N GLY B 119 3.49 13.18 28.96
CA GLY B 119 2.34 13.02 29.85
C GLY B 119 1.01 13.20 29.15
N LYS B 120 0.18 14.10 29.68
CA LYS B 120 -1.15 14.44 29.17
C LYS B 120 -1.11 14.94 27.71
N GLU B 121 0.01 15.59 27.27
CA GLU B 121 0.18 16.04 25.88
C GLU B 121 0.18 14.84 24.90
N PHE B 122 0.64 13.68 25.34
CA PHE B 122 0.65 12.48 24.48
C PHE B 122 -0.75 11.85 24.50
N THR B 123 -1.72 12.53 23.88
CA THR B 123 -3.11 12.12 23.89
C THR B 123 -3.36 10.84 23.10
N PRO B 124 -4.53 10.17 23.28
CA PRO B 124 -4.82 9.00 22.43
C PRO B 124 -4.74 9.31 20.91
N PRO B 125 -5.22 10.46 20.36
CA PRO B 125 -5.04 10.70 18.90
C PRO B 125 -3.57 10.93 18.51
N VAL B 126 -2.76 11.57 19.37
CA VAL B 126 -1.35 11.78 19.11
C VAL B 126 -0.64 10.40 19.08
N GLN B 127 -0.94 9.53 20.04
CA GLN B 127 -0.38 8.19 20.07
C GLN B 127 -0.79 7.40 18.80
N ALA B 128 -2.07 7.45 18.37
CA ALA B 128 -2.52 6.72 17.18
C ALA B 128 -1.71 7.11 15.94
N ALA B 129 -1.36 8.40 15.79
CA ALA B 129 -0.52 8.87 14.68
C ALA B 129 0.92 8.31 14.80
N TYR B 130 1.49 8.30 16.02
CA TYR B 130 2.81 7.74 16.27
C TYR B 130 2.86 6.22 16.07
N GLN B 131 1.73 5.51 16.31
CA GLN B 131 1.68 4.07 16.09
C GLN B 131 1.77 3.78 14.58
N LYS B 132 1.16 4.62 13.73
CA LYS B 132 1.29 4.45 12.28
C LYS B 132 2.76 4.66 11.85
N VAL B 133 3.41 5.65 12.44
CA VAL B 133 4.81 5.97 12.16
C VAL B 133 5.71 4.80 12.54
N VAL B 134 5.64 4.32 13.80
CA VAL B 134 6.53 3.27 14.25
C VAL B 134 6.26 1.94 13.53
N ALA B 135 4.98 1.65 13.16
CA ALA B 135 4.70 0.44 12.40
C ALA B 135 5.27 0.58 10.98
N GLY B 136 5.21 1.79 10.40
CA GLY B 136 5.76 2.02 9.08
C GLY B 136 7.27 1.88 9.07
N VAL B 137 7.93 2.40 10.11
CA VAL B 137 9.39 2.30 10.22
C VAL B 137 9.80 0.82 10.36
N ALA B 138 9.09 0.07 11.24
CA ALA B 138 9.35 -1.36 11.47
C ALA B 138 9.15 -2.15 10.16
N ASN B 139 8.06 -1.87 9.42
CA ASN B 139 7.79 -2.53 8.15
C ASN B 139 8.85 -2.18 7.09
N ALA B 140 9.36 -0.92 7.07
CA ALA B 140 10.40 -0.55 6.10
C ALA B 140 11.74 -1.23 6.45
N LEU B 141 12.04 -1.38 7.75
CA LEU B 141 13.25 -2.08 8.21
C LEU B 141 13.20 -3.58 7.97
N ALA B 142 11.99 -4.17 7.97
CA ALA B 142 11.82 -5.58 7.72
C ALA B 142 11.68 -5.91 6.22
N HIS B 143 11.61 -4.91 5.33
CA HIS B 143 11.40 -5.12 3.91
C HIS B 143 12.42 -6.06 3.25
N LYS B 144 13.73 -5.98 3.58
CA LYS B 144 14.73 -6.88 2.98
C LYS B 144 14.62 -8.36 3.46
N TYR B 145 13.70 -8.65 4.39
CA TYR B 145 13.43 -10.02 4.82
C TYR B 145 12.46 -10.71 3.82
N HIS B 146 11.58 -9.92 3.16
CA HIS B 146 10.61 -10.39 2.18
C HIS B 146 11.04 -10.06 0.74
N VAL C 1 -4.78 -26.56 31.98
CA VAL C 1 -5.19 -26.17 30.62
C VAL C 1 -5.02 -27.34 29.62
N LEU C 2 -3.96 -28.19 29.79
CA LEU C 2 -3.90 -29.40 28.98
C LEU C 2 -4.96 -30.35 29.56
N SER C 3 -6.03 -30.56 28.81
CA SER C 3 -7.16 -31.41 29.20
C SER C 3 -6.77 -32.90 29.29
N PRO C 4 -7.60 -33.78 29.90
CA PRO C 4 -7.29 -35.22 29.90
C PRO C 4 -7.14 -35.78 28.49
N ALA C 5 -7.97 -35.30 27.52
CA ALA C 5 -7.87 -35.76 26.14
C ALA C 5 -6.53 -35.32 25.55
N ASP C 6 -6.07 -34.09 25.83
CA ASP C 6 -4.78 -33.58 25.35
C ASP C 6 -3.64 -34.45 25.90
N LYS C 7 -3.65 -34.78 27.20
CA LYS C 7 -2.63 -35.59 27.83
C LYS C 7 -2.59 -37.00 27.21
N THR C 8 -3.77 -37.57 26.91
CA THR C 8 -3.88 -38.88 26.27
C THR C 8 -3.24 -38.81 24.88
N ASN C 9 -3.59 -37.78 24.09
CA ASN C 9 -3.09 -37.56 22.76
C ASN C 9 -1.57 -37.36 22.72
N VAL C 10 -1.03 -36.51 23.59
CA VAL C 10 0.40 -36.26 23.67
C VAL C 10 1.15 -37.54 24.03
N LYS C 11 0.68 -38.28 25.07
CA LYS C 11 1.29 -39.52 25.47
C LYS C 11 1.23 -40.58 24.38
N ALA C 12 0.10 -40.69 23.65
CA ALA C 12 -0.01 -41.69 22.56
C ALA C 12 0.87 -41.32 21.38
N ALA C 13 0.91 -40.03 20.98
CA ALA C 13 1.71 -39.61 19.84
C ALA C 13 3.20 -39.67 20.16
N TRP C 14 3.60 -39.12 21.32
CA TRP C 14 4.99 -39.13 21.73
C TRP C 14 5.50 -40.54 22.03
N GLY C 15 4.61 -41.44 22.45
CA GLY C 15 4.95 -42.84 22.69
C GLY C 15 5.22 -43.60 21.40
N LYS C 16 4.62 -43.16 20.26
CA LYS C 16 4.88 -43.77 18.95
C LYS C 16 6.27 -43.38 18.44
N VAL C 17 6.84 -42.25 18.92
CA VAL C 17 8.16 -41.77 18.60
C VAL C 17 9.17 -42.81 19.11
N GLY C 18 9.05 -43.16 20.40
CA GLY C 18 9.89 -44.16 21.07
C GLY C 18 11.38 -43.99 20.87
N ALA C 19 12.01 -45.03 20.31
CA ALA C 19 13.45 -45.05 20.04
C ALA C 19 13.88 -44.09 18.92
N HIS C 20 12.92 -43.50 18.18
CA HIS C 20 13.26 -42.54 17.12
C HIS C 20 13.36 -41.10 17.63
N ALA C 21 13.30 -40.87 18.94
CA ALA C 21 13.33 -39.54 19.54
C ALA C 21 14.54 -38.70 19.08
N GLY C 22 15.76 -39.24 19.18
CA GLY C 22 16.95 -38.54 18.73
C GLY C 22 16.93 -38.21 17.25
N GLU C 23 16.48 -39.18 16.43
CA GLU C 23 16.35 -39.05 14.98
C GLU C 23 15.36 -37.93 14.63
N TYR C 24 14.21 -37.88 15.32
CA TYR C 24 13.18 -36.87 15.06
C TYR C 24 13.60 -35.48 15.58
N GLY C 25 14.35 -35.44 16.67
CA GLY C 25 14.85 -34.19 17.23
C GLY C 25 15.88 -33.59 16.28
N ALA C 26 16.74 -34.44 15.71
CA ALA C 26 17.75 -34.03 14.74
C ALA C 26 17.06 -33.55 13.45
N GLU C 27 16.01 -34.26 13.00
CA GLU C 27 15.26 -33.86 11.82
C GLU C 27 14.57 -32.50 12.03
N ALA C 28 13.96 -32.26 13.21
CA ALA C 28 13.31 -30.99 13.54
C ALA C 28 14.31 -29.83 13.58
N LEU C 29 15.52 -30.08 14.07
CA LEU C 29 16.58 -29.06 14.13
C LEU C 29 17.01 -28.73 12.71
N GLU C 30 17.20 -29.76 11.86
CA GLU C 30 17.59 -29.55 10.47
C GLU C 30 16.52 -28.77 9.70
N ARG C 31 15.25 -29.07 9.95
CA ARG C 31 14.13 -28.34 9.33
C ARG C 31 14.18 -26.87 9.76
N MET C 32 14.48 -26.61 11.03
CA MET C 32 14.58 -25.25 11.56
C MET C 32 15.75 -24.47 10.97
N PHE C 33 16.94 -25.07 10.91
CA PHE C 33 18.11 -24.40 10.35
C PHE C 33 17.93 -24.08 8.86
N LEU C 34 17.25 -24.96 8.11
CA LEU C 34 17.03 -24.73 6.69
C LEU C 34 15.89 -23.74 6.42
N SER C 35 14.79 -23.82 7.17
CA SER C 35 13.64 -22.93 6.95
C SER C 35 13.85 -21.57 7.54
N PHE C 36 14.52 -21.48 8.70
CA PHE C 36 14.71 -20.24 9.40
C PHE C 36 16.22 -20.10 9.69
N PRO C 37 17.00 -19.74 8.66
CA PRO C 37 18.47 -19.68 8.82
C PRO C 37 19.03 -18.82 9.95
N THR C 38 18.33 -17.75 10.40
CA THR C 38 18.83 -16.94 11.51
C THR C 38 19.04 -17.78 12.81
N THR C 39 18.31 -18.90 12.95
CA THR C 39 18.44 -19.78 14.11
C THR C 39 19.82 -20.44 14.20
N LYS C 40 20.58 -20.52 13.07
CA LYS C 40 21.91 -21.09 13.03
C LYS C 40 22.93 -20.29 13.85
N THR C 41 22.70 -18.97 14.01
CA THR C 41 23.56 -18.06 14.77
C THR C 41 23.66 -18.42 16.27
N TYR C 42 22.71 -19.23 16.77
CA TYR C 42 22.77 -19.70 18.15
C TYR C 42 23.77 -20.86 18.34
N PHE C 43 24.21 -21.50 17.23
CA PHE C 43 25.15 -22.64 17.29
C PHE C 43 26.36 -22.33 16.41
N PRO C 44 27.13 -21.25 16.70
CA PRO C 44 28.26 -20.90 15.82
C PRO C 44 29.39 -21.90 15.71
N HIS C 45 29.61 -22.69 16.75
CA HIS C 45 30.69 -23.67 16.72
C HIS C 45 30.22 -25.09 16.33
N PHE C 46 28.96 -25.23 15.91
CA PHE C 46 28.44 -26.49 15.44
C PHE C 46 28.70 -26.66 13.96
N ASP C 47 28.87 -27.92 13.55
CA ASP C 47 28.92 -28.34 12.16
C ASP C 47 27.41 -28.52 11.91
N LEU C 48 26.82 -27.66 11.10
CA LEU C 48 25.37 -27.73 10.86
C LEU C 48 25.00 -28.39 9.53
N SER C 49 25.94 -29.12 8.90
CA SER C 49 25.67 -29.81 7.65
C SER C 49 24.71 -31.00 7.86
N HIS C 50 24.13 -31.51 6.76
CA HIS C 50 23.22 -32.64 6.82
C HIS C 50 23.92 -33.89 7.37
N GLY C 51 23.27 -34.53 8.34
CA GLY C 51 23.78 -35.74 8.98
C GLY C 51 24.94 -35.55 9.93
N SER C 52 25.18 -34.31 10.39
CA SER C 52 26.29 -34.06 11.31
C SER C 52 26.04 -34.64 12.71
N ALA C 53 27.08 -35.25 13.29
CA ALA C 53 27.03 -35.86 14.61
C ALA C 53 26.65 -34.87 15.71
N GLN C 54 27.06 -33.58 15.60
CA GLN C 54 26.71 -32.54 16.58
C GLN C 54 25.21 -32.26 16.57
N VAL C 55 24.58 -32.23 15.37
CA VAL C 55 23.14 -32.01 15.22
C VAL C 55 22.38 -33.22 15.78
N LYS C 56 22.85 -34.41 15.46
CA LYS C 56 22.27 -35.66 15.94
C LYS C 56 22.32 -35.69 17.50
N GLY C 57 23.46 -35.28 18.05
CA GLY C 57 23.71 -35.25 19.48
C GLY C 57 22.79 -34.29 20.18
N HIS C 58 22.65 -33.08 19.61
CA HIS C 58 21.78 -32.06 20.19
C HIS C 58 20.31 -32.43 20.07
N GLY C 59 19.92 -33.07 18.96
CA GLY C 59 18.56 -33.52 18.70
C GLY C 59 18.06 -34.52 19.73
N LYS C 60 18.95 -35.41 20.15
CA LYS C 60 18.64 -36.39 21.17
C LYS C 60 18.47 -35.70 22.56
N LYS C 61 19.28 -34.66 22.88
CA LYS C 61 19.09 -33.94 24.15
C LYS C 61 17.73 -33.20 24.14
N VAL C 62 17.37 -32.57 23.01
CA VAL C 62 16.08 -31.86 22.88
C VAL C 62 14.92 -32.85 23.02
N ALA C 63 15.03 -34.01 22.35
CA ALA C 63 13.98 -35.02 22.36
C ALA C 63 13.79 -35.63 23.72
N ASP C 64 14.89 -35.84 24.47
CA ASP C 64 14.83 -36.41 25.80
C ASP C 64 14.24 -35.41 26.80
N ALA C 65 14.51 -34.11 26.62
CA ALA C 65 13.93 -33.07 27.47
C ALA C 65 12.39 -33.02 27.24
N LEU C 66 11.95 -33.24 25.99
CA LEU C 66 10.53 -33.33 25.64
C LEU C 66 9.89 -34.60 26.21
N THR C 67 10.60 -35.73 26.15
CA THR C 67 10.12 -36.99 26.74
C THR C 67 9.95 -36.81 28.27
N ASN C 68 10.88 -36.08 28.91
CA ASN C 68 10.81 -35.82 30.34
C ASN C 68 9.61 -34.91 30.63
N ALA C 69 9.37 -33.90 29.79
CA ALA C 69 8.23 -32.99 29.92
C ALA C 69 6.90 -33.72 29.74
N VAL C 70 6.82 -34.77 28.89
CA VAL C 70 5.60 -35.59 28.72
C VAL C 70 5.34 -36.38 30.01
N ALA C 71 6.39 -36.91 30.64
CA ALA C 71 6.25 -37.64 31.91
C ALA C 71 5.86 -36.71 33.07
N HIS C 72 6.28 -35.45 33.01
CA HIS C 72 5.97 -34.46 34.05
C HIS C 72 5.01 -33.40 33.51
N VAL C 73 4.02 -33.82 32.70
CA VAL C 73 3.04 -32.91 32.10
C VAL C 73 2.18 -32.20 33.16
N ASP C 74 2.01 -32.80 34.35
CA ASP C 74 1.24 -32.21 35.44
C ASP C 74 2.04 -31.16 36.23
N ASP C 75 3.40 -31.13 36.09
CA ASP C 75 4.27 -30.19 36.80
C ASP C 75 5.48 -29.79 35.95
N MET C 76 5.20 -29.35 34.73
CA MET C 76 6.22 -28.93 33.77
C MET C 76 7.13 -27.76 34.22
N PRO C 77 6.63 -26.68 34.87
CA PRO C 77 7.55 -25.59 35.27
C PRO C 77 8.68 -26.05 36.20
N ASN C 78 8.38 -27.00 37.09
CA ASN C 78 9.39 -27.53 37.99
C ASN C 78 10.38 -28.44 37.22
N ALA C 79 9.89 -29.35 36.38
CA ALA C 79 10.73 -30.26 35.63
C ALA C 79 11.67 -29.54 34.64
N LEU C 80 11.20 -28.48 33.98
CA LEU C 80 12.04 -27.74 33.04
C LEU C 80 12.62 -26.46 33.62
N SER C 81 12.67 -26.32 34.96
CA SER C 81 13.20 -25.12 35.62
C SER C 81 14.65 -24.77 35.25
N ALA C 82 15.57 -25.75 35.35
CA ALA C 82 16.98 -25.52 35.02
C ALA C 82 17.16 -25.20 33.54
N LEU C 83 16.34 -25.83 32.66
CA LEU C 83 16.42 -25.57 31.24
C LEU C 83 15.89 -24.15 30.92
N SER C 84 14.91 -23.65 31.67
CA SER C 84 14.37 -22.28 31.55
C SER C 84 15.47 -21.24 31.87
N ASP C 85 16.31 -21.55 32.85
CA ASP C 85 17.40 -20.70 33.30
C ASP C 85 18.48 -20.56 32.19
N LEU C 86 18.89 -21.69 31.58
CA LEU C 86 19.91 -21.71 30.54
C LEU C 86 19.53 -20.91 29.26
N HIS C 87 18.31 -21.14 28.73
CA HIS C 87 17.87 -20.49 27.50
C HIS C 87 17.67 -18.99 27.65
N ALA C 88 17.12 -18.56 28.78
CA ALA C 88 16.87 -17.13 29.01
C ALA C 88 18.08 -16.34 29.49
N HIS C 89 18.83 -16.86 30.49
CA HIS C 89 19.95 -16.14 31.11
C HIS C 89 21.29 -16.23 30.37
N LYS C 90 21.67 -17.44 29.92
CA LYS C 90 22.97 -17.65 29.29
C LYS C 90 22.91 -17.56 27.77
N LEU C 91 21.98 -18.26 27.14
CA LEU C 91 21.89 -18.28 25.69
C LEU C 91 21.15 -17.07 25.10
N ARG C 92 20.30 -16.39 25.92
CA ARG C 92 19.50 -15.26 25.51
C ARG C 92 18.70 -15.52 24.22
N VAL C 93 18.03 -16.69 24.17
CA VAL C 93 17.24 -17.04 23.00
C VAL C 93 15.99 -16.16 22.89
N ASP C 94 15.83 -15.47 21.76
CA ASP C 94 14.66 -14.63 21.49
C ASP C 94 13.39 -15.54 21.50
N PRO C 95 12.36 -15.16 22.28
CA PRO C 95 11.16 -16.00 22.39
C PRO C 95 10.47 -16.38 21.08
N VAL C 96 10.70 -15.60 20.01
CA VAL C 96 10.12 -15.93 18.70
C VAL C 96 10.69 -17.25 18.16
N ASN C 97 11.94 -17.58 18.53
CA ASN C 97 12.59 -18.81 18.08
C ASN C 97 11.94 -20.07 18.64
N PHE C 98 11.27 -20.00 19.80
CA PHE C 98 10.59 -21.17 20.36
C PHE C 98 9.38 -21.58 19.47
N LYS C 99 8.70 -20.58 18.87
CA LYS C 99 7.62 -20.84 17.93
C LYS C 99 8.14 -21.55 16.67
N LEU C 100 9.36 -21.19 16.21
CA LEU C 100 9.99 -21.78 15.02
C LEU C 100 10.35 -23.24 15.25
N LEU C 101 10.98 -23.56 16.40
CA LEU C 101 11.33 -24.95 16.70
C LEU C 101 10.07 -25.78 16.95
N SER C 102 9.08 -25.21 17.63
CA SER C 102 7.81 -25.92 17.88
C SER C 102 7.12 -26.29 16.57
N HIS C 103 7.17 -25.40 15.59
CA HIS C 103 6.58 -25.63 14.29
C HIS C 103 7.33 -26.76 13.58
N CYS C 104 8.66 -26.75 13.64
CA CYS C 104 9.48 -27.77 13.00
C CYS C 104 9.36 -29.13 13.66
N LEU C 105 9.06 -29.17 14.98
CA LEU C 105 8.82 -30.41 15.70
C LEU C 105 7.47 -30.96 15.22
N LEU C 106 6.43 -30.11 15.12
CA LEU C 106 5.09 -30.51 14.62
C LEU C 106 5.16 -31.03 13.20
N VAL C 107 5.93 -30.37 12.31
CA VAL C 107 6.11 -30.80 10.92
C VAL C 107 6.77 -32.21 10.87
N THR C 108 7.77 -32.46 11.72
CA THR C 108 8.44 -33.75 11.81
C THR C 108 7.46 -34.83 12.31
N LEU C 109 6.65 -34.51 13.32
CA LEU C 109 5.66 -35.47 13.83
C LEU C 109 4.62 -35.78 12.73
N ALA C 110 4.10 -34.75 12.04
CA ALA C 110 3.15 -34.93 10.93
C ALA C 110 3.74 -35.87 9.84
N ALA C 111 5.02 -35.68 9.50
CA ALA C 111 5.72 -36.46 8.48
C ALA C 111 5.95 -37.92 8.88
N HIS C 112 6.04 -38.20 10.19
CA HIS C 112 6.34 -39.56 10.65
C HIS C 112 5.13 -40.29 11.25
N LEU C 113 4.02 -39.59 11.53
CA LEU C 113 2.82 -40.20 12.11
C LEU C 113 1.60 -40.02 11.20
N PRO C 114 1.56 -40.68 10.02
CA PRO C 114 0.43 -40.50 9.10
C PRO C 114 -0.95 -40.78 9.68
N ALA C 115 -1.07 -41.81 10.50
CA ALA C 115 -2.37 -42.17 11.09
C ALA C 115 -2.69 -41.39 12.39
N GLU C 116 -1.67 -41.16 13.21
CA GLU C 116 -1.79 -40.52 14.52
C GLU C 116 -1.98 -38.99 14.45
N PHE C 117 -1.44 -38.32 13.39
CA PHE C 117 -1.54 -36.87 13.32
C PHE C 117 -2.90 -36.38 12.80
N THR C 118 -3.95 -36.61 13.56
CA THR C 118 -5.29 -36.11 13.23
C THR C 118 -5.42 -34.63 13.67
N PRO C 119 -6.49 -33.92 13.26
CA PRO C 119 -6.66 -32.54 13.73
C PRO C 119 -6.68 -32.39 15.26
N ALA C 120 -7.35 -33.32 15.99
CA ALA C 120 -7.35 -33.27 17.46
C ALA C 120 -5.98 -33.53 18.07
N VAL C 121 -5.22 -34.49 17.51
CA VAL C 121 -3.87 -34.79 17.99
C VAL C 121 -2.92 -33.65 17.71
N HIS C 122 -3.06 -33.02 16.53
CA HIS C 122 -2.29 -31.84 16.11
C HIS C 122 -2.55 -30.71 17.17
N ALA C 123 -3.82 -30.45 17.52
CA ALA C 123 -4.16 -29.42 18.50
C ALA C 123 -3.56 -29.73 19.89
N SER C 124 -3.56 -31.03 20.30
CA SER C 124 -2.99 -31.43 21.59
C SER C 124 -1.46 -31.24 21.64
N LEU C 125 -0.78 -31.63 20.57
CA LEU C 125 0.67 -31.48 20.44
C LEU C 125 1.05 -30.01 20.36
N ASP C 126 0.23 -29.20 19.70
CA ASP C 126 0.46 -27.76 19.63
C ASP C 126 0.36 -27.16 21.04
N LYS C 127 -0.67 -27.52 21.79
CA LYS C 127 -0.85 -27.06 23.16
C LYS C 127 0.33 -27.50 24.05
N PHE C 128 0.79 -28.73 23.90
CA PHE C 128 1.94 -29.23 24.66
C PHE C 128 3.22 -28.42 24.33
N LEU C 129 3.55 -28.25 23.03
CA LEU C 129 4.73 -27.51 22.62
C LEU C 129 4.65 -26.05 23.03
N ALA C 130 3.43 -25.45 23.04
CA ALA C 130 3.28 -24.07 23.50
C ALA C 130 3.52 -24.00 25.00
N SER C 131 3.07 -25.01 25.78
CA SER C 131 3.29 -25.04 27.24
C SER C 131 4.79 -25.17 27.55
N VAL C 132 5.54 -26.01 26.78
CA VAL C 132 6.98 -26.16 26.97
C VAL C 132 7.68 -24.81 26.69
N SER C 133 7.29 -24.14 25.60
CA SER C 133 7.85 -22.84 25.19
C SER C 133 7.62 -21.79 26.25
N THR C 134 6.42 -21.77 26.86
CA THR C 134 6.03 -20.83 27.89
C THR C 134 6.96 -21.01 29.09
N VAL C 135 7.15 -22.26 29.52
CA VAL C 135 8.05 -22.58 30.62
C VAL C 135 9.48 -22.14 30.29
N LEU C 136 9.98 -22.44 29.09
CA LEU C 136 11.35 -22.11 28.66
C LEU C 136 11.62 -20.63 28.45
N THR C 137 10.57 -19.82 28.34
CA THR C 137 10.75 -18.36 28.24
C THR C 137 10.31 -17.63 29.52
N SER C 138 10.05 -18.36 30.62
CA SER C 138 9.54 -17.77 31.85
C SER C 138 10.59 -17.10 32.73
N LYS C 139 11.89 -17.36 32.51
CA LYS C 139 12.92 -16.80 33.38
C LYS C 139 13.56 -15.51 32.91
N TYR C 140 12.89 -14.75 32.03
CA TYR C 140 13.40 -13.46 31.59
C TYR C 140 13.28 -12.39 32.66
N HIS D 2 13.44 -14.57 -2.18
CA HIS D 2 13.06 -15.16 -3.47
C HIS D 2 13.35 -16.67 -3.52
N LEU D 3 12.70 -17.39 -4.46
CA LEU D 3 12.96 -18.82 -4.60
C LEU D 3 14.04 -19.09 -5.64
N THR D 4 14.97 -20.00 -5.34
CA THR D 4 15.99 -20.40 -6.32
C THR D 4 15.31 -21.30 -7.38
N PRO D 5 15.89 -21.49 -8.58
CA PRO D 5 15.25 -22.39 -9.57
C PRO D 5 14.96 -23.79 -9.03
N GLU D 6 15.86 -24.35 -8.22
CA GLU D 6 15.71 -25.66 -7.62
C GLU D 6 14.56 -25.67 -6.60
N GLU D 7 14.37 -24.56 -5.85
CA GLU D 7 13.27 -24.42 -4.88
C GLU D 7 11.92 -24.30 -5.61
N LYS D 8 11.87 -23.49 -6.67
CA LYS D 8 10.68 -23.27 -7.47
C LYS D 8 10.21 -24.60 -8.10
N SER D 9 11.17 -25.40 -8.61
CA SER D 9 10.94 -26.71 -9.19
C SER D 9 10.39 -27.70 -8.14
N ALA D 10 10.96 -27.72 -6.93
CA ALA D 10 10.54 -28.62 -5.86
C ALA D 10 9.12 -28.30 -5.40
N VAL D 11 8.79 -27.00 -5.32
CA VAL D 11 7.48 -26.53 -4.93
C VAL D 11 6.42 -26.98 -5.95
N THR D 12 6.68 -26.74 -7.25
CA THR D 12 5.76 -27.10 -8.33
C THR D 12 5.57 -28.60 -8.43
N ALA D 13 6.64 -29.40 -8.23
CA ALA D 13 6.53 -30.85 -8.31
C ALA D 13 5.64 -31.41 -7.20
N LEU D 14 5.74 -30.87 -5.99
CA LEU D 14 4.91 -31.33 -4.88
C LEU D 14 3.45 -30.84 -5.04
N TRP D 15 3.28 -29.59 -5.46
CA TRP D 15 1.96 -29.02 -5.62
C TRP D 15 1.09 -29.73 -6.66
N GLY D 16 1.70 -30.27 -7.71
CA GLY D 16 0.96 -31.02 -8.73
C GLY D 16 0.35 -32.29 -8.20
N LYS D 17 0.85 -32.80 -7.06
CA LYS D 17 0.32 -34.01 -6.42
C LYS D 17 -0.79 -33.73 -5.40
N VAL D 18 -1.03 -32.45 -5.07
CA VAL D 18 -2.02 -31.99 -4.09
C VAL D 18 -3.45 -32.15 -4.60
N ASN D 19 -4.32 -32.76 -3.78
CA ASN D 19 -5.72 -32.87 -4.14
C ASN D 19 -6.34 -31.51 -3.82
N VAL D 20 -6.68 -30.76 -4.86
CA VAL D 20 -7.24 -29.42 -4.78
C VAL D 20 -8.64 -29.37 -4.13
N ASP D 21 -9.36 -30.49 -4.13
CA ASP D 21 -10.68 -30.55 -3.53
C ASP D 21 -10.62 -30.83 -2.02
N GLU D 22 -9.50 -31.32 -1.48
CA GLU D 22 -9.45 -31.70 -0.07
C GLU D 22 -8.48 -30.95 0.83
N VAL D 23 -7.26 -30.65 0.33
CA VAL D 23 -6.17 -30.05 1.12
C VAL D 23 -6.54 -28.70 1.74
N GLY D 24 -7.29 -27.88 1.02
CA GLY D 24 -7.73 -26.58 1.54
C GLY D 24 -8.67 -26.73 2.71
N GLY D 25 -9.61 -27.67 2.61
CA GLY D 25 -10.55 -27.96 3.70
C GLY D 25 -9.83 -28.48 4.93
N GLU D 26 -8.83 -29.32 4.72
CA GLU D 26 -8.02 -29.90 5.79
C GLU D 26 -7.20 -28.81 6.51
N ALA D 27 -6.62 -27.87 5.73
CA ALA D 27 -5.86 -26.77 6.33
C ALA D 27 -6.79 -25.79 7.09
N LEU D 28 -7.95 -25.42 6.49
CA LEU D 28 -8.89 -24.52 7.17
C LEU D 28 -9.47 -25.21 8.46
N GLY D 29 -9.83 -26.47 8.36
CA GLY D 29 -10.37 -27.25 9.46
C GLY D 29 -9.39 -27.34 10.61
N ARG D 30 -8.10 -27.58 10.29
CA ARG D 30 -7.08 -27.62 11.31
C ARG D 30 -6.82 -26.26 11.91
N LEU D 31 -6.94 -25.18 11.14
CA LEU D 31 -6.76 -23.82 11.69
C LEU D 31 -7.86 -23.55 12.75
N LEU D 32 -9.12 -23.91 12.44
CA LEU D 32 -10.27 -23.74 13.32
C LEU D 32 -10.18 -24.63 14.58
N VAL D 33 -9.57 -25.81 14.48
CA VAL D 33 -9.43 -26.71 15.63
C VAL D 33 -8.21 -26.31 16.50
N VAL D 34 -7.04 -26.09 15.87
CA VAL D 34 -5.80 -25.79 16.58
C VAL D 34 -5.76 -24.37 17.17
N TYR D 35 -6.34 -23.37 16.47
CA TYR D 35 -6.37 -21.97 16.96
C TYR D 35 -7.86 -21.54 17.03
N PRO D 36 -8.59 -22.01 18.05
CA PRO D 36 -10.06 -21.81 18.07
C PRO D 36 -10.61 -20.37 18.03
N TRP D 37 -9.82 -19.35 18.37
CA TRP D 37 -10.28 -17.97 18.25
C TRP D 37 -10.61 -17.63 16.76
N THR D 38 -10.01 -18.35 15.78
CA THR D 38 -10.30 -18.13 14.34
C THR D 38 -11.75 -18.46 13.97
N GLN D 39 -12.45 -19.23 14.81
CA GLN D 39 -13.87 -19.57 14.61
C GLN D 39 -14.77 -18.32 14.71
N ARG D 40 -14.31 -17.25 15.40
CA ARG D 40 -15.03 -15.99 15.50
C ARG D 40 -15.41 -15.44 14.11
N PHE D 41 -14.58 -15.70 13.10
CA PHE D 41 -14.80 -15.21 11.73
C PHE D 41 -15.75 -16.06 10.89
N PHE D 42 -16.02 -17.30 11.33
CA PHE D 42 -16.81 -18.29 10.61
C PHE D 42 -18.08 -18.73 11.34
N GLU D 43 -18.77 -17.82 12.07
CA GLU D 43 -20.02 -18.12 12.76
CA GLU D 43 -20.01 -18.16 12.75
C GLU D 43 -21.12 -18.54 11.75
N SER D 44 -21.06 -18.04 10.51
CA SER D 44 -22.04 -18.39 9.47
C SER D 44 -21.88 -19.85 8.95
N PHE D 45 -20.76 -20.52 9.28
CA PHE D 45 -20.49 -21.88 8.85
C PHE D 45 -21.25 -22.96 9.64
N GLY D 46 -21.93 -22.57 10.71
CA GLY D 46 -22.70 -23.53 11.51
C GLY D 46 -21.87 -24.20 12.59
N ASP D 47 -22.08 -25.50 12.73
CA ASP D 47 -21.41 -26.33 13.73
C ASP D 47 -19.90 -26.51 13.51
N LEU D 48 -19.13 -25.96 14.44
CA LEU D 48 -17.67 -26.08 14.55
C LEU D 48 -17.31 -26.46 16.01
N SER D 49 -18.23 -27.08 16.77
CA SER D 49 -18.05 -27.39 18.19
C SER D 49 -17.05 -28.48 18.51
N THR D 50 -16.80 -29.40 17.58
CA THR D 50 -15.84 -30.49 17.80
C THR D 50 -14.94 -30.65 16.58
N PRO D 51 -13.76 -31.29 16.70
CA PRO D 51 -12.94 -31.55 15.50
C PRO D 51 -13.70 -32.32 14.40
N ASP D 52 -14.57 -33.30 14.75
CA ASP D 52 -15.37 -34.01 13.75
C ASP D 52 -16.40 -33.11 13.08
N ALA D 53 -17.08 -32.22 13.84
CA ALA D 53 -18.04 -31.30 13.24
C ALA D 53 -17.31 -30.30 12.31
N VAL D 54 -16.11 -29.84 12.67
CA VAL D 54 -15.32 -28.95 11.82
C VAL D 54 -14.87 -29.67 10.52
N MET D 55 -14.19 -30.84 10.64
CA MET D 55 -13.65 -31.57 9.50
C MET D 55 -14.75 -32.12 8.56
N GLY D 56 -15.95 -32.37 9.08
CA GLY D 56 -17.08 -32.84 8.28
C GLY D 56 -18.01 -31.75 7.77
N ASN D 57 -17.79 -30.49 8.16
CA ASN D 57 -18.62 -29.37 7.75
C ASN D 57 -18.46 -29.02 6.23
N PRO D 58 -19.57 -29.08 5.45
CA PRO D 58 -19.47 -28.78 4.02
C PRO D 58 -18.98 -27.37 3.69
N LYS D 59 -19.35 -26.37 4.51
CA LYS D 59 -18.90 -25.00 4.29
C LYS D 59 -17.40 -24.85 4.53
N VAL D 60 -16.85 -25.61 5.47
CA VAL D 60 -15.42 -25.59 5.75
C VAL D 60 -14.70 -26.19 4.53
N LYS D 61 -15.19 -27.31 4.01
CA LYS D 61 -14.62 -27.96 2.82
C LYS D 61 -14.66 -27.04 1.57
N ALA D 62 -15.84 -26.46 1.30
CA ALA D 62 -15.99 -25.53 0.18
C ALA D 62 -15.08 -24.27 0.35
N HIS D 63 -15.02 -23.69 1.56
CA HIS D 63 -14.16 -22.52 1.77
C HIS D 63 -12.68 -22.86 1.56
N GLY D 64 -12.28 -24.05 2.01
CA GLY D 64 -10.93 -24.54 1.82
C GLY D 64 -10.53 -24.61 0.37
N LYS D 65 -11.50 -24.92 -0.51
CA LYS D 65 -11.25 -24.94 -1.95
C LYS D 65 -10.97 -23.52 -2.48
N LYS D 66 -11.71 -22.50 -1.98
CA LYS D 66 -11.45 -21.11 -2.38
C LYS D 66 -10.05 -20.70 -1.92
N VAL D 67 -9.66 -21.04 -0.69
CA VAL D 67 -8.36 -20.67 -0.12
C VAL D 67 -7.22 -21.34 -0.87
N LEU D 68 -7.35 -22.66 -1.14
CA LEU D 68 -6.35 -23.40 -1.89
C LEU D 68 -6.19 -22.87 -3.31
N GLY D 69 -7.28 -22.43 -3.93
CA GLY D 69 -7.28 -21.81 -5.25
C GLY D 69 -6.49 -20.51 -5.24
N ALA D 70 -6.57 -19.73 -4.14
CA ALA D 70 -5.80 -18.49 -4.04
C ALA D 70 -4.34 -18.81 -3.84
N PHE D 71 -3.98 -19.83 -3.02
CA PHE D 71 -2.59 -20.27 -2.88
C PHE D 71 -2.04 -20.74 -4.25
N SER D 72 -2.83 -21.47 -5.08
CA SER D 72 -2.41 -21.90 -6.41
C SER D 72 -2.14 -20.70 -7.30
N ASP D 73 -2.96 -19.65 -7.19
CA ASP D 73 -2.80 -18.41 -7.93
C ASP D 73 -1.47 -17.75 -7.54
N GLY D 74 -1.13 -17.76 -6.26
CA GLY D 74 0.14 -17.25 -5.77
C GLY D 74 1.32 -18.03 -6.34
N LEU D 75 1.20 -19.36 -6.41
CA LEU D 75 2.25 -20.23 -6.95
C LEU D 75 2.55 -19.97 -8.43
N ALA D 76 1.57 -19.47 -9.18
CA ALA D 76 1.74 -19.12 -10.59
C ALA D 76 2.27 -17.68 -10.79
N HIS D 77 2.38 -16.88 -9.72
CA HIS D 77 2.81 -15.50 -9.80
C HIS D 77 3.72 -15.19 -8.60
N LEU D 78 4.73 -16.03 -8.39
CA LEU D 78 5.62 -15.88 -7.24
C LEU D 78 6.40 -14.58 -7.23
N ASP D 79 6.61 -13.97 -8.40
CA ASP D 79 7.31 -12.68 -8.49
C ASP D 79 6.38 -11.46 -8.32
N ASN D 80 5.07 -11.67 -8.16
CA ASN D 80 4.13 -10.57 -7.97
C ASN D 80 3.00 -10.95 -7.03
N LEU D 81 3.36 -11.44 -5.86
CA LEU D 81 2.38 -11.84 -4.85
C LEU D 81 1.57 -10.63 -4.36
N LYS D 82 2.21 -9.48 -4.15
CA LYS D 82 1.52 -8.29 -3.65
C LYS D 82 0.36 -7.87 -4.57
N GLY D 83 0.61 -7.81 -5.87
CA GLY D 83 -0.41 -7.49 -6.86
C GLY D 83 -1.50 -8.53 -6.94
N THR D 84 -1.11 -9.82 -6.95
CA THR D 84 -2.03 -10.96 -7.04
C THR D 84 -3.01 -10.97 -5.86
N PHE D 85 -2.53 -10.63 -4.67
CA PHE D 85 -3.35 -10.66 -3.47
C PHE D 85 -3.91 -9.32 -3.05
N ALA D 86 -3.73 -8.24 -3.84
CA ALA D 86 -4.17 -6.91 -3.42
C ALA D 86 -5.65 -6.81 -3.02
N THR D 87 -6.58 -7.31 -3.84
CA THR D 87 -8.02 -7.23 -3.52
C THR D 87 -8.37 -8.15 -2.34
N LEU D 88 -7.71 -9.33 -2.22
CA LEU D 88 -7.95 -10.22 -1.08
C LEU D 88 -7.42 -9.57 0.22
N SER D 89 -6.30 -8.87 0.11
CA SER D 89 -5.70 -8.19 1.26
C SER D 89 -6.64 -7.09 1.77
N GLU D 90 -7.23 -6.29 0.86
CA GLU D 90 -8.19 -5.24 1.23
C GLU D 90 -9.44 -5.87 1.88
N LEU D 91 -9.95 -6.96 1.30
CA LEU D 91 -11.09 -7.66 1.87
C LEU D 91 -10.85 -8.12 3.31
N HIS D 92 -9.74 -8.84 3.53
CA HIS D 92 -9.46 -9.38 4.86
C HIS D 92 -9.30 -8.29 5.91
N CYS D 93 -8.82 -7.11 5.51
CA CYS D 93 -8.60 -5.98 6.41
C CYS D 93 -9.88 -5.20 6.63
N ASP D 94 -10.42 -4.64 5.57
CA ASP D 94 -11.56 -3.75 5.62
C ASP D 94 -12.88 -4.43 5.90
N LYS D 95 -13.09 -5.64 5.39
CA LYS D 95 -14.38 -6.29 5.55
C LYS D 95 -14.36 -7.36 6.60
N LEU D 96 -13.27 -8.13 6.69
CA LEU D 96 -13.22 -9.28 7.60
C LEU D 96 -12.56 -8.98 8.93
N HIS D 97 -11.68 -7.97 8.99
CA HIS D 97 -10.96 -7.53 10.19
C HIS D 97 -10.13 -8.65 10.83
N VAL D 98 -9.47 -9.45 10.00
CA VAL D 98 -8.64 -10.55 10.48
C VAL D 98 -7.27 -10.00 10.81
N ASP D 99 -6.71 -10.27 12.01
CA ASP D 99 -5.35 -9.83 12.29
C ASP D 99 -4.35 -10.62 11.39
N PRO D 100 -3.43 -9.90 10.73
CA PRO D 100 -2.48 -10.56 9.82
C PRO D 100 -1.60 -11.66 10.44
N GLU D 101 -1.46 -11.72 11.78
CA GLU D 101 -0.71 -12.81 12.42
C GLU D 101 -1.36 -14.19 12.05
N ASN D 102 -2.69 -14.20 11.88
CA ASN D 102 -3.44 -15.42 11.53
C ASN D 102 -3.08 -15.94 10.14
N PHE D 103 -2.61 -15.07 9.22
CA PHE D 103 -2.18 -15.50 7.88
C PHE D 103 -0.94 -16.39 8.05
N ARG D 104 -0.04 -16.02 8.98
CA ARG D 104 1.15 -16.82 9.27
C ARG D 104 0.73 -18.18 9.85
N LEU D 105 -0.26 -18.17 10.75
CA LEU D 105 -0.75 -19.41 11.34
C LEU D 105 -1.34 -20.35 10.29
N LEU D 106 -2.14 -19.84 9.31
CA LEU D 106 -2.75 -20.67 8.28
C LEU D 106 -1.66 -21.27 7.35
N GLY D 107 -0.65 -20.47 7.01
CA GLY D 107 0.48 -20.95 6.21
C GLY D 107 1.20 -22.10 6.89
N ASN D 108 1.41 -22.02 8.19
CA ASN D 108 2.05 -23.07 8.96
C ASN D 108 1.20 -24.34 9.11
N VAL D 109 -0.12 -24.19 9.23
CA VAL D 109 -1.03 -25.33 9.25
C VAL D 109 -0.98 -26.02 7.86
N LEU D 110 -0.94 -25.25 6.74
CA LEU D 110 -0.85 -25.81 5.40
C LEU D 110 0.46 -26.63 5.25
N VAL D 111 1.57 -26.12 5.76
CA VAL D 111 2.85 -26.84 5.76
C VAL D 111 2.72 -28.19 6.53
N CYS D 112 2.02 -28.19 7.68
CA CYS D 112 1.77 -29.42 8.47
C CYS D 112 0.91 -30.42 7.69
N VAL D 113 -0.10 -29.93 6.92
CA VAL D 113 -0.99 -30.76 6.08
C VAL D 113 -0.18 -31.40 4.96
N LEU D 114 0.71 -30.62 4.33
CA LEU D 114 1.59 -31.16 3.28
C LEU D 114 2.53 -32.21 3.85
N ALA D 115 3.15 -31.95 5.01
CA ALA D 115 4.02 -32.94 5.68
C ALA D 115 3.24 -34.21 6.01
N HIS D 116 2.01 -34.05 6.49
CA HIS D 116 1.16 -35.17 6.85
C HIS D 116 0.80 -36.04 5.64
N HIS D 117 0.44 -35.41 4.51
CA HIS D 117 0.08 -36.16 3.31
CA HIS D 117 0.08 -36.17 3.30
C HIS D 117 1.27 -36.77 2.58
N PHE D 118 2.40 -36.04 2.49
CA PHE D 118 3.57 -36.50 1.74
C PHE D 118 4.63 -37.27 2.53
N GLY D 119 4.61 -37.17 3.87
CA GLY D 119 5.54 -37.90 4.73
C GLY D 119 6.99 -37.60 4.42
N LYS D 120 7.78 -38.66 4.19
CA LYS D 120 9.20 -38.58 3.87
C LYS D 120 9.49 -37.69 2.62
N GLU D 121 8.56 -37.63 1.63
CA GLU D 121 8.69 -36.77 0.45
C GLU D 121 8.79 -35.28 0.85
N PHE D 122 8.14 -34.89 1.93
CA PHE D 122 8.21 -33.49 2.40
C PHE D 122 9.53 -33.28 3.17
N THR D 123 10.66 -33.31 2.46
CA THR D 123 11.99 -33.22 3.04
C THR D 123 12.28 -31.85 3.65
N PRO D 124 13.32 -31.74 4.52
CA PRO D 124 13.69 -30.40 5.02
C PRO D 124 13.91 -29.35 3.90
N PRO D 125 14.60 -29.64 2.74
CA PRO D 125 14.72 -28.60 1.69
C PRO D 125 13.39 -28.27 1.03
N VAL D 126 12.48 -29.25 0.88
CA VAL D 126 11.15 -29.00 0.28
C VAL D 126 10.35 -28.09 1.22
N GLN D 127 10.40 -28.36 2.52
CA GLN D 127 9.74 -27.52 3.51
C GLN D 127 10.31 -26.10 3.51
N ALA D 128 11.65 -25.93 3.44
CA ALA D 128 12.25 -24.60 3.44
C ALA D 128 11.74 -23.74 2.28
N ALA D 129 11.52 -24.35 1.09
CA ALA D 129 10.97 -23.66 -0.08
C ALA D 129 9.50 -23.26 0.17
N TYR D 130 8.71 -24.17 0.76
CA TYR D 130 7.32 -23.89 1.09
C TYR D 130 7.17 -22.82 2.20
N GLN D 131 8.16 -22.71 3.11
CA GLN D 131 8.13 -21.67 4.13
C GLN D 131 8.29 -20.29 3.48
N LYS D 132 9.12 -20.17 2.42
CA LYS D 132 9.26 -18.92 1.68
C LYS D 132 7.93 -18.56 1.00
N VAL D 133 7.26 -19.56 0.43
CA VAL D 133 5.99 -19.36 -0.25
C VAL D 133 4.91 -18.88 0.73
N VAL D 134 4.71 -19.58 1.85
CA VAL D 134 3.65 -19.23 2.77
C VAL D 134 3.95 -17.88 3.46
N ALA D 135 5.23 -17.54 3.73
CA ALA D 135 5.55 -16.24 4.31
C ALA D 135 5.30 -15.14 3.25
N GLY D 136 5.59 -15.42 1.97
CA GLY D 136 5.34 -14.48 0.88
C GLY D 136 3.86 -14.24 0.69
N VAL D 137 3.01 -15.30 0.82
CA VAL D 137 1.55 -15.16 0.69
C VAL D 137 1.00 -14.34 1.90
N ALA D 138 1.48 -14.64 3.14
CA ALA D 138 1.06 -13.93 4.35
C ALA D 138 1.42 -12.45 4.29
N ASN D 139 2.64 -12.14 3.82
CA ASN D 139 3.07 -10.76 3.66
C ASN D 139 2.27 -10.04 2.55
N ALA D 140 1.89 -10.74 1.45
CA ALA D 140 1.08 -10.09 0.41
C ALA D 140 -0.33 -9.81 0.92
N LEU D 141 -0.91 -10.74 1.70
CA LEU D 141 -2.24 -10.54 2.27
C LEU D 141 -2.27 -9.47 3.38
N ALA D 142 -1.13 -9.22 4.06
CA ALA D 142 -1.07 -8.16 5.06
C ALA D 142 -0.77 -6.78 4.41
N HIS D 143 -0.36 -6.72 3.14
CA HIS D 143 0.09 -5.47 2.52
C HIS D 143 -0.91 -4.31 2.54
N LYS D 144 -2.19 -4.56 2.19
CA LYS D 144 -3.19 -3.49 2.21
C LYS D 144 -3.70 -3.13 3.61
N TYR D 145 -3.13 -3.70 4.67
CA TYR D 145 -3.40 -3.29 6.02
C TYR D 145 -2.58 -2.01 6.32
N HIS D 146 -1.37 -1.88 5.70
CA HIS D 146 -0.47 -0.73 5.86
C HIS D 146 -0.58 0.25 4.65
N LEU E 2 10.18 26.19 -38.60
CA LEU E 2 11.51 25.75 -39.03
C LEU E 2 12.32 26.93 -39.57
N SER E 3 13.37 27.32 -38.84
CA SER E 3 14.25 28.43 -39.21
C SER E 3 15.15 28.07 -40.41
N PRO E 4 15.81 29.04 -41.08
CA PRO E 4 16.68 28.70 -42.21
C PRO E 4 17.79 27.71 -41.84
N ALA E 5 18.30 27.77 -40.59
CA ALA E 5 19.34 26.85 -40.14
C ALA E 5 18.79 25.42 -40.08
N ASP E 6 17.55 25.27 -39.60
CA ASP E 6 16.92 23.96 -39.52
C ASP E 6 16.68 23.36 -40.90
N LYS E 7 16.25 24.19 -41.87
CA LYS E 7 16.04 23.75 -43.26
C LYS E 7 17.36 23.32 -43.90
N THR E 8 18.45 24.04 -43.60
CA THR E 8 19.78 23.73 -44.11
C THR E 8 20.23 22.37 -43.59
N ASN E 9 20.17 22.16 -42.26
CA ASN E 9 20.59 20.91 -41.64
C ASN E 9 19.76 19.74 -42.11
N VAL E 10 18.44 19.91 -42.22
CA VAL E 10 17.55 18.83 -42.67
C VAL E 10 17.89 18.39 -44.09
N LYS E 11 18.11 19.35 -45.01
CA LYS E 11 18.43 19.05 -46.40
C LYS E 11 19.79 18.39 -46.58
N ALA E 12 20.76 18.72 -45.73
CA ALA E 12 22.10 18.13 -45.80
C ALA E 12 22.08 16.70 -45.25
N ALA E 13 21.36 16.46 -44.15
CA ALA E 13 21.27 15.13 -43.54
C ALA E 13 20.43 14.19 -44.40
N TRP E 14 19.34 14.72 -44.98
CA TRP E 14 18.51 13.93 -45.90
C TRP E 14 19.22 13.72 -47.25
N GLY E 15 20.09 14.67 -47.64
CA GLY E 15 20.90 14.57 -48.84
C GLY E 15 21.96 13.48 -48.70
N LYS E 16 22.46 13.26 -47.45
CA LYS E 16 23.43 12.19 -47.19
C LYS E 16 22.77 10.78 -47.28
N VAL E 17 21.46 10.70 -47.04
CA VAL E 17 20.70 9.46 -47.14
C VAL E 17 20.59 9.07 -48.61
N GLY E 18 20.23 10.04 -49.45
CA GLY E 18 20.12 9.88 -50.90
C GLY E 18 19.39 8.65 -51.38
N ALA E 19 20.12 7.79 -52.10
CA ALA E 19 19.58 6.55 -52.68
C ALA E 19 19.20 5.49 -51.61
N HIS E 20 19.60 5.68 -50.34
CA HIS E 20 19.25 4.74 -49.28
C HIS E 20 17.91 5.04 -48.60
N ALA E 21 17.12 5.99 -49.13
CA ALA E 21 15.84 6.38 -48.56
C ALA E 21 14.89 5.19 -48.30
N GLY E 22 14.64 4.34 -49.30
CA GLY E 22 13.76 3.18 -49.11
C GLY E 22 14.28 2.22 -48.05
N GLU E 23 15.60 1.98 -48.08
CA GLU E 23 16.29 1.10 -47.13
C GLU E 23 16.14 1.63 -45.68
N TYR E 24 16.32 2.95 -45.49
CA TYR E 24 16.20 3.57 -44.17
C TYR E 24 14.75 3.65 -43.69
N GLY E 25 13.82 3.83 -44.63
CA GLY E 25 12.40 3.86 -44.31
C GLY E 25 11.94 2.49 -43.87
N ALA E 26 12.40 1.43 -44.59
CA ALA E 26 12.10 0.03 -44.29
C ALA E 26 12.67 -0.38 -42.92
N GLU E 27 13.84 0.18 -42.55
CA GLU E 27 14.50 -0.06 -41.27
C GLU E 27 13.74 0.66 -40.12
N ALA E 28 13.35 1.93 -40.35
CA ALA E 28 12.60 2.69 -39.35
C ALA E 28 11.27 2.03 -39.05
N LEU E 29 10.60 1.47 -40.09
CA LEU E 29 9.34 0.75 -39.90
C LEU E 29 9.56 -0.52 -39.06
N GLU E 30 10.61 -1.28 -39.39
CA GLU E 30 10.97 -2.48 -38.66
C GLU E 30 11.32 -2.16 -37.21
N ARG E 31 12.03 -1.05 -36.96
CA ARG E 31 12.36 -0.61 -35.60
C ARG E 31 11.08 -0.31 -34.84
N MET E 32 10.12 0.37 -35.51
CA MET E 32 8.82 0.69 -34.92
C MET E 32 8.03 -0.56 -34.53
N PHE E 33 7.86 -1.52 -35.47
CA PHE E 33 7.09 -2.75 -35.23
C PHE E 33 7.68 -3.60 -34.11
N LEU E 34 9.02 -3.65 -34.02
CA LEU E 34 9.68 -4.41 -32.97
C LEU E 34 9.67 -3.70 -31.61
N SER E 35 9.98 -2.41 -31.58
CA SER E 35 10.07 -1.66 -30.32
C SER E 35 8.71 -1.35 -29.73
N PHE E 36 7.72 -1.06 -30.60
CA PHE E 36 6.36 -0.68 -30.21
C PHE E 36 5.35 -1.57 -30.98
N PRO E 37 5.17 -2.83 -30.52
CA PRO E 37 4.32 -3.79 -31.25
C PRO E 37 2.86 -3.39 -31.54
N THR E 38 2.23 -2.52 -30.71
CA THR E 38 0.85 -2.11 -30.96
C THR E 38 0.67 -1.47 -32.34
N THR E 39 1.73 -0.85 -32.90
CA THR E 39 1.70 -0.22 -34.24
C THR E 39 1.41 -1.24 -35.35
N LYS E 40 1.73 -2.53 -35.12
CA LYS E 40 1.48 -3.60 -36.10
C LYS E 40 0.00 -3.77 -36.42
N THR E 41 -0.90 -3.43 -35.47
CA THR E 41 -2.35 -3.53 -35.64
C THR E 41 -2.89 -2.62 -36.76
N TYR E 42 -2.12 -1.62 -37.17
CA TYR E 42 -2.49 -0.74 -38.28
C TYR E 42 -2.25 -1.41 -39.65
N PHE E 43 -1.46 -2.49 -39.72
CA PHE E 43 -1.17 -3.18 -40.97
C PHE E 43 -1.55 -4.67 -40.82
N PRO E 44 -2.84 -4.99 -40.59
CA PRO E 44 -3.24 -6.39 -40.36
C PRO E 44 -3.06 -7.35 -41.53
N HIS E 45 -3.07 -6.84 -42.76
CA HIS E 45 -2.92 -7.72 -43.92
C HIS E 45 -1.48 -7.80 -44.48
N PHE E 46 -0.52 -7.23 -43.75
CA PHE E 46 0.88 -7.17 -44.16
C PHE E 46 1.72 -8.31 -43.67
N ASP E 47 2.77 -8.65 -44.44
CA ASP E 47 3.78 -9.58 -44.00
C ASP E 47 4.76 -8.63 -43.27
N LEU E 48 4.82 -8.71 -41.94
CA LEU E 48 5.68 -7.82 -41.17
C LEU E 48 6.98 -8.46 -40.70
N SER E 49 7.35 -9.62 -41.26
CA SER E 49 8.58 -10.29 -40.91
C SER E 49 9.83 -9.53 -41.40
N HIS E 50 11.01 -9.85 -40.82
CA HIS E 50 12.26 -9.23 -41.23
C HIS E 50 12.58 -9.53 -42.70
N GLY E 51 12.95 -8.50 -43.43
CA GLY E 51 13.29 -8.62 -44.84
C GLY E 51 12.10 -8.75 -45.78
N SER E 52 10.91 -8.41 -45.28
CA SER E 52 9.64 -8.48 -45.99
C SER E 52 9.59 -7.50 -47.16
N ALA E 53 9.16 -7.99 -48.35
CA ALA E 53 9.03 -7.13 -49.52
C ALA E 53 7.95 -6.07 -49.32
N GLN E 54 6.88 -6.38 -48.56
CA GLN E 54 5.78 -5.44 -48.25
C GLN E 54 6.23 -4.32 -47.31
N VAL E 55 7.15 -4.61 -46.38
CA VAL E 55 7.70 -3.61 -45.47
C VAL E 55 8.73 -2.74 -46.23
N LYS E 56 9.53 -3.37 -47.11
CA LYS E 56 10.52 -2.68 -47.94
C LYS E 56 9.82 -1.70 -48.91
N GLY E 57 8.74 -2.16 -49.54
CA GLY E 57 7.94 -1.37 -50.47
C GLY E 57 7.24 -0.22 -49.78
N HIS E 58 6.70 -0.47 -48.57
CA HIS E 58 6.02 0.57 -47.81
C HIS E 58 7.00 1.57 -47.23
N GLY E 59 8.20 1.13 -46.85
CA GLY E 59 9.25 1.98 -46.33
C GLY E 59 9.72 3.02 -47.34
N LYS E 60 9.84 2.61 -48.63
CA LYS E 60 10.20 3.47 -49.76
C LYS E 60 9.06 4.48 -50.01
N LYS E 61 7.78 4.10 -49.81
CA LYS E 61 6.67 5.04 -49.95
C LYS E 61 6.78 6.14 -48.90
N VAL E 62 7.09 5.77 -47.64
CA VAL E 62 7.26 6.68 -46.52
C VAL E 62 8.48 7.60 -46.70
N ALA E 63 9.61 7.05 -47.15
CA ALA E 63 10.84 7.81 -47.37
C ALA E 63 10.72 8.77 -48.55
N ASP E 64 9.95 8.40 -49.58
CA ASP E 64 9.72 9.27 -50.72
C ASP E 64 8.75 10.39 -50.33
N ALA E 65 7.77 10.12 -49.45
CA ALA E 65 6.86 11.15 -48.95
C ALA E 65 7.65 12.17 -48.10
N LEU E 66 8.64 11.70 -47.33
CA LEU E 66 9.52 12.56 -46.54
C LEU E 66 10.47 13.33 -47.47
N THR E 67 10.99 12.68 -48.53
CA THR E 67 11.83 13.33 -49.54
C THR E 67 11.05 14.49 -50.20
N ASN E 68 9.75 14.29 -50.44
CA ASN E 68 8.87 15.30 -51.03
C ASN E 68 8.61 16.42 -50.02
N ALA E 69 8.46 16.07 -48.74
CA ALA E 69 8.25 17.04 -47.67
C ALA E 69 9.48 17.93 -47.47
N VAL E 70 10.70 17.40 -47.70
CA VAL E 70 11.94 18.15 -47.60
C VAL E 70 11.96 19.21 -48.72
N ALA E 71 11.58 18.81 -49.94
CA ALA E 71 11.50 19.71 -51.09
C ALA E 71 10.43 20.79 -50.92
N HIS E 72 9.35 20.48 -50.21
CA HIS E 72 8.27 21.43 -49.97
C HIS E 72 8.23 21.84 -48.49
N VAL E 73 9.41 22.03 -47.88
CA VAL E 73 9.50 22.40 -46.46
C VAL E 73 8.86 23.78 -46.17
N ASP E 74 8.81 24.67 -47.18
CA ASP E 74 8.21 25.98 -47.06
C ASP E 74 6.66 25.97 -47.20
N ASP E 75 6.07 24.85 -47.65
CA ASP E 75 4.61 24.71 -47.81
C ASP E 75 4.18 23.25 -47.61
N MET E 76 4.62 22.66 -46.49
CA MET E 76 4.33 21.29 -46.10
C MET E 76 2.83 20.94 -45.95
N PRO E 77 1.97 21.78 -45.34
CA PRO E 77 0.55 21.39 -45.21
C PRO E 77 -0.12 21.11 -46.55
N ASN E 78 0.24 21.90 -47.58
CA ASN E 78 -0.29 21.72 -48.92
C ASN E 78 0.26 20.45 -49.58
N ALA E 79 1.58 20.23 -49.50
CA ALA E 79 2.22 19.07 -50.11
C ALA E 79 1.75 17.75 -49.50
N LEU E 80 1.55 17.69 -48.18
CA LEU E 80 1.09 16.47 -47.53
C LEU E 80 -0.41 16.47 -47.23
N SER E 81 -1.20 17.31 -47.93
CA SER E 81 -2.64 17.40 -47.71
C SER E 81 -3.37 16.08 -47.98
N ALA E 82 -3.04 15.40 -49.08
CA ALA E 82 -3.65 14.13 -49.45
C ALA E 82 -3.34 13.04 -48.41
N LEU E 83 -2.11 13.05 -47.89
CA LEU E 83 -1.67 12.09 -46.87
C LEU E 83 -2.30 12.38 -45.50
N SER E 84 -2.56 13.66 -45.21
CA SER E 84 -3.20 14.12 -43.98
C SER E 84 -4.63 13.55 -43.84
N ASP E 85 -5.35 13.39 -44.96
CA ASP E 85 -6.73 12.87 -44.96
C ASP E 85 -6.78 11.35 -44.87
N LEU E 86 -5.80 10.67 -45.45
CA LEU E 86 -5.73 9.22 -45.42
C LEU E 86 -5.49 8.72 -43.99
N HIS E 87 -4.55 9.34 -43.28
CA HIS E 87 -4.17 8.92 -41.94
C HIS E 87 -5.18 9.27 -40.83
N ALA E 88 -5.78 10.47 -40.86
CA ALA E 88 -6.71 10.86 -39.80
C ALA E 88 -8.15 10.45 -40.06
N HIS E 89 -8.66 10.70 -41.29
CA HIS E 89 -10.04 10.35 -41.61
C HIS E 89 -10.30 8.86 -41.86
N LYS E 90 -9.44 8.21 -42.66
CA LYS E 90 -9.65 6.81 -43.05
C LYS E 90 -8.94 5.79 -42.14
N LEU E 91 -7.65 5.97 -41.88
CA LEU E 91 -6.88 5.03 -41.05
C LEU E 91 -7.03 5.26 -39.54
N ARG E 92 -7.51 6.46 -39.13
CA ARG E 92 -7.69 6.88 -37.74
C ARG E 92 -6.48 6.57 -36.87
N VAL E 93 -5.27 6.92 -37.37
CA VAL E 93 -4.04 6.68 -36.62
C VAL E 93 -3.97 7.58 -35.38
N ASP E 94 -3.86 6.98 -34.19
CA ASP E 94 -3.73 7.71 -32.93
C ASP E 94 -2.45 8.58 -33.01
N PRO E 95 -2.57 9.88 -32.72
CA PRO E 95 -1.42 10.80 -32.84
C PRO E 95 -0.16 10.37 -32.11
N VAL E 96 -0.28 9.52 -31.08
CA VAL E 96 0.89 9.03 -30.36
C VAL E 96 1.79 8.19 -31.26
N ASN E 97 1.21 7.49 -32.26
CA ASN E 97 1.98 6.65 -33.17
C ASN E 97 2.94 7.44 -34.05
N PHE E 98 2.61 8.72 -34.35
CA PHE E 98 3.50 9.56 -35.17
C PHE E 98 4.81 9.86 -34.41
N LYS E 99 4.75 10.02 -33.09
CA LYS E 99 5.93 10.21 -32.23
C LYS E 99 6.82 8.95 -32.25
N LEU E 100 6.22 7.75 -32.27
CA LEU E 100 6.92 6.48 -32.30
C LEU E 100 7.67 6.29 -33.62
N LEU E 101 7.03 6.57 -34.77
CA LEU E 101 7.71 6.50 -36.08
C LEU E 101 8.80 7.56 -36.20
N SER E 102 8.55 8.79 -35.71
CA SER E 102 9.57 9.85 -35.78
C SER E 102 10.79 9.48 -34.95
N HIS E 103 10.59 8.83 -33.79
CA HIS E 103 11.71 8.40 -32.96
C HIS E 103 12.51 7.33 -33.73
N CYS E 104 11.81 6.37 -34.33
CA CYS E 104 12.48 5.30 -35.07
C CYS E 104 13.18 5.78 -36.33
N LEU E 105 12.68 6.86 -36.95
CA LEU E 105 13.31 7.51 -38.09
C LEU E 105 14.61 8.14 -37.59
N LEU E 106 14.56 8.90 -36.47
CA LEU E 106 15.74 9.53 -35.85
C LEU E 106 16.80 8.49 -35.48
N VAL E 107 16.41 7.38 -34.83
CA VAL E 107 17.32 6.29 -34.45
C VAL E 107 18.01 5.71 -35.70
N THR E 108 17.24 5.48 -36.79
CA THR E 108 17.77 4.97 -38.05
C THR E 108 18.79 5.95 -38.63
N LEU E 109 18.49 7.25 -38.57
CA LEU E 109 19.43 8.27 -39.07
C LEU E 109 20.69 8.33 -38.24
N ALA E 110 20.58 8.24 -36.91
CA ALA E 110 21.74 8.27 -36.02
C ALA E 110 22.68 7.08 -36.30
N ALA E 111 22.10 5.88 -36.52
CA ALA E 111 22.82 4.63 -36.78
C ALA E 111 23.59 4.63 -38.09
N HIS E 112 23.09 5.36 -39.09
CA HIS E 112 23.74 5.42 -40.39
C HIS E 112 24.58 6.68 -40.59
N LEU E 113 24.37 7.75 -39.80
CA LEU E 113 25.14 8.99 -39.99
C LEU E 113 26.05 9.33 -38.81
N PRO E 114 27.17 8.62 -38.64
CA PRO E 114 28.07 8.90 -37.51
C PRO E 114 28.60 10.33 -37.45
N ALA E 115 28.93 10.92 -38.61
CA ALA E 115 29.47 12.28 -38.62
C ALA E 115 28.39 13.35 -38.75
N GLU E 116 27.35 13.08 -39.55
CA GLU E 116 26.31 14.07 -39.81
C GLU E 116 25.30 14.27 -38.67
N PHE E 117 25.06 13.24 -37.82
CA PHE E 117 24.11 13.39 -36.72
C PHE E 117 24.65 14.15 -35.49
N THR E 118 24.95 15.46 -35.66
CA THR E 118 25.42 16.30 -34.55
C THR E 118 24.23 16.71 -33.66
N PRO E 119 24.46 17.29 -32.45
CA PRO E 119 23.31 17.74 -31.64
C PRO E 119 22.39 18.73 -32.39
N ALA E 120 23.01 19.65 -33.17
CA ALA E 120 22.28 20.64 -33.98
C ALA E 120 21.47 19.99 -35.12
N VAL E 121 22.02 18.97 -35.77
CA VAL E 121 21.31 18.28 -36.85
C VAL E 121 20.18 17.40 -36.27
N HIS E 122 20.42 16.80 -35.10
CA HIS E 122 19.47 16.02 -34.31
C HIS E 122 18.27 16.93 -33.97
N ALA E 123 18.51 18.17 -33.54
CA ALA E 123 17.44 19.11 -33.21
C ALA E 123 16.63 19.53 -34.46
N SER E 124 17.31 19.79 -35.61
CA SER E 124 16.63 20.17 -36.84
C SER E 124 15.75 19.04 -37.37
N LEU E 125 16.30 17.81 -37.42
CA LEU E 125 15.54 16.63 -37.87
C LEU E 125 14.35 16.35 -36.96
N ASP E 126 14.52 16.59 -35.65
CA ASP E 126 13.44 16.40 -34.68
C ASP E 126 12.33 17.41 -34.97
N LYS E 127 12.67 18.68 -35.17
CA LYS E 127 11.70 19.71 -35.50
C LYS E 127 10.98 19.40 -36.83
N PHE E 128 11.72 18.95 -37.86
CA PHE E 128 11.20 18.56 -39.18
C PHE E 128 10.23 17.39 -39.09
N LEU E 129 10.59 16.29 -38.40
CA LEU E 129 9.69 15.14 -38.27
C LEU E 129 8.43 15.50 -37.46
N ALA E 130 8.54 16.48 -36.54
CA ALA E 130 7.40 16.93 -35.75
C ALA E 130 6.47 17.79 -36.61
N SER E 131 7.01 18.53 -37.61
CA SER E 131 6.19 19.32 -38.54
C SER E 131 5.38 18.34 -39.41
N VAL E 132 6.07 17.33 -39.99
CA VAL E 132 5.48 16.26 -40.79
C VAL E 132 4.29 15.60 -40.05
N SER E 133 4.47 15.32 -38.74
CA SER E 133 3.47 14.73 -37.85
C SER E 133 2.31 15.67 -37.56
N THR E 134 2.58 16.97 -37.36
CA THR E 134 1.56 17.98 -37.12
C THR E 134 0.60 18.04 -38.32
N VAL E 135 1.17 18.06 -39.54
CA VAL E 135 0.43 18.10 -40.79
C VAL E 135 -0.36 16.81 -40.99
N LEU E 136 0.27 15.65 -40.74
CA LEU E 136 -0.38 14.35 -40.90
C LEU E 136 -1.55 14.10 -39.93
N THR E 137 -1.64 14.87 -38.85
CA THR E 137 -2.72 14.75 -37.87
C THR E 137 -3.69 15.94 -37.87
N SER E 138 -3.51 16.92 -38.77
CA SER E 138 -4.30 18.13 -38.79
C SER E 138 -5.73 17.98 -39.33
N LYS E 139 -6.03 16.92 -40.09
CA LYS E 139 -7.37 16.74 -40.66
C LYS E 139 -8.30 15.90 -39.80
N HIS F 2 10.01 -6.26 -18.21
CA HIS F 2 9.78 -7.63 -18.69
C HIS F 2 10.72 -8.04 -19.83
N LEU F 3 12.04 -8.13 -19.54
CA LEU F 3 12.99 -8.51 -20.57
C LEU F 3 13.15 -10.02 -20.67
N THR F 4 13.18 -10.56 -21.91
CA THR F 4 13.44 -11.99 -22.10
C THR F 4 14.95 -12.24 -21.84
N PRO F 5 15.37 -13.50 -21.60
CA PRO F 5 16.82 -13.74 -21.39
C PRO F 5 17.69 -13.23 -22.54
N GLU F 6 17.23 -13.37 -23.80
CA GLU F 6 17.96 -12.91 -24.98
C GLU F 6 18.05 -11.38 -25.01
N GLU F 7 16.98 -10.68 -24.57
CA GLU F 7 16.96 -9.22 -24.50
C GLU F 7 17.89 -8.71 -23.41
N LYS F 8 17.86 -9.35 -22.23
CA LYS F 8 18.69 -8.99 -21.09
C LYS F 8 20.18 -9.14 -21.46
N SER F 9 20.52 -10.23 -22.18
CA SER F 9 21.87 -10.51 -22.66
C SER F 9 22.34 -9.44 -23.65
N ALA F 10 21.47 -9.05 -24.61
CA ALA F 10 21.80 -8.04 -25.62
C ALA F 10 22.05 -6.68 -24.99
N VAL F 11 21.23 -6.32 -23.99
CA VAL F 11 21.34 -5.06 -23.27
C VAL F 11 22.67 -4.98 -22.51
N THR F 12 23.00 -6.04 -21.77
CA THR F 12 24.21 -6.07 -20.98
C THR F 12 25.47 -6.09 -21.85
N ALA F 13 25.41 -6.77 -23.01
CA ALA F 13 26.57 -6.83 -23.90
C ALA F 13 26.88 -5.44 -24.48
N LEU F 14 25.85 -4.68 -24.84
CA LEU F 14 26.05 -3.34 -25.39
C LEU F 14 26.49 -2.36 -24.31
N TRP F 15 25.87 -2.44 -23.12
CA TRP F 15 26.18 -1.55 -22.01
C TRP F 15 27.63 -1.63 -21.51
N GLY F 16 28.23 -2.81 -21.58
CA GLY F 16 29.62 -3.00 -21.18
C GLY F 16 30.60 -2.23 -22.06
N LYS F 17 30.17 -1.86 -23.29
CA LYS F 17 30.99 -1.11 -24.24
C LYS F 17 30.82 0.41 -24.11
N VAL F 18 29.85 0.87 -23.30
CA VAL F 18 29.52 2.27 -23.10
C VAL F 18 30.57 3.02 -22.29
N ASN F 19 31.02 4.19 -22.79
CA ASN F 19 31.95 5.02 -22.04
C ASN F 19 31.08 5.75 -21.01
N VAL F 20 31.25 5.37 -19.73
CA VAL F 20 30.51 5.92 -18.60
C VAL F 20 30.80 7.39 -18.34
N ASP F 21 31.95 7.89 -18.79
CA ASP F 21 32.31 9.30 -18.59
C ASP F 21 31.72 10.22 -19.66
N GLU F 22 31.30 9.68 -20.83
CA GLU F 22 30.84 10.55 -21.92
C GLU F 22 29.38 10.43 -22.34
N VAL F 23 28.83 9.21 -22.38
CA VAL F 23 27.48 8.95 -22.88
C VAL F 23 26.39 9.72 -22.12
N GLY F 24 26.51 9.81 -20.79
CA GLY F 24 25.55 10.57 -19.99
C GLY F 24 25.55 12.05 -20.31
N GLY F 25 26.73 12.64 -20.46
CA GLY F 25 26.86 14.05 -20.82
C GLY F 25 26.31 14.33 -22.21
N GLU F 26 26.51 13.39 -23.15
CA GLU F 26 26.00 13.50 -24.51
C GLU F 26 24.46 13.44 -24.53
N ALA F 27 23.87 12.54 -23.72
CA ALA F 27 22.42 12.40 -23.63
C ALA F 27 21.81 13.64 -22.96
N LEU F 28 22.40 14.12 -21.85
CA LEU F 28 21.89 15.32 -21.17
C LEU F 28 22.02 16.56 -22.09
N GLY F 29 23.19 16.69 -22.74
CA GLY F 29 23.46 17.79 -23.66
C GLY F 29 22.47 17.83 -24.81
N ARG F 30 22.18 16.66 -25.41
CA ARG F 30 21.19 16.58 -26.47
C ARG F 30 19.79 16.86 -25.98
N LEU F 31 19.44 16.48 -24.75
CA LEU F 31 18.11 16.78 -24.18
C LEU F 31 17.95 18.31 -24.08
N LEU F 32 18.99 19.01 -23.57
CA LEU F 32 19.00 20.46 -23.43
C LEU F 32 18.97 21.21 -24.79
N VAL F 33 19.57 20.63 -25.84
CA VAL F 33 19.57 21.25 -27.18
C VAL F 33 18.26 20.96 -27.94
N VAL F 34 17.82 19.70 -27.95
CA VAL F 34 16.65 19.26 -28.69
C VAL F 34 15.31 19.68 -28.03
N TYR F 35 15.25 19.70 -26.68
CA TYR F 35 14.02 20.12 -25.95
C TYR F 35 14.41 21.28 -25.03
N PRO F 36 14.57 22.50 -25.58
CA PRO F 36 15.15 23.59 -24.80
C PRO F 36 14.45 24.03 -23.51
N TRP F 37 13.15 23.74 -23.35
CA TRP F 37 12.47 24.07 -22.10
C TRP F 37 13.10 23.33 -20.89
N THR F 38 13.79 22.19 -21.13
CA THR F 38 14.47 21.45 -20.04
C THR F 38 15.61 22.25 -19.40
N GLN F 39 16.11 23.31 -20.08
CA GLN F 39 17.16 24.19 -19.57
C GLN F 39 16.71 24.96 -18.32
N ARG F 40 15.40 25.17 -18.15
CA ARG F 40 14.79 25.83 -17.00
C ARG F 40 15.25 25.19 -15.67
N PHE F 41 15.50 23.87 -15.68
CA PHE F 41 15.92 23.13 -14.50
C PHE F 41 17.42 23.19 -14.23
N PHE F 42 18.22 23.68 -15.17
CA PHE F 42 19.67 23.69 -15.05
C PHE F 42 20.24 25.10 -15.21
N GLU F 43 19.56 26.12 -14.66
CA GLU F 43 20.04 27.51 -14.72
C GLU F 43 21.36 27.70 -13.97
N SER F 44 21.61 26.87 -12.93
CA SER F 44 22.84 26.92 -12.15
C SER F 44 24.07 26.40 -12.96
N PHE F 45 23.83 25.75 -14.12
CA PHE F 45 24.89 25.19 -14.96
C PHE F 45 25.62 26.22 -15.82
N GLY F 46 25.13 27.45 -15.87
CA GLY F 46 25.78 28.50 -16.62
C GLY F 46 25.37 28.58 -18.07
N ASP F 47 26.36 28.75 -18.96
CA ASP F 47 26.13 28.89 -20.40
C ASP F 47 25.61 27.63 -21.10
N LEU F 48 24.36 27.71 -21.57
CA LEU F 48 23.69 26.69 -22.38
C LEU F 48 23.06 27.35 -23.64
N SER F 49 23.56 28.52 -24.07
CA SER F 49 23.00 29.31 -25.19
C SER F 49 23.18 28.70 -26.57
N THR F 50 24.21 27.88 -26.77
CA THR F 50 24.45 27.24 -28.07
C THR F 50 24.72 25.73 -27.88
N PRO F 51 24.58 24.90 -28.94
CA PRO F 51 24.96 23.48 -28.80
C PRO F 51 26.42 23.29 -28.34
N ASP F 52 27.37 24.16 -28.79
CA ASP F 52 28.77 24.05 -28.33
C ASP F 52 28.91 24.39 -26.84
N ALA F 53 28.19 25.43 -26.36
CA ALA F 53 28.22 25.83 -24.95
C ALA F 53 27.66 24.69 -24.09
N VAL F 54 26.57 24.04 -24.55
CA VAL F 54 25.97 22.91 -23.85
C VAL F 54 26.91 21.68 -23.82
N MET F 55 27.36 21.20 -25.01
CA MET F 55 28.18 20.00 -25.11
C MET F 55 29.58 20.15 -24.46
N GLY F 56 30.09 21.37 -24.37
CA GLY F 56 31.38 21.61 -23.73
C GLY F 56 31.30 22.03 -22.27
N ASN F 57 30.08 22.21 -21.73
CA ASN F 57 29.87 22.64 -20.34
C ASN F 57 30.28 21.55 -19.33
N PRO F 58 31.25 21.85 -18.43
CA PRO F 58 31.69 20.85 -17.43
C PRO F 58 30.58 20.34 -16.50
N LYS F 59 29.64 21.21 -16.13
CA LYS F 59 28.53 20.81 -15.25
C LYS F 59 27.58 19.86 -15.96
N VAL F 60 27.39 20.03 -17.27
CA VAL F 60 26.54 19.14 -18.08
C VAL F 60 27.22 17.75 -18.12
N LYS F 61 28.55 17.74 -18.36
CA LYS F 61 29.31 16.49 -18.42
C LYS F 61 29.27 15.74 -17.07
N ALA F 62 29.53 16.47 -15.96
CA ALA F 62 29.51 15.88 -14.62
C ALA F 62 28.10 15.40 -14.23
N HIS F 63 27.03 16.18 -14.56
CA HIS F 63 25.67 15.73 -14.25
C HIS F 63 25.30 14.49 -15.07
N GLY F 64 25.73 14.46 -16.32
CA GLY F 64 25.49 13.31 -17.19
C GLY F 64 26.07 12.02 -16.65
N LYS F 65 27.21 12.12 -15.96
CA LYS F 65 27.83 11.00 -15.27
C LYS F 65 26.94 10.48 -14.12
N LYS F 66 26.31 11.39 -13.36
CA LYS F 66 25.38 10.99 -12.30
C LYS F 66 24.18 10.28 -12.90
N VAL F 67 23.63 10.82 -14.01
CA VAL F 67 22.46 10.24 -14.69
C VAL F 67 22.75 8.85 -15.25
N LEU F 68 23.90 8.70 -15.93
CA LEU F 68 24.32 7.41 -16.49
C LEU F 68 24.56 6.38 -15.41
N GLY F 69 25.08 6.81 -14.26
CA GLY F 69 25.29 5.95 -13.10
C GLY F 69 23.96 5.42 -12.55
N ALA F 70 22.90 6.24 -12.59
CA ALA F 70 21.59 5.80 -12.15
C ALA F 70 21.00 4.81 -13.16
N PHE F 71 21.21 5.05 -14.48
CA PHE F 71 20.75 4.09 -15.50
C PHE F 71 21.48 2.75 -15.31
N SER F 72 22.79 2.75 -14.98
CA SER F 72 23.56 1.53 -14.71
C SER F 72 23.02 0.79 -13.51
N ASP F 73 22.60 1.53 -12.47
CA ASP F 73 21.99 0.96 -11.28
C ASP F 73 20.68 0.24 -11.65
N GLY F 74 19.89 0.86 -12.53
CA GLY F 74 18.66 0.26 -13.04
C GLY F 74 18.93 -1.03 -13.80
N LEU F 75 19.98 -1.05 -14.63
CA LEU F 75 20.38 -2.23 -15.40
C LEU F 75 20.77 -3.42 -14.53
N ALA F 76 21.25 -3.16 -13.32
CA ALA F 76 21.62 -4.22 -12.36
C ALA F 76 20.42 -4.69 -11.51
N HIS F 77 19.26 -4.02 -11.60
CA HIS F 77 18.08 -4.35 -10.80
C HIS F 77 16.84 -4.21 -11.68
N LEU F 78 16.85 -4.83 -12.86
CA LEU F 78 15.75 -4.72 -13.81
C LEU F 78 14.42 -5.24 -13.28
N ASP F 79 14.46 -6.16 -12.32
CA ASP F 79 13.24 -6.70 -11.72
C ASP F 79 12.69 -5.85 -10.57
N ASN F 80 13.40 -4.79 -10.16
CA ASN F 80 12.93 -3.94 -9.07
C ASN F 80 13.29 -2.49 -9.32
N LEU F 81 12.90 -1.96 -10.49
CA LEU F 81 13.19 -0.58 -10.85
C LEU F 81 12.48 0.40 -9.92
N LYS F 82 11.23 0.12 -9.55
CA LYS F 82 10.47 1.01 -8.67
C LYS F 82 11.18 1.27 -7.34
N GLY F 83 11.63 0.19 -6.69
CA GLY F 83 12.37 0.28 -5.43
C GLY F 83 13.70 0.97 -5.60
N THR F 84 14.46 0.61 -6.65
CA THR F 84 15.76 1.21 -6.96
C THR F 84 15.69 2.73 -7.14
N PHE F 85 14.64 3.19 -7.82
CA PHE F 85 14.48 4.62 -8.09
C PHE F 85 13.56 5.37 -7.13
N ALA F 86 13.08 4.73 -6.05
CA ALA F 86 12.13 5.39 -5.15
C ALA F 86 12.57 6.77 -4.61
N THR F 87 13.76 6.87 -4.01
CA THR F 87 14.22 8.15 -3.46
C THR F 87 14.52 9.17 -4.58
N LEU F 88 15.02 8.69 -5.74
CA LEU F 88 15.26 9.55 -6.90
C LEU F 88 13.92 10.10 -7.47
N SER F 89 12.88 9.29 -7.43
CA SER F 89 11.53 9.66 -7.91
C SER F 89 10.92 10.74 -6.98
N GLU F 90 11.07 10.58 -5.64
CA GLU F 90 10.57 11.55 -4.65
C GLU F 90 11.33 12.90 -4.86
N LEU F 91 12.64 12.84 -5.13
CA LEU F 91 13.43 14.04 -5.41
C LEU F 91 12.92 14.81 -6.65
N HIS F 92 12.75 14.11 -7.78
CA HIS F 92 12.31 14.73 -9.01
C HIS F 92 10.91 15.32 -8.91
N CYS F 93 10.04 14.72 -8.12
CA CYS F 93 8.69 15.23 -7.91
C CYS F 93 8.70 16.39 -6.90
N ASP F 94 9.05 16.10 -5.64
CA ASP F 94 8.97 17.01 -4.52
C ASP F 94 9.94 18.15 -4.53
N LYS F 95 11.17 17.91 -4.98
CA LYS F 95 12.19 18.96 -4.93
C LYS F 95 12.45 19.62 -6.26
N LEU F 96 12.46 18.85 -7.35
CA LEU F 96 12.80 19.38 -8.67
C LEU F 96 11.62 19.82 -9.49
N HIS F 97 10.42 19.22 -9.26
CA HIS F 97 9.18 19.53 -9.99
C HIS F 97 9.29 19.31 -11.51
N VAL F 98 9.97 18.26 -11.94
CA VAL F 98 10.11 17.93 -13.36
C VAL F 98 8.87 17.15 -13.80
N ASP F 99 8.22 17.53 -14.90
CA ASP F 99 7.09 16.74 -15.38
C ASP F 99 7.57 15.39 -15.89
N PRO F 100 6.90 14.29 -15.49
CA PRO F 100 7.37 12.96 -15.88
C PRO F 100 7.46 12.68 -17.39
N GLU F 101 6.78 13.50 -18.22
CA GLU F 101 6.89 13.35 -19.68
C GLU F 101 8.38 13.54 -20.12
N ASN F 102 9.12 14.40 -19.41
CA ASN F 102 10.54 14.66 -19.69
C ASN F 102 11.44 13.45 -19.46
N PHE F 103 11.02 12.52 -18.57
CA PHE F 103 11.77 11.28 -18.34
C PHE F 103 11.75 10.43 -19.63
N ARG F 104 10.59 10.41 -20.31
CA ARG F 104 10.44 9.70 -21.55
C ARG F 104 11.34 10.30 -22.64
N LEU F 105 11.44 11.63 -22.69
CA LEU F 105 12.28 12.33 -23.67
C LEU F 105 13.75 12.07 -23.45
N LEU F 106 14.19 11.96 -22.19
CA LEU F 106 15.60 11.68 -21.89
C LEU F 106 15.94 10.24 -22.29
N GLY F 107 15.04 9.30 -22.02
CA GLY F 107 15.23 7.90 -22.40
C GLY F 107 15.37 7.74 -23.91
N ASN F 108 14.56 8.47 -24.66
CA ASN F 108 14.63 8.45 -26.13
C ASN F 108 15.90 9.12 -26.69
N VAL F 109 16.37 10.19 -26.06
CA VAL F 109 17.61 10.82 -26.45
C VAL F 109 18.78 9.83 -26.17
N LEU F 110 18.74 9.10 -25.03
CA LEU F 110 19.76 8.10 -24.70
C LEU F 110 19.80 6.98 -25.79
N VAL F 111 18.63 6.52 -26.24
CA VAL F 111 18.53 5.55 -27.31
C VAL F 111 19.19 6.10 -28.61
N CYS F 112 18.97 7.38 -28.95
CA CYS F 112 19.59 8.03 -30.12
C CYS F 112 21.14 8.11 -29.97
N VAL F 113 21.63 8.38 -28.75
CA VAL F 113 23.08 8.45 -28.47
C VAL F 113 23.70 7.05 -28.62
N LEU F 114 23.01 6.00 -28.14
CA LEU F 114 23.49 4.63 -28.31
C LEU F 114 23.53 4.25 -29.80
N ALA F 115 22.46 4.59 -30.56
CA ALA F 115 22.43 4.33 -32.00
C ALA F 115 23.57 5.06 -32.72
N HIS F 116 23.82 6.31 -32.32
CA HIS F 116 24.87 7.12 -32.91
C HIS F 116 26.27 6.52 -32.65
N HIS F 117 26.52 6.05 -31.40
CA HIS F 117 27.81 5.49 -31.03
C HIS F 117 28.05 4.09 -31.61
N PHE F 118 27.02 3.24 -31.60
CA PHE F 118 27.16 1.85 -32.01
C PHE F 118 26.83 1.54 -33.47
N GLY F 119 26.14 2.46 -34.15
CA GLY F 119 25.79 2.30 -35.56
C GLY F 119 25.03 1.04 -35.86
N LYS F 120 25.55 0.22 -36.81
CA LYS F 120 24.98 -1.05 -37.23
C LYS F 120 24.77 -2.05 -36.08
N GLU F 121 25.65 -2.01 -35.03
CA GLU F 121 25.54 -2.85 -33.83
C GLU F 121 24.22 -2.60 -33.08
N PHE F 122 23.69 -1.36 -33.15
CA PHE F 122 22.43 -1.04 -32.48
C PHE F 122 21.27 -1.48 -33.38
N THR F 123 21.09 -2.81 -33.52
CA THR F 123 20.09 -3.39 -34.40
C THR F 123 18.65 -3.14 -33.93
N PRO F 124 17.63 -3.31 -34.82
CA PRO F 124 16.23 -3.20 -34.34
C PRO F 124 15.93 -4.08 -33.10
N PRO F 125 16.37 -5.37 -32.96
CA PRO F 125 16.08 -6.11 -31.72
C PRO F 125 16.82 -5.54 -30.49
N VAL F 126 18.04 -5.01 -30.68
CA VAL F 126 18.78 -4.40 -29.57
C VAL F 126 18.04 -3.15 -29.09
N GLN F 127 17.59 -2.32 -30.04
CA GLN F 127 16.82 -1.13 -29.71
C GLN F 127 15.51 -1.49 -28.99
N ALA F 128 14.77 -2.51 -29.46
CA ALA F 128 13.52 -2.92 -28.80
C ALA F 128 13.74 -3.27 -27.32
N ALA F 129 14.86 -3.93 -26.98
CA ALA F 129 15.20 -4.26 -25.59
C ALA F 129 15.51 -2.99 -24.78
N TYR F 130 16.27 -2.04 -25.38
CA TYR F 130 16.58 -0.77 -24.74
C TYR F 130 15.33 0.12 -24.54
N GLN F 131 14.33 0.00 -25.42
CA GLN F 131 13.08 0.76 -25.26
C GLN F 131 12.30 0.25 -24.02
N LYS F 132 12.36 -1.06 -23.74
CA LYS F 132 11.74 -1.59 -22.52
C LYS F 132 12.46 -1.03 -21.28
N VAL F 133 13.80 -0.97 -21.34
CA VAL F 133 14.60 -0.45 -20.24
C VAL F 133 14.29 1.02 -19.96
N VAL F 134 14.35 1.87 -20.99
CA VAL F 134 14.14 3.31 -20.77
C VAL F 134 12.68 3.61 -20.38
N ALA F 135 11.70 2.84 -20.88
CA ALA F 135 10.31 3.04 -20.44
C ALA F 135 10.17 2.59 -18.96
N GLY F 136 10.88 1.54 -18.56
CA GLY F 136 10.87 1.04 -17.19
C GLY F 136 11.50 2.04 -16.25
N VAL F 137 12.63 2.65 -16.66
CA VAL F 137 13.30 3.65 -15.84
C VAL F 137 12.37 4.90 -15.69
N ALA F 138 11.77 5.38 -16.81
CA ALA F 138 10.87 6.54 -16.78
C ALA F 138 9.66 6.27 -15.89
N ASN F 139 9.08 5.07 -15.97
CA ASN F 139 7.95 4.69 -15.14
C ASN F 139 8.36 4.59 -13.64
N ALA F 140 9.58 4.10 -13.35
CA ALA F 140 10.02 4.02 -11.95
C ALA F 140 10.27 5.42 -11.39
N LEU F 141 10.82 6.33 -12.21
CA LEU F 141 11.06 7.70 -11.78
C LEU F 141 9.75 8.49 -11.59
N ALA F 142 8.68 8.13 -12.32
CA ALA F 142 7.39 8.79 -12.16
C ALA F 142 6.54 8.17 -11.01
N HIS F 143 6.96 7.02 -10.45
CA HIS F 143 6.17 6.30 -9.45
C HIS F 143 5.77 7.12 -8.21
N LYS F 144 6.72 7.81 -7.57
CA LYS F 144 6.41 8.61 -6.38
C LYS F 144 5.73 9.94 -6.69
N TYR F 145 5.27 10.16 -7.92
CA TYR F 145 4.50 11.35 -8.26
C TYR F 145 3.06 11.10 -7.79
N VAL G 1 -6.09 22.35 -38.00
CA VAL G 1 -6.63 23.42 -38.84
C VAL G 1 -8.10 23.66 -38.48
N LEU G 2 -8.45 24.91 -38.16
CA LEU G 2 -9.80 25.28 -37.71
C LEU G 2 -10.74 25.51 -38.87
N SER G 3 -11.76 24.67 -38.98
CA SER G 3 -12.78 24.73 -40.04
C SER G 3 -13.70 25.96 -39.88
N PRO G 4 -14.50 26.35 -40.92
CA PRO G 4 -15.43 27.48 -40.72
C PRO G 4 -16.45 27.21 -39.60
N ALA G 5 -16.88 25.95 -39.42
CA ALA G 5 -17.80 25.61 -38.32
C ALA G 5 -17.10 25.81 -36.97
N ASP G 6 -15.80 25.43 -36.87
CA ASP G 6 -15.04 25.64 -35.64
C ASP G 6 -14.92 27.11 -35.29
N LYS G 7 -14.62 27.96 -36.28
CA LYS G 7 -14.49 29.40 -36.09
C LYS G 7 -15.83 30.01 -35.64
N THR G 8 -16.94 29.55 -36.21
CA THR G 8 -18.28 29.99 -35.83
C THR G 8 -18.53 29.64 -34.35
N ASN G 9 -18.26 28.39 -33.98
CA ASN G 9 -18.44 27.89 -32.63
C ASN G 9 -17.59 28.64 -31.60
N VAL G 10 -16.31 28.86 -31.89
CA VAL G 10 -15.41 29.57 -31.00
C VAL G 10 -15.87 31.01 -30.81
N LYS G 11 -16.21 31.71 -31.91
CA LYS G 11 -16.68 33.09 -31.81
C LYS G 11 -17.97 33.20 -31.01
N ALA G 12 -18.93 32.28 -31.22
CA ALA G 12 -20.18 32.30 -30.48
C ALA G 12 -19.99 31.99 -28.98
N ALA G 13 -19.16 31.00 -28.67
CA ALA G 13 -18.96 30.61 -27.26
C ALA G 13 -18.11 31.64 -26.51
N TRP G 14 -17.02 32.10 -27.12
CA TRP G 14 -16.17 33.12 -26.52
C TRP G 14 -16.90 34.46 -26.40
N GLY G 15 -17.84 34.74 -27.30
CA GLY G 15 -18.65 35.96 -27.23
C GLY G 15 -19.61 35.96 -26.05
N LYS G 16 -20.01 34.75 -25.56
CA LYS G 16 -20.86 34.61 -24.37
C LYS G 16 -20.07 34.95 -23.10
N VAL G 17 -18.73 34.80 -23.12
CA VAL G 17 -17.84 35.12 -22.01
C VAL G 17 -17.93 36.62 -21.75
N GLY G 18 -17.74 37.42 -22.80
CA GLY G 18 -17.83 38.88 -22.77
C GLY G 18 -17.06 39.56 -21.66
N ALA G 19 -17.77 40.31 -20.83
CA ALA G 19 -17.18 41.04 -19.71
C ALA G 19 -16.66 40.13 -18.56
N HIS G 20 -16.98 38.81 -18.59
CA HIS G 20 -16.48 37.88 -17.57
C HIS G 20 -15.13 37.27 -17.90
N ALA G 21 -14.45 37.73 -18.97
CA ALA G 21 -13.18 37.20 -19.40
C ALA G 21 -12.13 37.13 -18.29
N GLY G 22 -11.90 38.25 -17.58
CA GLY G 22 -10.92 38.28 -16.49
C GLY G 22 -11.28 37.31 -15.37
N GLU G 23 -12.57 37.26 -15.01
CA GLU G 23 -13.12 36.40 -13.97
C GLU G 23 -12.89 34.92 -14.32
N TYR G 24 -13.16 34.55 -15.59
CA TYR G 24 -12.99 33.17 -16.04
C TYR G 24 -11.51 32.79 -16.18
N GLY G 25 -10.67 33.74 -16.56
CA GLY G 25 -9.23 33.52 -16.67
C GLY G 25 -8.65 33.27 -15.30
N ALA G 26 -9.09 34.03 -14.29
CA ALA G 26 -8.66 33.89 -12.90
C ALA G 26 -9.14 32.54 -12.34
N GLU G 27 -10.39 32.17 -12.65
CA GLU G 27 -10.93 30.88 -12.23
C GLU G 27 -10.14 29.70 -12.85
N ALA G 28 -9.80 29.77 -14.15
CA ALA G 28 -9.02 28.74 -14.84
C ALA G 28 -7.62 28.60 -14.26
N LEU G 29 -7.00 29.73 -13.86
CA LEU G 29 -5.68 29.72 -13.25
C LEU G 29 -5.74 29.07 -11.88
N GLU G 30 -6.78 29.39 -11.10
CA GLU G 30 -6.96 28.79 -9.78
C GLU G 30 -7.20 27.28 -9.89
N ARG G 31 -7.98 26.85 -10.89
CA ARG G 31 -8.22 25.42 -11.14
C ARG G 31 -6.89 24.71 -11.45
N MET G 32 -6.03 25.35 -12.25
CA MET G 32 -4.75 24.82 -12.63
C MET G 32 -3.78 24.71 -11.44
N PHE G 33 -3.65 25.78 -10.62
CA PHE G 33 -2.77 25.75 -9.46
C PHE G 33 -3.19 24.69 -8.44
N LEU G 34 -4.51 24.49 -8.27
CA LEU G 34 -5.00 23.49 -7.31
C LEU G 34 -4.90 22.07 -7.86
N SER G 35 -5.24 21.84 -9.13
CA SER G 35 -5.22 20.49 -9.70
C SER G 35 -3.82 20.03 -10.07
N PHE G 36 -2.99 20.94 -10.56
CA PHE G 36 -1.65 20.62 -11.01
C PHE G 36 -0.66 21.56 -10.29
N PRO G 37 -0.39 21.29 -8.99
CA PRO G 37 0.46 22.19 -8.20
C PRO G 37 1.84 22.56 -8.74
N THR G 38 2.49 21.69 -9.55
CA THR G 38 3.80 22.02 -10.13
C THR G 38 3.73 23.32 -10.98
N THR G 39 2.54 23.67 -11.51
CA THR G 39 2.39 24.89 -12.31
C THR G 39 2.62 26.17 -11.49
N LYS G 40 2.51 26.09 -10.15
CA LYS G 40 2.74 27.22 -9.25
C LYS G 40 4.18 27.71 -9.29
N THR G 41 5.14 26.81 -9.59
CA THR G 41 6.57 27.12 -9.67
C THR G 41 6.91 28.15 -10.75
N TYR G 42 6.02 28.36 -11.73
CA TYR G 42 6.22 29.38 -12.75
C TYR G 42 5.90 30.79 -12.23
N PHE G 43 5.21 30.92 -11.08
CA PHE G 43 4.83 32.22 -10.52
C PHE G 43 5.36 32.30 -9.08
N PRO G 44 6.69 32.23 -8.85
CA PRO G 44 7.20 32.21 -7.47
C PRO G 44 6.95 33.48 -6.66
N HIS G 45 6.88 34.62 -7.36
CA HIS G 45 6.70 35.98 -6.90
CA HIS G 45 6.69 35.90 -6.68
C HIS G 45 5.22 36.35 -6.64
N PHE G 46 4.29 35.47 -7.02
CA PHE G 46 2.87 35.71 -6.93
C PHE G 46 2.30 35.25 -5.59
N ASP G 47 1.27 35.94 -5.12
CA ASP G 47 0.45 35.55 -4.00
C ASP G 47 -0.57 34.66 -4.73
N LEU G 48 -0.52 33.35 -4.48
CA LEU G 48 -1.40 32.43 -5.17
C LEU G 48 -2.61 31.98 -4.34
N SER G 49 -2.95 32.71 -3.27
CA SER G 49 -4.11 32.40 -2.45
C SER G 49 -5.42 32.72 -3.19
N HIS G 50 -6.53 32.16 -2.72
CA HIS G 50 -7.84 32.38 -3.34
C HIS G 50 -8.22 33.88 -3.29
N GLY G 51 -8.66 34.40 -4.42
CA GLY G 51 -9.08 35.79 -4.54
C GLY G 51 -7.96 36.82 -4.58
N SER G 52 -6.71 36.37 -4.81
CA SER G 52 -5.58 37.30 -4.86
C SER G 52 -5.62 38.20 -6.10
N ALA G 53 -5.31 39.49 -5.91
CA ALA G 53 -5.31 40.48 -6.98
C ALA G 53 -4.33 40.13 -8.10
N GLN G 54 -3.19 39.50 -7.78
CA GLN G 54 -2.22 39.08 -8.78
C GLN G 54 -2.78 38.01 -9.70
N VAL G 55 -3.53 37.03 -9.14
CA VAL G 55 -4.16 35.97 -9.92
C VAL G 55 -5.26 36.58 -10.81
N LYS G 56 -6.07 37.46 -10.22
CA LYS G 56 -7.12 38.17 -10.95
C LYS G 56 -6.55 38.97 -12.14
N GLY G 57 -5.46 39.68 -11.90
CA GLY G 57 -4.80 40.48 -12.92
C GLY G 57 -4.22 39.63 -14.02
N HIS G 58 -3.56 38.51 -13.65
CA HIS G 58 -3.00 37.62 -14.65
C HIS G 58 -4.08 36.92 -15.48
N GLY G 59 -5.21 36.62 -14.86
CA GLY G 59 -6.34 35.97 -15.52
C GLY G 59 -6.97 36.84 -16.60
N LYS G 60 -6.97 38.14 -16.35
CA LYS G 60 -7.47 39.09 -17.32
C LYS G 60 -6.48 39.18 -18.50
N LYS G 61 -5.14 39.12 -18.23
CA LYS G 61 -4.14 39.14 -19.32
C LYS G 61 -4.33 37.90 -20.22
N VAL G 62 -4.42 36.72 -19.62
CA VAL G 62 -4.61 35.49 -20.36
C VAL G 62 -5.89 35.53 -21.23
N ALA G 63 -7.05 35.89 -20.63
CA ALA G 63 -8.32 35.97 -21.35
C ALA G 63 -8.33 37.00 -22.46
N ASP G 64 -7.68 38.15 -22.26
CA ASP G 64 -7.60 39.18 -23.30
C ASP G 64 -6.70 38.72 -24.46
N ALA G 65 -5.64 37.93 -24.16
CA ALA G 65 -4.81 37.37 -25.22
C ALA G 65 -5.64 36.34 -26.04
N LEU G 66 -6.50 35.58 -25.39
CA LEU G 66 -7.43 34.65 -26.03
C LEU G 66 -8.50 35.38 -26.83
N THR G 67 -9.04 36.50 -26.33
CA THR G 67 -10.00 37.31 -27.06
C THR G 67 -9.33 37.89 -28.33
N ASN G 68 -8.06 38.29 -28.23
CA ASN G 68 -7.32 38.79 -29.37
C ASN G 68 -7.10 37.66 -30.39
N ALA G 69 -6.80 36.45 -29.91
CA ALA G 69 -6.61 35.27 -30.76
C ALA G 69 -7.90 34.88 -31.49
N VAL G 70 -9.06 35.09 -30.87
CA VAL G 70 -10.36 34.80 -31.51
C VAL G 70 -10.59 35.81 -32.66
N ALA G 71 -10.23 37.09 -32.44
CA ALA G 71 -10.36 38.11 -33.47
C ALA G 71 -9.38 37.88 -34.64
N HIS G 72 -8.21 37.29 -34.36
CA HIS G 72 -7.21 37.00 -35.37
C HIS G 72 -7.08 35.49 -35.60
N VAL G 73 -8.22 34.78 -35.62
CA VAL G 73 -8.23 33.33 -35.79
C VAL G 73 -7.68 32.90 -37.17
N ASP G 74 -7.78 33.78 -38.18
CA ASP G 74 -7.26 33.53 -39.53
C ASP G 74 -5.74 33.74 -39.64
N ASP G 75 -5.12 34.44 -38.67
CA ASP G 75 -3.68 34.69 -38.67
C ASP G 75 -3.11 34.69 -37.25
N MET G 76 -3.42 33.63 -36.49
CA MET G 76 -2.97 33.46 -35.11
C MET G 76 -1.44 33.44 -34.90
N PRO G 77 -0.62 32.78 -35.75
CA PRO G 77 0.84 32.80 -35.51
C PRO G 77 1.42 34.21 -35.50
N ASN G 78 0.90 35.12 -36.35
CA ASN G 78 1.36 36.49 -36.38
C ASN G 78 0.89 37.27 -35.15
N ALA G 79 -0.41 37.14 -34.79
CA ALA G 79 -0.97 37.86 -33.66
C ALA G 79 -0.33 37.47 -32.33
N LEU G 80 -0.04 36.17 -32.12
CA LEU G 80 0.58 35.71 -30.88
C LEU G 80 2.11 35.51 -31.01
N SER G 81 2.75 36.12 -32.01
CA SER G 81 4.20 35.96 -32.23
C SER G 81 5.06 36.40 -31.04
N ALA G 82 4.81 37.60 -30.51
CA ALA G 82 5.59 38.11 -29.37
C ALA G 82 5.33 37.28 -28.13
N LEU G 83 4.08 36.82 -27.93
CA LEU G 83 3.75 35.99 -26.78
C LEU G 83 4.44 34.62 -26.87
N SER G 84 4.55 34.09 -28.08
CA SER G 84 5.21 32.83 -28.36
C SER G 84 6.70 32.90 -27.97
N ASP G 85 7.36 34.05 -28.29
CA ASP G 85 8.76 34.34 -27.97
C ASP G 85 8.96 34.34 -26.46
N LEU G 86 8.07 35.03 -25.72
CA LEU G 86 8.12 35.14 -24.26
C LEU G 86 7.98 33.79 -23.53
N HIS G 87 7.00 32.96 -23.92
CA HIS G 87 6.78 31.68 -23.24
C HIS G 87 7.88 30.64 -23.53
N ALA G 88 8.43 30.65 -24.74
CA ALA G 88 9.47 29.70 -25.09
C ALA G 88 10.88 30.16 -24.66
N HIS G 89 11.30 31.39 -25.01
CA HIS G 89 12.64 31.89 -24.74
C HIS G 89 12.88 32.37 -23.31
N LYS G 90 11.93 33.12 -22.72
CA LYS G 90 12.15 33.69 -21.38
C LYS G 90 11.61 32.83 -20.25
N LEU G 91 10.35 32.41 -20.36
CA LEU G 91 9.71 31.65 -19.31
C LEU G 91 10.05 30.16 -19.36
N ARG G 92 10.42 29.64 -20.54
CA ARG G 92 10.76 28.22 -20.76
C ARG G 92 9.65 27.29 -20.22
N VAL G 93 8.41 27.59 -20.58
CA VAL G 93 7.29 26.79 -20.14
C VAL G 93 7.29 25.42 -20.84
N ASP G 94 7.27 24.35 -20.06
CA ASP G 94 7.21 22.99 -20.59
C ASP G 94 5.86 22.84 -21.37
N PRO G 95 5.95 22.38 -22.65
CA PRO G 95 4.72 22.26 -23.47
C PRO G 95 3.58 21.47 -22.85
N VAL G 96 3.88 20.56 -21.91
CA VAL G 96 2.83 19.81 -21.24
C VAL G 96 1.91 20.73 -20.42
N ASN G 97 2.44 21.85 -19.92
CA ASN G 97 1.67 22.80 -19.11
C ASN G 97 0.58 23.51 -19.91
N PHE G 98 0.75 23.65 -21.24
CA PHE G 98 -0.27 24.28 -22.08
C PHE G 98 -1.53 23.39 -22.16
N LYS G 99 -1.36 22.05 -22.14
CA LYS G 99 -2.47 21.11 -22.11
C LYS G 99 -3.22 21.23 -20.79
N LEU G 100 -2.50 21.45 -19.66
CA LEU G 100 -3.11 21.61 -18.32
C LEU G 100 -3.94 22.89 -18.23
N LEU G 101 -3.42 24.05 -18.72
CA LEU G 101 -4.18 25.30 -18.70
C LEU G 101 -5.34 25.22 -19.67
N SER G 102 -5.13 24.62 -20.85
CA SER G 102 -6.22 24.46 -21.83
C SER G 102 -7.37 23.63 -21.25
N HIS G 103 -7.04 22.57 -20.49
CA HIS G 103 -8.04 21.74 -19.85
C HIS G 103 -8.80 22.56 -18.78
N CYS G 104 -8.09 23.35 -17.99
CA CYS G 104 -8.71 24.17 -16.95
C CYS G 104 -9.56 25.29 -17.52
N LEU G 105 -9.23 25.79 -18.72
CA LEU G 105 -10.01 26.82 -19.41
C LEU G 105 -11.31 26.16 -19.91
N LEU G 106 -11.22 24.93 -20.50
CA LEU G 106 -12.38 24.17 -20.96
C LEU G 106 -13.31 23.85 -19.81
N VAL G 107 -12.77 23.44 -18.66
CA VAL G 107 -13.56 23.14 -17.44
C VAL G 107 -14.32 24.40 -16.97
N THR G 108 -13.64 25.57 -16.98
CA THR G 108 -14.25 26.84 -16.59
C THR G 108 -15.38 27.20 -17.56
N LEU G 109 -15.16 27.01 -18.87
CA LEU G 109 -16.21 27.32 -19.86
C LEU G 109 -17.39 26.37 -19.68
N ALA G 110 -17.12 25.09 -19.43
CA ALA G 110 -18.17 24.09 -19.21
C ALA G 110 -19.00 24.44 -17.95
N ALA G 111 -18.34 24.93 -16.90
CA ALA G 111 -19.01 25.33 -15.67
C ALA G 111 -19.85 26.59 -15.81
N HIS G 112 -19.52 27.48 -16.76
CA HIS G 112 -20.24 28.74 -16.93
C HIS G 112 -21.14 28.80 -18.13
N LEU G 113 -21.03 27.86 -19.09
CA LEU G 113 -21.89 27.87 -20.29
C LEU G 113 -22.76 26.59 -20.37
N PRO G 114 -23.66 26.32 -19.40
CA PRO G 114 -24.47 25.08 -19.49
C PRO G 114 -25.35 24.97 -20.75
N ALA G 115 -25.91 26.10 -21.20
CA ALA G 115 -26.79 26.12 -22.37
C ALA G 115 -26.03 26.16 -23.71
N GLU G 116 -24.68 26.31 -23.73
CA GLU G 116 -23.97 26.32 -25.02
C GLU G 116 -22.93 25.27 -25.24
N PHE G 117 -22.41 24.63 -24.18
CA PHE G 117 -21.31 23.66 -24.26
C PHE G 117 -21.69 22.30 -24.86
N THR G 118 -22.14 22.28 -26.11
CA THR G 118 -22.53 21.04 -26.78
C THR G 118 -21.28 20.22 -27.17
N PRO G 119 -21.43 18.93 -27.56
CA PRO G 119 -20.26 18.16 -28.00
C PRO G 119 -19.47 18.86 -29.15
N ALA G 120 -20.17 19.44 -30.16
CA ALA G 120 -19.47 20.15 -31.25
C ALA G 120 -18.77 21.44 -30.80
N VAL G 121 -19.41 22.22 -29.91
CA VAL G 121 -18.81 23.44 -29.37
C VAL G 121 -17.58 23.07 -28.54
N HIS G 122 -17.67 22.00 -27.71
CA HIS G 122 -16.57 21.47 -26.89
C HIS G 122 -15.38 21.10 -27.82
N ALA G 123 -15.65 20.37 -28.92
CA ALA G 123 -14.61 19.97 -29.85
C ALA G 123 -13.94 21.19 -30.53
N SER G 124 -14.73 22.23 -30.88
CA SER G 124 -14.20 23.44 -31.50
C SER G 124 -13.33 24.24 -30.52
N LEU G 125 -13.78 24.37 -29.27
CA LEU G 125 -13.00 25.07 -28.23
C LEU G 125 -11.72 24.31 -27.92
N ASP G 126 -11.78 22.97 -27.93
CA ASP G 126 -10.60 22.14 -27.70
C ASP G 126 -9.58 22.38 -28.84
N LYS G 127 -10.06 22.39 -30.08
CA LYS G 127 -9.21 22.66 -31.25
C LYS G 127 -8.60 24.04 -31.18
N PHE G 128 -9.39 25.05 -30.78
CA PHE G 128 -8.91 26.43 -30.65
C PHE G 128 -7.79 26.52 -29.61
N LEU G 129 -8.02 25.99 -28.40
CA LEU G 129 -7.04 26.03 -27.34
C LEU G 129 -5.78 25.25 -27.70
N ALA G 130 -5.92 24.13 -28.45
CA ALA G 130 -4.74 23.39 -28.93
C ALA G 130 -3.99 24.22 -29.98
N SER G 131 -4.70 24.98 -30.85
CA SER G 131 -4.05 25.85 -31.86
C SER G 131 -3.29 27.00 -31.20
N VAL G 132 -3.84 27.59 -30.16
CA VAL G 132 -3.16 28.66 -29.41
C VAL G 132 -1.88 28.06 -28.74
N SER G 133 -1.99 26.86 -28.19
CA SER G 133 -0.88 26.16 -27.55
C SER G 133 0.23 25.87 -28.54
N THR G 134 -0.14 25.46 -29.76
CA THR G 134 0.80 25.16 -30.84
C THR G 134 1.57 26.42 -31.19
N VAL G 135 0.88 27.55 -31.34
CA VAL G 135 1.52 28.82 -31.62
C VAL G 135 2.47 29.23 -30.47
N LEU G 136 2.00 29.15 -29.21
CA LEU G 136 2.79 29.55 -28.03
C LEU G 136 3.99 28.63 -27.73
N THR G 137 4.05 27.43 -28.34
CA THR G 137 5.20 26.54 -28.20
C THR G 137 6.00 26.41 -29.52
N SER G 138 5.75 27.27 -30.52
CA SER G 138 6.41 27.18 -31.81
C SER G 138 7.83 27.77 -31.89
N LYS G 139 8.24 28.61 -30.92
CA LYS G 139 9.55 29.26 -31.01
C LYS G 139 10.68 28.56 -30.27
N TYR G 140 10.54 27.26 -29.95
CA TYR G 140 11.59 26.51 -29.29
C TYR G 140 12.80 26.27 -30.21
N HIS H 2 -3.40 9.74 -3.65
CA HIS H 2 -4.01 9.68 -2.32
C HIS H 2 -4.84 10.93 -1.99
N LEU H 3 -6.09 10.73 -1.57
CA LEU H 3 -7.01 11.83 -1.26
C LEU H 3 -7.07 12.13 0.23
N THR H 4 -7.15 13.43 0.59
CA THR H 4 -7.30 13.81 2.00
C THR H 4 -8.75 13.49 2.42
N PRO H 5 -9.06 13.40 3.74
CA PRO H 5 -10.45 13.12 4.14
C PRO H 5 -11.46 14.12 3.57
N GLU H 6 -11.09 15.40 3.50
CA GLU H 6 -11.94 16.46 2.96
C GLU H 6 -12.17 16.27 1.45
N GLU H 7 -11.14 15.82 0.73
CA GLU H 7 -11.22 15.56 -0.72
C GLU H 7 -12.12 14.35 -0.98
N LYS H 8 -11.94 13.27 -0.21
CA LYS H 8 -12.71 12.04 -0.33
C LYS H 8 -14.21 12.33 -0.09
N SER H 9 -14.51 13.16 0.92
CA SER H 9 -15.86 13.59 1.27
C SER H 9 -16.51 14.42 0.13
N ALA H 10 -15.75 15.36 -0.47
CA ALA H 10 -16.24 16.21 -1.56
C ALA H 10 -16.56 15.38 -2.80
N VAL H 11 -15.71 14.38 -3.10
CA VAL H 11 -15.86 13.48 -4.24
C VAL H 11 -17.13 12.66 -4.08
N THR H 12 -17.32 12.04 -2.91
CA THR H 12 -18.48 11.19 -2.63
C THR H 12 -19.78 11.98 -2.65
N ALA H 13 -19.77 13.23 -2.12
CA ALA H 13 -20.99 14.04 -2.11
C ALA H 13 -21.44 14.40 -3.53
N LEU H 14 -20.49 14.71 -4.42
CA LEU H 14 -20.83 15.04 -5.81
C LEU H 14 -21.27 13.79 -6.58
N TRP H 15 -20.56 12.68 -6.38
CA TRP H 15 -20.85 11.45 -7.10
C TRP H 15 -22.25 10.87 -6.83
N GLY H 16 -22.78 11.08 -5.65
CA GLY H 16 -24.13 10.63 -5.31
C GLY H 16 -25.21 11.34 -6.14
N LYS H 17 -24.87 12.52 -6.70
CA LYS H 17 -25.81 13.29 -7.52
C LYS H 17 -25.70 12.95 -9.03
N VAL H 18 -24.70 12.15 -9.43
CA VAL H 18 -24.44 11.76 -10.81
C VAL H 18 -25.49 10.77 -11.35
N ASN H 19 -26.07 11.06 -12.53
CA ASN H 19 -26.99 10.13 -13.16
C ASN H 19 -26.11 9.07 -13.81
N VAL H 20 -26.15 7.86 -13.23
CA VAL H 20 -25.37 6.70 -13.67
C VAL H 20 -25.75 6.19 -15.06
N ASP H 21 -26.97 6.48 -15.51
CA ASP H 21 -27.42 6.03 -16.82
C ASP H 21 -26.98 6.99 -17.94
N GLU H 22 -26.61 8.25 -17.62
CA GLU H 22 -26.31 9.21 -18.68
C GLU H 22 -24.88 9.73 -18.75
N VAL H 23 -24.24 10.01 -17.59
CA VAL H 23 -22.93 10.63 -17.53
C VAL H 23 -21.84 9.81 -18.27
N GLY H 24 -21.86 8.50 -18.14
CA GLY H 24 -20.90 7.64 -18.84
C GLY H 24 -21.03 7.72 -20.36
N GLY H 25 -22.28 7.70 -20.86
CA GLY H 25 -22.53 7.82 -22.28
C GLY H 25 -22.14 9.18 -22.81
N GLU H 26 -22.34 10.25 -22.02
CA GLU H 26 -21.97 11.62 -22.36
C GLU H 26 -20.45 11.76 -22.44
N ALA H 27 -19.71 11.14 -21.49
CA ALA H 27 -18.26 11.18 -21.47
C ALA H 27 -17.69 10.38 -22.65
N LEU H 28 -18.19 9.15 -22.89
CA LEU H 28 -17.73 8.33 -24.03
C LEU H 28 -18.07 9.02 -25.37
N GLY H 29 -19.28 9.56 -25.49
CA GLY H 29 -19.75 10.26 -26.67
C GLY H 29 -18.90 11.47 -26.98
N ARG H 30 -18.57 12.26 -25.94
CA ARG H 30 -17.67 13.41 -26.12
C ARG H 30 -16.25 13.00 -26.46
N LEU H 31 -15.77 11.86 -25.95
CA LEU H 31 -14.42 11.38 -26.28
C LEU H 31 -14.36 11.06 -27.79
N LEU H 32 -15.41 10.38 -28.30
CA LEU H 32 -15.53 10.00 -29.71
C LEU H 32 -15.69 11.22 -30.64
N VAL H 33 -16.34 12.30 -30.18
CA VAL H 33 -16.54 13.51 -30.98
C VAL H 33 -15.28 14.41 -30.93
N VAL H 34 -14.74 14.64 -29.73
CA VAL H 34 -13.60 15.55 -29.53
C VAL H 34 -12.26 14.93 -29.99
N TYR H 35 -12.05 13.63 -29.81
CA TYR H 35 -10.80 12.95 -30.23
C TYR H 35 -11.19 11.81 -31.18
N PRO H 36 -11.52 12.14 -32.44
CA PRO H 36 -12.11 11.14 -33.34
C PRO H 36 -11.32 9.88 -33.65
N TRP H 37 -10.00 9.86 -33.44
CA TRP H 37 -9.21 8.65 -33.64
C TRP H 37 -9.67 7.52 -32.70
N THR H 38 -10.25 7.86 -31.54
CA THR H 38 -10.76 6.86 -30.57
C THR H 38 -11.92 6.01 -31.15
N GLN H 39 -12.56 6.47 -32.24
CA GLN H 39 -13.64 5.73 -32.92
C GLN H 39 -13.17 4.43 -33.52
N ARG H 40 -11.86 4.33 -33.85
CA ARG H 40 -11.21 3.15 -34.38
C ARG H 40 -11.48 1.90 -33.50
N PHE H 41 -11.62 2.10 -32.18
CA PHE H 41 -11.85 1.01 -31.23
C PHE H 41 -13.33 0.59 -31.10
N PHE H 42 -14.25 1.38 -31.65
CA PHE H 42 -15.67 1.13 -31.52
C PHE H 42 -16.38 1.04 -32.87
N GLU H 43 -15.75 0.38 -33.85
CA GLU H 43 -16.33 0.18 -35.18
C GLU H 43 -17.58 -0.72 -35.15
N SER H 44 -17.67 -1.62 -34.15
CA SER H 44 -18.85 -2.47 -33.98
C SER H 44 -20.09 -1.68 -33.49
N PHE H 45 -19.90 -0.42 -33.03
CA PHE H 45 -20.99 0.40 -32.52
C PHE H 45 -21.87 1.03 -33.61
N GLY H 46 -21.47 0.92 -34.88
CA GLY H 46 -22.25 1.45 -35.98
C GLY H 46 -21.96 2.91 -36.32
N ASP H 47 -23.03 3.68 -36.55
CA ASP H 47 -22.92 5.09 -36.91
C ASP H 47 -22.40 6.00 -35.79
N LEU H 48 -21.22 6.56 -36.03
CA LEU H 48 -20.55 7.56 -35.19
C LEU H 48 -20.08 8.76 -36.06
N SER H 49 -20.68 8.98 -37.25
CA SER H 49 -20.25 10.01 -38.20
C SER H 49 -20.53 11.45 -37.78
N THR H 50 -21.54 11.68 -36.94
CA THR H 50 -21.87 13.03 -36.49
C THR H 50 -22.04 13.06 -34.97
N PRO H 51 -21.95 14.25 -34.31
CA PRO H 51 -22.26 14.31 -32.87
C PRO H 51 -23.65 13.74 -32.52
N ASP H 52 -24.69 13.93 -33.35
CA ASP H 52 -26.00 13.34 -33.07
C ASP H 52 -25.99 11.82 -33.17
N ALA H 53 -25.30 11.27 -34.17
CA ALA H 53 -25.20 9.82 -34.33
C ALA H 53 -24.50 9.20 -33.15
N VAL H 54 -23.43 9.87 -32.66
CA VAL H 54 -22.67 9.42 -31.49
C VAL H 54 -23.51 9.51 -30.20
N MET H 55 -24.04 10.72 -29.86
CA MET H 55 -24.76 10.95 -28.61
C MET H 55 -26.07 10.15 -28.53
N GLY H 56 -26.68 9.82 -29.68
CA GLY H 56 -27.91 9.04 -29.68
C GLY H 56 -27.72 7.54 -29.87
N ASN H 57 -26.48 7.08 -30.10
CA ASN H 57 -26.17 5.67 -30.35
C ASN H 57 -26.39 4.81 -29.09
N PRO H 58 -27.29 3.79 -29.16
CA PRO H 58 -27.57 2.97 -27.97
C PRO H 58 -26.35 2.23 -27.43
N LYS H 59 -25.44 1.79 -28.31
CA LYS H 59 -24.25 1.07 -27.87
C LYS H 59 -23.27 2.01 -27.15
N VAL H 60 -23.22 3.29 -27.54
CA VAL H 60 -22.38 4.28 -26.88
C VAL H 60 -22.94 4.51 -25.47
N LYS H 61 -24.29 4.66 -25.36
CA LYS H 61 -24.95 4.87 -24.08
C LYS H 61 -24.73 3.67 -23.14
N ALA H 62 -24.98 2.45 -23.63
CA ALA H 62 -24.79 1.24 -22.83
C ALA H 62 -23.31 1.04 -22.43
N HIS H 63 -22.35 1.25 -23.36
CA HIS H 63 -20.94 1.10 -23.00
C HIS H 63 -20.52 2.14 -21.97
N GLY H 64 -21.01 3.37 -22.12
CA GLY H 64 -20.72 4.45 -21.18
C GLY H 64 -21.17 4.11 -19.77
N LYS H 65 -22.26 3.34 -19.64
CA LYS H 65 -22.76 2.88 -18.36
C LYS H 65 -21.77 1.90 -17.73
N LYS H 66 -21.16 1.00 -18.53
CA LYS H 66 -20.16 0.05 -18.03
C LYS H 66 -18.94 0.84 -17.56
N VAL H 67 -18.51 1.87 -18.32
CA VAL H 67 -17.36 2.69 -17.97
C VAL H 67 -17.58 3.47 -16.67
N LEU H 68 -18.75 4.11 -16.54
CA LEU H 68 -19.11 4.85 -15.33
C LEU H 68 -19.19 3.93 -14.12
N GLY H 69 -19.66 2.70 -14.31
CA GLY H 69 -19.72 1.68 -13.27
C GLY H 69 -18.33 1.31 -12.77
N ALA H 70 -17.33 1.28 -13.68
CA ALA H 70 -15.95 0.98 -13.29
C ALA H 70 -15.37 2.18 -12.54
N PHE H 71 -15.69 3.43 -12.95
CA PHE H 71 -15.25 4.61 -12.20
C PHE H 71 -15.86 4.58 -10.77
N SER H 72 -17.15 4.18 -10.63
CA SER H 72 -17.81 4.04 -9.31
C SER H 72 -17.10 3.01 -8.45
N ASP H 73 -16.67 1.90 -9.06
CA ASP H 73 -15.91 0.84 -8.39
C ASP H 73 -14.58 1.39 -7.86
N GLY H 74 -13.92 2.22 -8.67
CA GLY H 74 -12.69 2.88 -8.28
C GLY H 74 -12.90 3.79 -7.08
N LEU H 75 -14.02 4.55 -7.06
CA LEU H 75 -14.38 5.46 -5.97
C LEU H 75 -14.58 4.74 -4.63
N ALA H 76 -14.98 3.47 -4.68
CA ALA H 76 -15.18 2.69 -3.46
C ALA H 76 -13.87 2.01 -2.97
N HIS H 77 -12.78 2.05 -3.77
CA HIS H 77 -11.52 1.38 -3.47
C HIS H 77 -10.36 2.30 -3.87
N LEU H 78 -10.40 3.55 -3.40
CA LEU H 78 -9.39 4.54 -3.78
C LEU H 78 -7.98 4.20 -3.34
N ASP H 79 -7.86 3.37 -2.28
CA ASP H 79 -6.56 2.94 -1.79
C ASP H 79 -6.01 1.69 -2.50
N ASN H 80 -6.78 1.09 -3.42
CA ASN H 80 -6.33 -0.11 -4.13
C ASN H 80 -6.83 -0.11 -5.57
N LEU H 81 -6.57 0.98 -6.27
CA LEU H 81 -6.98 1.11 -7.67
C LEU H 81 -6.31 0.07 -8.58
N LYS H 82 -5.03 -0.19 -8.37
CA LYS H 82 -4.30 -1.17 -9.20
C LYS H 82 -4.96 -2.56 -9.17
N GLY H 83 -5.26 -3.09 -7.97
CA GLY H 83 -5.94 -4.36 -7.80
C GLY H 83 -7.35 -4.35 -8.38
N THR H 84 -8.12 -3.29 -8.11
CA THR H 84 -9.48 -3.12 -8.62
C THR H 84 -9.54 -3.14 -10.14
N PHE H 85 -8.58 -2.51 -10.80
CA PHE H 85 -8.55 -2.42 -12.25
C PHE H 85 -7.65 -3.43 -12.95
N ALA H 86 -7.07 -4.42 -12.22
CA ALA H 86 -6.15 -5.38 -12.83
C ALA H 86 -6.71 -6.10 -14.07
N THR H 87 -7.94 -6.68 -14.00
CA THR H 87 -8.56 -7.39 -15.12
C THR H 87 -8.88 -6.43 -16.28
N LEU H 88 -9.34 -5.20 -15.97
CA LEU H 88 -9.61 -4.20 -16.99
C LEU H 88 -8.30 -3.74 -17.68
N SER H 89 -7.22 -3.62 -16.91
CA SER H 89 -5.93 -3.21 -17.43
C SER H 89 -5.39 -4.26 -18.39
N GLU H 90 -5.55 -5.53 -18.04
CA GLU H 90 -5.14 -6.64 -18.90
C GLU H 90 -5.94 -6.60 -20.22
N LEU H 91 -7.26 -6.32 -20.17
CA LEU H 91 -8.09 -6.23 -21.35
C LEU H 91 -7.68 -5.05 -22.27
N HIS H 92 -7.55 -3.84 -21.72
CA HIS H 92 -7.22 -2.65 -22.54
C HIS H 92 -5.85 -2.68 -23.16
N CYS H 93 -4.91 -3.26 -22.45
CA CYS H 93 -3.52 -3.30 -22.89
C CYS H 93 -3.18 -4.55 -23.73
N ASP H 94 -3.49 -5.78 -23.26
CA ASP H 94 -3.16 -7.01 -24.01
C ASP H 94 -4.11 -7.35 -25.14
N LYS H 95 -5.41 -7.05 -24.99
CA LYS H 95 -6.38 -7.42 -26.02
C LYS H 95 -6.81 -6.26 -26.90
N LEU H 96 -7.05 -5.08 -26.33
CA LEU H 96 -7.54 -3.93 -27.10
C LEU H 96 -6.44 -3.04 -27.69
N HIS H 97 -5.26 -2.99 -27.04
CA HIS H 97 -4.11 -2.17 -27.47
C HIS H 97 -4.44 -0.66 -27.54
N VAL H 98 -5.06 -0.17 -26.47
CA VAL H 98 -5.39 1.23 -26.36
C VAL H 98 -4.17 1.92 -25.78
N ASP H 99 -3.67 2.99 -26.44
CA ASP H 99 -2.51 3.71 -25.89
C ASP H 99 -2.96 4.39 -24.59
N PRO H 100 -2.18 4.25 -23.51
CA PRO H 100 -2.61 4.80 -22.21
C PRO H 100 -2.88 6.30 -22.19
N GLU H 101 -2.40 7.08 -23.18
CA GLU H 101 -2.69 8.51 -23.25
C GLU H 101 -4.22 8.74 -23.37
N ASN H 102 -4.94 7.85 -24.06
CA ASN H 102 -6.39 7.94 -24.21
C ASN H 102 -7.14 7.75 -22.90
N PHE H 103 -6.56 7.04 -21.91
CA PHE H 103 -7.17 6.92 -20.57
C PHE H 103 -7.21 8.30 -19.91
N ARG H 104 -6.12 9.07 -20.05
CA ARG H 104 -6.02 10.42 -19.54
C ARG H 104 -7.05 11.33 -20.22
N LEU H 105 -7.25 11.18 -21.55
CA LEU H 105 -8.21 12.01 -22.28
C LEU H 105 -9.64 11.70 -21.82
N LEU H 106 -9.95 10.42 -21.58
CA LEU H 106 -11.30 10.06 -21.13
C LEU H 106 -11.58 10.65 -19.73
N GLY H 107 -10.60 10.56 -18.84
CA GLY H 107 -10.69 11.14 -17.50
C GLY H 107 -10.94 12.64 -17.54
N ASN H 108 -10.25 13.34 -18.44
CA ASN H 108 -10.45 14.79 -18.62
C ASN H 108 -11.79 15.16 -19.26
N VAL H 109 -12.29 14.33 -20.17
CA VAL H 109 -13.62 14.53 -20.74
C VAL H 109 -14.68 14.32 -19.62
N LEU H 110 -14.47 13.33 -18.74
CA LEU H 110 -15.39 13.07 -17.62
C LEU H 110 -15.42 14.31 -16.68
N VAL H 111 -14.27 14.90 -16.40
CA VAL H 111 -14.17 16.11 -15.59
C VAL H 111 -14.97 17.27 -16.25
N CYS H 112 -14.90 17.42 -17.60
CA CYS H 112 -15.66 18.43 -18.33
C CYS H 112 -17.19 18.17 -18.23
N VAL H 113 -17.61 16.90 -18.30
CA VAL H 113 -19.01 16.51 -18.19
C VAL H 113 -19.53 16.83 -16.77
N LEU H 114 -18.72 16.56 -15.74
CA LEU H 114 -19.10 16.88 -14.36
C LEU H 114 -19.21 18.41 -14.18
N ALA H 115 -18.25 19.19 -14.72
CA ALA H 115 -18.32 20.65 -14.68
C ALA H 115 -19.56 21.17 -15.41
N HIS H 116 -19.89 20.57 -16.55
CA HIS H 116 -21.04 20.97 -17.35
C HIS H 116 -22.36 20.71 -16.59
N HIS H 117 -22.48 19.55 -15.92
CA HIS H 117 -23.67 19.17 -15.17
C HIS H 117 -23.82 19.95 -13.85
N PHE H 118 -22.72 20.15 -13.12
CA PHE H 118 -22.77 20.74 -11.80
C PHE H 118 -22.52 22.24 -11.74
N GLY H 119 -21.96 22.83 -12.79
CA GLY H 119 -21.71 24.26 -12.86
C GLY H 119 -20.86 24.79 -11.73
N LYS H 120 -21.39 25.78 -10.99
CA LYS H 120 -20.72 26.42 -9.85
C LYS H 120 -20.39 25.43 -8.73
N GLU H 121 -21.17 24.35 -8.58
CA GLU H 121 -20.90 23.30 -7.58
C GLU H 121 -19.57 22.60 -7.85
N PHE H 122 -19.15 22.50 -9.12
CA PHE H 122 -17.87 21.88 -9.46
C PHE H 122 -16.74 22.90 -9.25
N THR H 123 -16.47 23.24 -7.99
CA THR H 123 -15.51 24.26 -7.63
C THR H 123 -14.06 23.87 -7.93
N PRO H 124 -13.11 24.83 -7.99
CA PRO H 124 -11.69 24.43 -8.15
C PRO H 124 -11.22 23.36 -7.13
N PRO H 125 -11.55 23.39 -5.80
CA PRO H 125 -11.12 22.27 -4.93
C PRO H 125 -11.81 20.94 -5.22
N VAL H 126 -13.07 20.96 -5.68
CA VAL H 126 -13.78 19.73 -6.03
C VAL H 126 -13.13 19.12 -7.28
N GLN H 127 -12.80 19.97 -8.27
CA GLN H 127 -12.11 19.52 -9.48
C GLN H 127 -10.72 18.94 -9.12
N ALA H 128 -9.95 19.58 -8.24
CA ALA H 128 -8.62 19.08 -7.85
C ALA H 128 -8.70 17.65 -7.29
N ALA H 129 -9.75 17.33 -6.51
CA ALA H 129 -9.95 16.00 -5.94
C ALA H 129 -10.32 15.00 -7.08
N TYR H 130 -11.16 15.42 -8.02
CA TYR H 130 -11.53 14.59 -9.17
C TYR H 130 -10.36 14.33 -10.13
N GLN H 131 -9.41 15.29 -10.22
CA GLN H 131 -8.22 15.12 -11.04
C GLN H 131 -7.33 14.02 -10.46
N LYS H 132 -7.24 13.92 -9.13
CA LYS H 132 -6.48 12.84 -8.49
C LYS H 132 -7.15 11.49 -8.80
N VAL H 133 -8.48 11.44 -8.75
CA VAL H 133 -9.23 10.23 -9.02
C VAL H 133 -9.01 9.77 -10.45
N VAL H 134 -9.22 10.65 -11.44
CA VAL H 134 -9.11 10.24 -12.84
C VAL H 134 -7.67 9.90 -13.21
N ALA H 135 -6.66 10.59 -12.63
CA ALA H 135 -5.27 10.23 -12.89
C ALA H 135 -4.98 8.85 -12.26
N GLY H 136 -5.55 8.57 -11.08
CA GLY H 136 -5.36 7.28 -10.44
C GLY H 136 -5.98 6.15 -11.23
N VAL H 137 -7.18 6.37 -11.76
CA VAL H 137 -7.87 5.38 -12.57
C VAL H 137 -7.05 5.10 -13.86
N ALA H 138 -6.59 6.17 -14.56
CA ALA H 138 -5.79 6.06 -15.77
C ALA H 138 -4.49 5.29 -15.49
N ASN H 139 -3.82 5.59 -14.36
CA ASN H 139 -2.59 4.91 -13.97
C ASN H 139 -2.86 3.43 -13.63
N ALA H 140 -4.00 3.11 -13.01
CA ALA H 140 -4.32 1.70 -12.68
C ALA H 140 -4.64 0.92 -13.97
N LEU H 141 -5.31 1.57 -14.94
CA LEU H 141 -5.63 0.94 -16.23
C LEU H 141 -4.38 0.75 -17.10
N ALA H 142 -3.37 1.60 -16.95
CA ALA H 142 -2.13 1.47 -17.71
C ALA H 142 -1.13 0.53 -17.02
N HIS H 143 -1.40 0.05 -15.80
CA HIS H 143 -0.47 -0.76 -15.03
C HIS H 143 0.04 -1.99 -15.77
N LYS H 144 -0.81 -2.76 -16.50
CA LYS H 144 -0.36 -3.96 -17.22
C LYS H 144 0.53 -3.65 -18.47
N TYR H 145 0.75 -2.37 -18.78
CA TYR H 145 1.68 -1.97 -19.83
C TYR H 145 3.13 -1.99 -19.29
N HIS H 146 3.31 -1.74 -17.99
CA HIS H 146 4.61 -1.73 -17.31
C HIS H 146 4.82 -3.01 -16.46
N ASN I 2 28.70 31.65 14.71
CA ASN I 2 28.27 30.26 14.82
C ASN I 2 27.23 29.93 13.75
N LEU I 3 27.34 28.74 13.15
CA LEU I 3 26.41 28.32 12.11
C LEU I 3 25.34 27.42 12.68
N SER I 4 24.12 27.94 12.81
CA SER I 4 22.99 27.16 13.32
C SER I 4 22.38 26.19 12.28
N LEU I 5 22.85 26.24 11.02
CA LEU I 5 22.31 25.38 9.96
C LEU I 5 22.99 24.01 9.90
N ILE I 6 24.26 23.89 10.32
CA ILE I 6 24.95 22.60 10.37
C ILE I 6 25.12 22.25 11.82
N THR I 7 24.52 21.14 12.26
CA THR I 7 24.48 20.77 13.67
C THR I 7 24.82 19.30 13.97
N LYS I 8 24.98 18.46 12.93
CA LYS I 8 25.17 17.03 13.17
C LYS I 8 25.78 16.30 11.97
N LEU I 9 26.26 15.08 12.21
CA LEU I 9 26.82 14.21 11.18
C LEU I 9 26.43 12.76 11.41
N SER I 10 26.53 11.93 10.37
CA SER I 10 26.31 10.49 10.42
C SER I 10 27.59 9.79 9.97
N GLN I 11 27.86 8.60 10.50
CA GLN I 11 29.04 7.83 10.09
C GLN I 11 28.66 6.71 9.12
N GLU I 12 29.44 6.58 8.06
CA GLU I 12 29.28 5.56 7.03
C GLU I 12 30.62 4.74 6.95
N ASP I 13 30.68 3.70 6.10
CA ASP I 13 31.90 2.92 5.91
C ASP I 13 32.99 3.82 5.25
N GLY I 14 34.02 4.17 6.02
CA GLY I 14 35.11 5.02 5.55
C GLY I 14 34.68 6.41 5.11
N ALA I 15 33.55 6.89 5.64
CA ALA I 15 33.03 8.20 5.29
C ALA I 15 32.15 8.81 6.40
N ILE I 16 31.94 10.13 6.37
CA ILE I 16 31.02 10.86 7.24
C ILE I 16 30.06 11.64 6.34
N LEU I 17 28.89 11.97 6.88
CA LEU I 17 27.83 12.62 6.13
C LEU I 17 27.27 13.81 6.89
N PHE I 18 27.12 14.95 6.23
CA PHE I 18 26.47 16.12 6.78
C PHE I 18 25.13 16.26 6.03
N PRO I 19 24.04 15.69 6.56
CA PRO I 19 22.75 15.74 5.83
C PRO I 19 22.15 17.15 5.66
N GLU I 20 22.58 18.12 6.49
CA GLU I 20 22.08 19.49 6.37
C GLU I 20 22.78 20.29 5.25
N ILE I 21 23.93 19.82 4.75
CA ILE I 21 24.58 20.47 3.62
C ILE I 21 23.86 19.90 2.40
N ASP I 22 22.64 20.42 2.16
CA ASP I 22 21.67 19.94 1.19
C ASP I 22 21.65 20.76 -0.10
N ARG I 23 22.00 20.17 -1.25
CA ARG I 23 21.94 20.88 -2.53
C ARG I 23 20.49 21.06 -3.06
N TYR I 24 19.49 20.45 -2.40
CA TYR I 24 18.07 20.56 -2.74
C TYR I 24 17.26 21.14 -1.57
N SER I 25 17.88 21.96 -0.72
CA SER I 25 17.24 22.50 0.46
C SER I 25 16.17 23.51 0.17
N ASP I 26 15.11 23.53 1.00
CA ASP I 26 14.06 24.55 0.91
C ASP I 26 14.61 25.95 1.25
N ASN I 27 15.75 26.02 1.96
CA ASN I 27 16.43 27.26 2.29
C ASN I 27 17.31 27.53 1.06
N LYS I 28 16.98 28.58 0.29
CA LYS I 28 17.69 28.90 -0.95
C LYS I 28 19.16 29.25 -0.73
N GLN I 29 19.51 29.75 0.46
CA GLN I 29 20.89 30.08 0.79
C GLN I 29 21.74 28.83 1.01
N ILE I 30 21.16 27.80 1.65
CA ILE I 30 21.87 26.52 1.85
C ILE I 30 22.02 25.80 0.51
N LYS I 31 20.95 25.82 -0.29
CA LYS I 31 20.96 25.21 -1.62
C LYS I 31 22.06 25.81 -2.51
N ALA I 32 22.12 27.17 -2.62
CA ALA I 32 23.12 27.87 -3.42
C ALA I 32 24.54 27.65 -2.91
N LEU I 33 24.74 27.66 -1.59
CA LEU I 33 26.07 27.42 -1.03
C LEU I 33 26.58 26.01 -1.40
N THR I 34 25.72 24.99 -1.22
CA THR I 34 26.10 23.61 -1.50
C THR I 34 26.38 23.40 -3.00
N GLN I 35 25.55 24.01 -3.88
CA GLN I 35 25.71 23.95 -5.32
C GLN I 35 27.01 24.60 -5.78
N GLN I 36 27.42 25.69 -5.13
CA GLN I 36 28.58 26.45 -5.56
C GLN I 36 29.90 26.13 -4.83
N ILE I 37 29.97 24.97 -4.14
CA ILE I 37 31.20 24.56 -3.44
C ILE I 37 32.35 24.47 -4.42
N THR I 38 33.44 25.15 -4.10
CA THR I 38 34.64 25.19 -4.91
C THR I 38 35.82 24.45 -4.27
N LYS I 39 35.79 24.21 -2.95
CA LYS I 39 36.93 23.59 -2.27
C LYS I 39 36.50 22.94 -0.96
N VAL I 40 37.02 21.76 -0.68
CA VAL I 40 36.79 21.08 0.58
C VAL I 40 38.16 20.62 1.10
N THR I 41 38.54 21.03 2.32
CA THR I 41 39.80 20.58 2.92
C THR I 41 39.55 19.94 4.29
N VAL I 42 40.31 18.88 4.60
CA VAL I 42 40.23 18.18 5.88
C VAL I 42 41.65 18.12 6.44
N ASN I 43 41.89 18.79 7.58
CA ASN I 43 43.21 18.90 8.21
C ASN I 43 44.25 19.42 7.22
N GLY I 44 43.85 20.34 6.36
CA GLY I 44 44.76 20.95 5.39
C GLY I 44 44.83 20.22 4.05
N THR I 45 44.34 18.96 4.00
CA THR I 45 44.32 18.13 2.80
C THR I 45 43.15 18.47 1.86
N VAL I 46 43.45 18.86 0.61
CA VAL I 46 42.44 19.21 -0.39
C VAL I 46 41.77 17.94 -0.89
N TYR I 47 40.45 17.90 -0.80
CA TYR I 47 39.62 16.77 -1.24
C TYR I 47 39.15 16.97 -2.68
N LYS I 48 38.94 15.88 -3.40
CA LYS I 48 38.47 15.94 -4.77
C LYS I 48 36.93 15.64 -4.84
N ASP I 49 36.19 16.39 -5.67
CA ASP I 49 34.77 16.15 -5.86
C ASP I 49 34.67 14.89 -6.70
N LEU I 50 34.17 13.79 -6.10
CA LEU I 50 34.07 12.54 -6.83
C LEU I 50 32.79 12.41 -7.69
N ILE I 51 31.93 13.46 -7.69
CA ILE I 51 30.71 13.63 -8.48
C ILE I 51 29.62 12.63 -8.04
N SER I 52 29.76 11.33 -8.33
CA SER I 52 28.81 10.31 -7.92
C SER I 52 29.48 9.01 -7.45
N ASP I 53 30.82 8.93 -7.45
CA ASP I 53 31.52 7.73 -7.00
C ASP I 53 31.50 7.62 -5.47
N SER I 54 31.74 6.42 -4.93
CA SER I 54 31.78 6.24 -3.48
C SER I 54 32.98 6.99 -2.90
N VAL I 55 32.78 7.65 -1.75
CA VAL I 55 33.84 8.36 -1.04
C VAL I 55 34.52 7.49 0.02
N LYS I 56 34.14 6.20 0.15
CA LYS I 56 34.71 5.27 1.13
C LYS I 56 36.24 5.25 1.08
N ASP I 57 36.88 5.68 2.19
CA ASP I 57 38.33 5.72 2.39
C ASP I 57 39.09 6.55 1.34
N THR I 58 38.52 7.68 0.92
CA THR I 58 39.17 8.55 -0.06
C THR I 58 39.39 9.96 0.54
N ASN I 59 40.16 10.82 -0.18
CA ASN I 59 40.26 12.23 0.11
C ASN I 59 39.27 12.83 -0.89
N GLY I 60 38.01 12.44 -0.77
CA GLY I 60 36.97 12.88 -1.69
C GLY I 60 35.68 13.25 -1.04
N TRP I 61 34.91 14.05 -1.76
CA TRP I 61 33.60 14.49 -1.31
C TRP I 61 32.58 14.35 -2.42
N VAL I 62 31.32 14.13 -2.03
CA VAL I 62 30.19 14.05 -2.95
C VAL I 62 29.03 14.80 -2.30
N SER I 63 28.39 15.70 -3.02
CA SER I 63 27.18 16.37 -2.56
C SER I 63 26.04 15.75 -3.36
N ASN I 64 25.09 15.12 -2.67
CA ASN I 64 23.96 14.49 -3.34
C ASN I 64 22.63 14.73 -2.54
N MET I 65 21.56 13.94 -2.81
CA MET I 65 20.27 14.13 -2.16
C MET I 65 20.26 13.76 -0.67
N THR I 66 21.27 13.02 -0.16
CA THR I 66 21.32 12.74 1.29
C THR I 66 22.30 13.66 2.05
N GLY I 67 22.99 14.56 1.34
CA GLY I 67 23.89 15.50 2.00
C GLY I 67 25.30 15.57 1.48
N LEU I 68 26.22 16.08 2.30
CA LEU I 68 27.62 16.19 1.90
C LEU I 68 28.39 15.00 2.47
N HIS I 69 28.87 14.09 1.62
CA HIS I 69 29.61 12.91 2.03
C HIS I 69 31.12 13.18 1.93
N LEU I 70 31.91 12.95 3.00
CA LEU I 70 33.35 13.15 3.01
C LEU I 70 34.02 11.85 3.33
N GLY I 71 35.02 11.48 2.55
CA GLY I 71 35.80 10.29 2.88
C GLY I 71 36.68 10.54 4.10
N THR I 72 37.06 9.48 4.83
CA THR I 72 37.83 9.63 6.06
C THR I 72 39.33 9.42 5.93
N LYS I 73 39.88 9.44 4.73
CA LYS I 73 41.31 9.18 4.53
C LYS I 73 42.22 10.15 5.32
N ALA I 74 41.94 11.47 5.31
CA ALA I 74 42.76 12.45 6.01
C ALA I 74 42.40 12.66 7.51
N PHE I 75 41.42 11.90 8.03
CA PHE I 75 41.01 12.06 9.42
C PHE I 75 42.03 11.42 10.36
N LYS I 76 42.29 12.08 11.49
CA LYS I 76 43.23 11.63 12.51
C LYS I 76 42.58 11.65 13.91
N ASP I 77 43.21 10.98 14.90
CA ASP I 77 42.69 10.96 16.26
C ASP I 77 42.75 12.35 16.91
N GLY I 78 41.65 12.74 17.57
CA GLY I 78 41.53 14.02 18.24
C GLY I 78 40.72 15.00 17.41
N GLU I 79 41.09 16.29 17.44
CA GLU I 79 40.40 17.36 16.70
C GLU I 79 40.71 17.36 15.21
N ASN I 80 39.66 17.41 14.38
CA ASN I 80 39.77 17.47 12.94
C ASN I 80 39.08 18.73 12.44
N THR I 81 39.70 19.43 11.47
CA THR I 81 39.14 20.66 10.91
C THR I 81 38.73 20.51 9.42
N ILE I 82 37.47 20.78 9.12
CA ILE I 82 36.95 20.71 7.77
C ILE I 82 36.66 22.13 7.30
N VAL I 83 37.16 22.53 6.14
CA VAL I 83 36.91 23.88 5.62
C VAL I 83 36.19 23.75 4.28
N ILE I 84 35.01 24.38 4.17
CA ILE I 84 34.24 24.33 2.95
C ILE I 84 34.18 25.71 2.32
N SER I 85 34.63 25.82 1.08
CA SER I 85 34.60 27.07 0.33
C SER I 85 33.51 26.95 -0.72
N SER I 86 32.77 28.05 -0.96
CA SER I 86 31.69 28.13 -1.94
C SER I 86 31.70 29.51 -2.56
N LYS I 87 31.66 29.59 -3.91
CA LYS I 87 31.70 30.86 -4.66
C LYS I 87 30.65 31.84 -4.18
N GLY I 88 31.08 33.05 -3.84
CA GLY I 88 30.18 34.08 -3.35
C GLY I 88 29.66 33.84 -1.93
N PHE I 89 30.34 32.99 -1.16
CA PHE I 89 29.96 32.72 0.23
C PHE I 89 31.21 32.74 1.13
N GLU I 90 31.02 32.99 2.43
CA GLU I 90 32.13 32.96 3.39
C GLU I 90 32.41 31.50 3.75
N ASP I 91 33.69 31.13 3.95
CA ASP I 91 34.12 29.76 4.29
C ASP I 91 33.39 29.20 5.52
N VAL I 92 33.07 27.90 5.47
CA VAL I 92 32.40 27.20 6.56
C VAL I 92 33.41 26.27 7.26
N THR I 93 33.63 26.47 8.56
CA THR I 93 34.58 25.64 9.31
C THR I 93 33.85 24.64 10.20
N ILE I 94 34.05 23.36 9.95
CA ILE I 94 33.41 22.32 10.75
C ILE I 94 34.44 21.59 11.59
N THR I 95 34.20 21.52 12.90
CA THR I 95 35.11 20.86 13.83
C THR I 95 34.49 19.53 14.28
N VAL I 96 35.24 18.42 14.12
CA VAL I 96 34.79 17.08 14.53
C VAL I 96 35.90 16.37 15.35
N THR I 97 35.53 15.42 16.25
CA THR I 97 36.53 14.70 17.04
C THR I 97 36.52 13.21 16.73
N LYS I 98 37.68 12.57 16.58
CA LYS I 98 37.76 11.13 16.32
C LYS I 98 38.43 10.41 17.47
N LYS I 99 37.78 9.38 18.00
CA LYS I 99 38.30 8.58 19.10
C LYS I 99 37.68 7.19 19.03
N ASP I 100 38.53 6.16 19.03
CA ASP I 100 38.14 4.75 18.98
C ASP I 100 37.25 4.42 17.78
N GLY I 101 37.55 5.03 16.64
CA GLY I 101 36.80 4.81 15.41
C GLY I 101 35.51 5.60 15.28
N GLN I 102 35.15 6.39 16.31
CA GLN I 102 33.92 7.17 16.30
C GLN I 102 34.22 8.64 16.07
N ILE I 103 33.45 9.27 15.17
CA ILE I 103 33.59 10.67 14.81
C ILE I 103 32.38 11.42 15.34
N HIS I 104 32.63 12.47 16.13
CA HIS I 104 31.56 13.25 16.73
C HIS I 104 31.57 14.68 16.27
N PHE I 105 30.38 15.25 16.08
CA PHE I 105 30.25 16.63 15.68
C PHE I 105 30.51 17.57 16.87
N VAL I 106 31.40 18.55 16.68
CA VAL I 106 31.70 19.52 17.71
C VAL I 106 31.03 20.87 17.44
N SER I 107 31.31 21.50 16.29
CA SER I 107 30.74 22.81 15.96
C SER I 107 30.89 23.18 14.48
N ALA I 108 30.15 24.19 14.03
CA ALA I 108 30.24 24.70 12.67
C ALA I 108 30.22 26.22 12.76
N LYS I 109 31.12 26.89 12.02
CA LYS I 109 31.20 28.34 12.07
C LYS I 109 31.32 28.96 10.69
N GLN I 110 30.92 30.23 10.56
CA GLN I 110 30.95 31.01 9.33
C GLN I 110 30.77 32.49 9.67
N SER J 1 -47.72 -13.09 27.72
CA SER J 1 -47.10 -12.18 28.69
C SER J 1 -46.14 -12.87 29.63
N ASN J 2 -46.24 -14.19 29.83
CA ASN J 2 -45.31 -14.88 30.73
C ASN J 2 -43.92 -15.00 30.06
N LEU J 3 -42.84 -14.78 30.82
CA LEU J 3 -41.49 -14.87 30.28
C LEU J 3 -40.89 -16.22 30.63
N SER J 4 -40.77 -17.08 29.63
CA SER J 4 -40.19 -18.42 29.82
C SER J 4 -38.65 -18.41 29.87
N LEU J 5 -38.00 -17.25 29.64
CA LEU J 5 -36.55 -17.16 29.64
C LEU J 5 -35.94 -16.91 31.03
N ILE J 6 -36.69 -16.26 31.94
CA ILE J 6 -36.22 -16.05 33.31
C ILE J 6 -37.08 -16.94 34.19
N THR J 7 -36.46 -17.93 34.86
CA THR J 7 -37.17 -18.94 35.62
C THR J 7 -36.65 -19.21 37.03
N LYS J 8 -35.51 -18.61 37.41
CA LYS J 8 -34.91 -18.92 38.70
C LYS J 8 -33.93 -17.84 39.18
N LEU J 9 -33.58 -17.92 40.46
CA LEU J 9 -32.61 -17.03 41.08
C LEU J 9 -31.76 -17.79 42.08
N SER J 10 -30.59 -17.22 42.41
CA SER J 10 -29.69 -17.74 43.44
C SER J 10 -29.51 -16.62 44.47
N GLN J 11 -29.27 -17.00 45.73
CA GLN J 11 -29.04 -16.03 46.78
C GLN J 11 -27.56 -15.89 47.10
N GLU J 12 -27.11 -14.65 47.22
CA GLU J 12 -25.74 -14.28 47.58
C GLU J 12 -25.81 -13.42 48.88
N ASP J 13 -24.66 -13.07 49.47
CA ASP J 13 -24.65 -12.29 50.72
C ASP J 13 -25.16 -10.86 50.41
N GLY J 14 -26.34 -10.52 50.93
CA GLY J 14 -26.99 -9.23 50.70
C GLY J 14 -27.30 -8.95 49.23
N ALA J 15 -27.52 -10.00 48.44
CA ALA J 15 -27.79 -9.86 47.01
C ALA J 15 -28.53 -11.10 46.44
N ILE J 16 -29.15 -10.96 45.27
CA ILE J 16 -29.76 -12.04 44.53
C ILE J 16 -29.18 -12.04 43.10
N LEU J 17 -29.17 -13.20 42.46
CA LEU J 17 -28.60 -13.36 41.14
C LEU J 17 -29.57 -14.01 40.19
N PHE J 18 -29.73 -13.44 39.00
CA PHE J 18 -30.54 -14.03 37.96
C PHE J 18 -29.55 -14.51 36.90
N PRO J 19 -29.10 -15.78 36.93
CA PRO J 19 -28.09 -16.24 35.96
C PRO J 19 -28.54 -16.22 34.49
N GLU J 20 -29.85 -16.31 34.24
CA GLU J 20 -30.37 -16.29 32.87
C GLU J 20 -30.34 -14.87 32.25
N ILE J 21 -30.22 -13.80 33.05
CA ILE J 21 -30.12 -12.44 32.51
C ILE J 21 -28.63 -12.30 32.16
N ASP J 22 -28.26 -12.88 30.99
CA ASP J 22 -26.89 -13.10 30.53
C ASP J 22 -26.46 -12.19 29.39
N ARG J 23 -25.53 -11.24 29.67
CA ARG J 23 -25.04 -10.34 28.63
C ARG J 23 -24.18 -11.05 27.57
N TYR J 24 -23.85 -12.33 27.75
CA TYR J 24 -23.05 -13.17 26.83
C TYR J 24 -23.84 -14.38 26.34
N SER J 25 -25.17 -14.33 26.36
CA SER J 25 -26.04 -15.45 26.03
C SER J 25 -25.99 -15.81 24.59
N ASP J 26 -26.12 -17.12 24.29
CA ASP J 26 -26.24 -17.62 22.92
C ASP J 26 -27.57 -17.16 22.29
N ASN J 27 -28.58 -16.77 23.11
CA ASN J 27 -29.83 -16.22 22.61
C ASN J 27 -29.56 -14.74 22.42
N LYS J 28 -29.56 -14.26 21.17
CA LYS J 28 -29.25 -12.87 20.83
C LYS J 28 -30.21 -11.85 21.42
N GLN J 29 -31.46 -12.27 21.68
CA GLN J 29 -32.46 -11.39 22.27
C GLN J 29 -32.21 -11.16 23.75
N ILE J 30 -31.75 -12.20 24.46
CA ILE J 30 -31.40 -12.08 25.89
C ILE J 30 -30.13 -11.25 26.03
N LYS J 31 -29.14 -11.52 25.17
CA LYS J 31 -27.89 -10.79 25.16
C LYS J 31 -28.12 -9.29 24.94
N ALA J 32 -28.90 -8.89 23.91
CA ALA J 32 -29.19 -7.49 23.60
C ALA J 32 -29.98 -6.80 24.70
N LEU J 33 -30.97 -7.49 25.28
CA LEU J 33 -31.76 -6.91 26.37
C LEU J 33 -30.88 -6.60 27.59
N THR J 34 -29.99 -7.54 27.98
CA THR J 34 -29.12 -7.38 29.13
C THR J 34 -28.12 -6.25 28.90
N GLN J 35 -27.55 -6.19 27.68
CA GLN J 35 -26.60 -5.16 27.28
C GLN J 35 -27.21 -3.78 27.32
N GLN J 36 -28.49 -3.66 26.96
CA GLN J 36 -29.15 -2.37 26.85
C GLN J 36 -29.98 -1.92 28.07
N ILE J 37 -29.81 -2.57 29.25
CA ILE J 37 -30.57 -2.19 30.43
C ILE J 37 -30.35 -0.73 30.82
N THR J 38 -31.44 0.02 30.96
CA THR J 38 -31.39 1.44 31.30
C THR J 38 -31.93 1.76 32.69
N LYS J 39 -32.73 0.86 33.29
CA LYS J 39 -33.32 1.14 34.60
C LYS J 39 -33.69 -0.15 35.33
N VAL J 40 -33.42 -0.20 36.63
CA VAL J 40 -33.77 -1.33 37.46
C VAL J 40 -34.44 -0.76 38.71
N THR J 41 -35.69 -1.16 39.00
CA THR J 41 -36.36 -0.71 40.22
C THR J 41 -36.79 -1.92 41.05
N VAL J 42 -36.72 -1.80 42.38
CA VAL J 42 -37.14 -2.84 43.30
C VAL J 42 -38.10 -2.18 44.29
N ASN J 43 -39.39 -2.57 44.28
CA ASN J 43 -40.43 -1.99 45.12
C ASN J 43 -40.51 -0.47 44.95
N GLY J 44 -40.31 0.01 43.72
CA GLY J 44 -40.35 1.43 43.43
C GLY J 44 -39.03 2.15 43.58
N THR J 45 -38.04 1.54 44.25
CA THR J 45 -36.73 2.12 44.48
C THR J 45 -35.79 1.95 43.27
N VAL J 46 -35.29 3.07 42.71
CA VAL J 46 -34.40 3.05 41.56
C VAL J 46 -33.02 2.59 42.01
N TYR J 47 -32.49 1.56 41.36
CA TYR J 47 -31.18 1.00 41.66
C TYR J 47 -30.12 1.63 40.76
N LYS J 48 -28.91 1.71 41.27
CA LYS J 48 -27.80 2.29 40.52
C LYS J 48 -26.93 1.18 39.90
N ASP J 49 -26.50 1.35 38.64
CA ASP J 49 -25.62 0.38 37.99
C ASP J 49 -24.26 0.56 38.63
N LEU J 50 -23.81 -0.44 39.40
CA LEU J 50 -22.53 -0.33 40.08
C LEU J 50 -21.32 -0.71 39.23
N ILE J 51 -21.56 -1.11 37.94
CA ILE J 51 -20.61 -1.44 36.90
C ILE J 51 -19.84 -2.73 37.23
N SER J 52 -18.96 -2.73 38.23
CA SER J 52 -18.19 -3.89 38.65
C SER J 52 -18.03 -4.00 40.16
N ASP J 53 -18.57 -3.06 40.95
CA ASP J 53 -18.47 -3.11 42.41
C ASP J 53 -19.42 -4.17 42.99
N SER J 54 -19.17 -4.60 44.23
CA SER J 54 -20.05 -5.55 44.88
C SER J 54 -21.41 -4.89 45.15
N VAL J 55 -22.48 -5.65 44.90
CA VAL J 55 -23.83 -5.18 45.16
C VAL J 55 -24.33 -5.57 46.57
N LYS J 56 -23.49 -6.25 47.39
CA LYS J 56 -23.87 -6.66 48.75
C LYS J 56 -24.47 -5.51 49.59
N ASP J 57 -25.75 -5.66 49.97
CA ASP J 57 -26.53 -4.72 50.76
C ASP J 57 -26.65 -3.31 50.16
N THR J 58 -26.79 -3.21 48.84
CA THR J 58 -26.92 -1.91 48.18
C THR J 58 -28.27 -1.82 47.41
N ASN J 59 -28.60 -0.63 46.94
CA ASN J 59 -29.69 -0.40 45.99
C ASN J 59 -28.91 -0.34 44.65
N GLY J 60 -28.25 -1.43 44.32
CA GLY J 60 -27.43 -1.49 43.12
C GLY J 60 -27.54 -2.77 42.35
N TRP J 61 -27.19 -2.69 41.07
CA TRP J 61 -27.19 -3.83 40.19
C TRP J 61 -25.93 -3.88 39.35
N VAL J 62 -25.52 -5.09 38.98
CA VAL J 62 -24.37 -5.31 38.10
C VAL J 62 -24.74 -6.42 37.14
N SER J 63 -24.52 -6.24 35.84
CA SER J 63 -24.70 -7.30 34.85
C SER J 63 -23.26 -7.74 34.48
N ASN J 64 -22.95 -9.02 34.72
CA ASN J 64 -21.63 -9.54 34.41
C ASN J 64 -21.73 -11.00 33.84
N MET J 65 -20.60 -11.76 33.78
CA MET J 65 -20.55 -13.12 33.24
C MET J 65 -21.33 -14.17 34.06
N THR J 66 -21.72 -13.89 35.31
CA THR J 66 -22.57 -14.84 36.07
C THR J 66 -24.07 -14.45 36.07
N GLY J 67 -24.41 -13.29 35.52
CA GLY J 67 -25.80 -12.89 35.41
C GLY J 67 -26.07 -11.51 35.93
N LEU J 68 -27.33 -11.24 36.26
CA LEU J 68 -27.72 -9.94 36.82
C LEU J 68 -27.77 -10.04 38.34
N HIS J 69 -26.89 -9.32 39.02
CA HIS J 69 -26.83 -9.28 40.47
C HIS J 69 -27.62 -8.06 40.93
N LEU J 70 -28.48 -8.22 41.93
CA LEU J 70 -29.23 -7.13 42.53
C LEU J 70 -28.97 -7.13 44.01
N GLY J 71 -28.64 -5.98 44.59
CA GLY J 71 -28.50 -5.88 46.03
C GLY J 71 -29.88 -6.00 46.68
N THR J 72 -29.94 -6.52 47.94
CA THR J 72 -31.23 -6.68 48.60
C THR J 72 -31.61 -5.55 49.59
N LYS J 73 -31.03 -4.32 49.46
CA LYS J 73 -31.34 -3.22 50.38
C LYS J 73 -32.84 -2.83 50.40
N ALA J 74 -33.49 -2.73 49.23
CA ALA J 74 -34.90 -2.36 49.14
C ALA J 74 -35.88 -3.54 49.27
N PHE J 75 -35.39 -4.75 49.52
CA PHE J 75 -36.26 -5.92 49.65
C PHE J 75 -36.94 -5.93 51.00
N LYS J 76 -38.24 -6.27 51.01
CA LYS J 76 -39.05 -6.35 52.23
C LYS J 76 -39.72 -7.72 52.34
N ASP J 77 -40.24 -8.08 53.54
CA ASP J 77 -40.91 -9.36 53.73
C ASP J 77 -42.22 -9.44 52.93
N GLY J 78 -42.43 -10.57 52.27
CA GLY J 78 -43.60 -10.79 51.43
C GLY J 78 -43.29 -10.63 49.95
N GLU J 79 -44.26 -10.11 49.16
CA GLU J 79 -44.08 -9.92 47.72
C GLU J 79 -43.17 -8.74 47.35
N ASN J 80 -42.19 -8.99 46.50
CA ASN J 80 -41.27 -7.96 45.99
C ASN J 80 -41.38 -7.85 44.48
N THR J 81 -41.41 -6.61 43.97
CA THR J 81 -41.53 -6.39 42.54
C THR J 81 -40.27 -5.76 41.93
N ILE J 82 -39.68 -6.43 40.95
CA ILE J 82 -38.50 -5.94 40.25
C ILE J 82 -38.90 -5.55 38.85
N VAL J 83 -38.59 -4.34 38.41
CA VAL J 83 -38.91 -3.90 37.04
C VAL J 83 -37.61 -3.59 36.31
N ILE J 84 -37.39 -4.25 35.17
CA ILE J 84 -36.18 -4.05 34.39
C ILE J 84 -36.54 -3.40 33.06
N SER J 85 -35.96 -2.23 32.80
CA SER J 85 -36.15 -1.50 31.56
C SER J 85 -34.89 -1.63 30.72
N SER J 86 -35.07 -1.77 29.42
CA SER J 86 -33.97 -1.94 28.49
C SER J 86 -34.35 -1.20 27.22
N LYS J 87 -33.41 -0.45 26.62
CA LYS J 87 -33.67 0.33 25.42
C LYS J 87 -34.15 -0.54 24.27
N GLY J 88 -35.28 -0.18 23.67
CA GLY J 88 -35.87 -0.95 22.57
C GLY J 88 -36.47 -2.28 22.97
N PHE J 89 -36.78 -2.46 24.26
CA PHE J 89 -37.41 -3.68 24.76
C PHE J 89 -38.55 -3.35 25.69
N GLU J 90 -39.51 -4.27 25.82
CA GLU J 90 -40.63 -4.07 26.73
C GLU J 90 -40.17 -4.39 28.15
N ASP J 91 -40.65 -3.65 29.18
CA ASP J 91 -40.27 -3.85 30.58
C ASP J 91 -40.47 -5.29 31.06
N VAL J 92 -39.53 -5.77 31.89
CA VAL J 92 -39.58 -7.12 32.44
C VAL J 92 -39.94 -7.04 33.92
N THR J 93 -41.05 -7.66 34.33
CA THR J 93 -41.46 -7.64 35.72
C THR J 93 -41.14 -8.98 36.40
N ILE J 94 -40.28 -8.94 37.42
CA ILE J 94 -39.94 -10.15 38.15
C ILE J 94 -40.54 -10.09 39.55
N THR J 95 -41.27 -11.13 39.92
CA THR J 95 -41.89 -11.21 41.24
C THR J 95 -41.14 -12.25 42.09
N VAL J 96 -40.69 -11.85 43.28
CA VAL J 96 -40.01 -12.74 44.23
C VAL J 96 -40.64 -12.58 45.63
N THR J 97 -40.52 -13.60 46.48
CA THR J 97 -41.07 -13.52 47.84
C THR J 97 -39.94 -13.63 48.86
N LYS J 98 -40.00 -12.84 49.94
CA LYS J 98 -38.98 -12.89 50.98
C LYS J 98 -39.62 -13.32 52.31
N LYS J 99 -39.02 -14.33 52.96
CA LYS J 99 -39.54 -14.84 54.21
C LYS J 99 -38.40 -15.57 54.92
N ASP J 100 -38.14 -15.21 56.18
CA ASP J 100 -37.10 -15.81 57.04
C ASP J 100 -35.71 -15.78 56.39
N GLY J 101 -35.40 -14.67 55.72
CA GLY J 101 -34.11 -14.45 55.06
C GLY J 101 -33.98 -15.09 53.69
N GLN J 102 -34.99 -15.82 53.24
CA GLN J 102 -34.95 -16.54 51.97
C GLN J 102 -35.79 -15.84 50.93
N ILE J 103 -35.24 -15.72 49.73
CA ILE J 103 -35.89 -15.09 48.59
C ILE J 103 -36.20 -16.17 47.57
N HIS J 104 -37.46 -16.28 47.18
CA HIS J 104 -37.90 -17.30 46.26
C HIS J 104 -38.41 -16.71 44.97
N PHE J 105 -38.12 -17.36 43.86
CA PHE J 105 -38.59 -16.92 42.56
C PHE J 105 -40.07 -17.27 42.38
N VAL J 106 -40.89 -16.29 42.02
CA VAL J 106 -42.30 -16.52 41.79
C VAL J 106 -42.61 -16.55 40.28
N SER J 107 -42.31 -15.45 39.56
CA SER J 107 -42.63 -15.38 38.13
C SER J 107 -41.92 -14.22 37.42
N ALA J 108 -41.89 -14.27 36.09
CA ALA J 108 -41.30 -13.22 35.28
C ALA J 108 -42.29 -12.96 34.13
N LYS J 109 -42.58 -11.68 33.85
CA LYS J 109 -43.51 -11.33 32.79
C LYS J 109 -42.98 -10.21 31.91
N GLN J 110 -43.47 -10.15 30.67
CA GLN J 110 -43.09 -9.14 29.68
C GLN J 110 -44.11 -9.16 28.55
N LYS J 111 -44.58 -7.98 28.10
CA LYS J 111 -45.54 -7.93 26.99
C LYS J 111 -44.93 -8.51 25.70
N GLN J 112 -45.78 -8.90 24.73
CA GLN J 112 -45.37 -9.51 23.46
C GLN J 112 -44.75 -10.90 23.69
N SER K 4 -36.01 -3.35 -2.83
CA SER K 4 -35.24 -2.14 -3.14
C SER K 4 -33.71 -2.31 -2.99
N LEU K 5 -33.25 -3.50 -2.53
CA LEU K 5 -31.84 -3.77 -2.32
C LEU K 5 -31.13 -4.30 -3.58
N ILE K 6 -31.85 -4.95 -4.50
CA ILE K 6 -31.27 -5.42 -5.76
C ILE K 6 -31.87 -4.55 -6.85
N THR K 7 -31.05 -3.77 -7.55
CA THR K 7 -31.52 -2.79 -8.52
C THR K 7 -30.80 -2.79 -9.88
N LYS K 8 -29.75 -3.60 -10.03
CA LYS K 8 -28.96 -3.56 -11.26
C LYS K 8 -28.11 -4.83 -11.50
N LEU K 9 -27.55 -4.98 -12.71
CA LEU K 9 -26.69 -6.11 -13.06
C LEU K 9 -25.63 -5.72 -14.08
N SER K 10 -24.60 -6.54 -14.24
CA SER K 10 -23.53 -6.31 -15.21
C SER K 10 -23.34 -7.55 -16.08
N GLN K 11 -22.89 -7.37 -17.32
CA GLN K 11 -22.67 -8.50 -18.22
C GLN K 11 -21.20 -8.91 -18.28
N GLU K 12 -20.93 -10.20 -18.20
CA GLU K 12 -19.59 -10.79 -18.28
C GLU K 12 -19.58 -11.83 -19.44
N ASP K 13 -18.42 -12.47 -19.71
CA ASP K 13 -18.31 -13.49 -20.74
C ASP K 13 -19.13 -14.74 -20.34
N GLY K 14 -20.22 -14.99 -21.08
CA GLY K 14 -21.12 -16.12 -20.84
C GLY K 14 -21.63 -16.18 -19.41
N ALA K 15 -21.78 -15.00 -18.78
CA ALA K 15 -22.26 -14.87 -17.41
C ALA K 15 -22.76 -13.45 -17.11
N ILE K 16 -23.60 -13.32 -16.08
CA ILE K 16 -24.06 -12.02 -15.61
C ILE K 16 -23.64 -11.89 -14.11
N LEU K 17 -23.62 -10.67 -13.58
CA LEU K 17 -23.17 -10.39 -12.22
C LEU K 17 -24.12 -9.46 -11.49
N PHE K 18 -24.50 -9.81 -10.27
CA PHE K 18 -25.32 -8.94 -9.44
C PHE K 18 -24.41 -8.44 -8.31
N PRO K 19 -23.94 -7.18 -8.40
CA PRO K 19 -23.02 -6.66 -7.38
C PRO K 19 -23.62 -6.48 -5.98
N GLU K 20 -24.92 -6.13 -5.88
CA GLU K 20 -25.57 -5.90 -4.58
C GLU K 20 -25.84 -7.19 -3.80
N ILE K 21 -25.76 -8.36 -4.44
CA ILE K 21 -25.91 -9.64 -3.77
C ILE K 21 -24.49 -9.94 -3.27
N ASP K 22 -24.16 -9.26 -2.20
CA ASP K 22 -22.83 -9.19 -1.64
C ASP K 22 -22.74 -9.93 -0.32
N ARG K 23 -21.92 -10.99 -0.28
CA ARG K 23 -21.70 -11.78 0.94
C ARG K 23 -20.87 -11.05 2.00
N TYR K 24 -20.32 -9.85 1.69
CA TYR K 24 -19.54 -9.02 2.62
C TYR K 24 -20.20 -7.65 2.81
N SER K 25 -21.53 -7.58 2.72
CA SER K 25 -22.25 -6.32 2.80
C SER K 25 -22.23 -5.69 4.17
N ASP K 26 -22.28 -4.35 4.19
CA ASP K 26 -22.42 -3.61 5.43
C ASP K 26 -23.85 -3.79 5.99
N ASN K 27 -24.83 -4.16 5.16
CA ASN K 27 -26.19 -4.43 5.59
C ASN K 27 -26.15 -5.91 6.01
N LYS K 28 -26.33 -6.18 7.31
CA LYS K 28 -26.26 -7.53 7.87
C LYS K 28 -27.30 -8.48 7.30
N GLN K 29 -28.45 -7.95 6.86
CA GLN K 29 -29.51 -8.76 6.29
C GLN K 29 -29.16 -9.23 4.89
N ILE K 30 -28.51 -8.38 4.09
CA ILE K 30 -28.06 -8.76 2.74
C ILE K 30 -26.90 -9.77 2.86
N LYS K 31 -25.99 -9.53 3.81
CA LYS K 31 -24.86 -10.43 4.02
C LYS K 31 -25.33 -11.84 4.42
N ALA K 32 -26.26 -11.94 5.40
CA ALA K 32 -26.79 -13.22 5.86
C ALA K 32 -27.56 -13.93 4.77
N LEU K 33 -28.37 -13.21 3.99
CA LEU K 33 -29.13 -13.83 2.90
C LEU K 33 -28.18 -14.46 1.85
N THR K 34 -27.15 -13.75 1.41
CA THR K 34 -26.22 -14.26 0.40
C THR K 34 -25.43 -15.45 0.94
N GLN K 35 -24.97 -15.34 2.20
CA GLN K 35 -24.22 -16.39 2.86
C GLN K 35 -25.06 -17.66 2.98
N GLN K 36 -26.36 -17.52 3.24
CA GLN K 36 -27.25 -18.65 3.46
C GLN K 36 -27.97 -19.17 2.18
N ILE K 37 -27.55 -18.72 0.97
CA ILE K 37 -28.17 -19.19 -0.29
C ILE K 37 -28.16 -20.73 -0.42
N THR K 38 -29.34 -21.33 -0.57
CA THR K 38 -29.47 -22.79 -0.70
C THR K 38 -29.86 -23.24 -2.12
N LYS K 39 -30.43 -22.35 -2.94
CA LYS K 39 -30.89 -22.75 -4.28
C LYS K 39 -30.95 -21.57 -5.23
N VAL K 40 -30.53 -21.76 -6.47
CA VAL K 40 -30.62 -20.74 -7.51
C VAL K 40 -31.22 -21.42 -8.74
N THR K 41 -32.30 -20.86 -9.30
CA THR K 41 -32.90 -21.43 -10.51
C THR K 41 -33.02 -20.35 -11.59
N VAL K 42 -32.77 -20.71 -12.86
CA VAL K 42 -32.92 -19.77 -13.99
C VAL K 42 -33.87 -20.42 -14.99
N ASN K 43 -35.08 -19.84 -15.14
CA ASN K 43 -36.11 -20.39 -16.03
C ASN K 43 -36.51 -21.81 -15.65
N GLY K 44 -36.54 -22.08 -14.35
CA GLY K 44 -36.91 -23.39 -13.83
C GLY K 44 -35.74 -24.34 -13.66
N THR K 45 -34.62 -24.09 -14.36
CA THR K 45 -33.41 -24.92 -14.32
C THR K 45 -32.58 -24.65 -13.05
N VAL K 46 -32.32 -25.69 -12.25
CA VAL K 46 -31.53 -25.59 -11.03
C VAL K 46 -30.04 -25.39 -11.35
N TYR K 47 -29.46 -24.33 -10.80
CA TYR K 47 -28.05 -24.00 -10.95
C TYR K 47 -27.20 -24.64 -9.84
N LYS K 48 -25.94 -24.95 -10.15
CA LYS K 48 -25.01 -25.54 -9.17
C LYS K 48 -24.03 -24.48 -8.65
N ASP K 49 -23.77 -24.49 -7.35
CA ASP K 49 -22.80 -23.57 -6.75
C ASP K 49 -21.42 -24.08 -7.18
N LEU K 50 -20.72 -23.31 -8.01
CA LEU K 50 -19.40 -23.72 -8.49
C LEU K 50 -18.24 -23.36 -7.54
N ILE K 51 -18.55 -22.76 -6.38
CA ILE K 51 -17.68 -22.40 -5.26
C ILE K 51 -16.70 -21.29 -5.66
N SER K 52 -15.68 -21.59 -6.48
CA SER K 52 -14.72 -20.60 -6.96
C SER K 52 -14.34 -20.78 -8.44
N ASP K 53 -14.92 -21.76 -9.14
CA ASP K 53 -14.66 -21.96 -10.57
C ASP K 53 -15.37 -20.91 -11.42
N SER K 54 -14.91 -20.73 -12.67
CA SER K 54 -15.56 -19.79 -13.58
C SER K 54 -16.96 -20.30 -13.93
N VAL K 55 -17.93 -19.37 -14.01
CA VAL K 55 -19.33 -19.68 -14.35
C VAL K 55 -19.65 -19.45 -15.86
N LYS K 56 -18.64 -19.09 -16.68
CA LYS K 56 -18.87 -18.86 -18.12
C LYS K 56 -19.49 -20.06 -18.81
N ASP K 57 -20.66 -19.84 -19.42
CA ASP K 57 -21.43 -20.82 -20.15
C ASP K 57 -21.82 -22.08 -19.35
N THR K 58 -22.15 -21.90 -18.08
CA THR K 58 -22.54 -23.01 -17.22
C THR K 58 -23.96 -22.78 -16.64
N ASN K 59 -24.54 -23.83 -16.02
CA ASN K 59 -25.75 -23.71 -15.22
C ASN K 59 -25.17 -23.61 -13.79
N GLY K 60 -24.37 -22.58 -13.56
CA GLY K 60 -23.70 -22.41 -12.28
C GLY K 60 -23.67 -21.01 -11.75
N TRP K 61 -23.50 -20.90 -10.44
CA TRP K 61 -23.40 -19.64 -9.75
C TRP K 61 -22.23 -19.64 -8.76
N VAL K 62 -21.67 -18.47 -8.52
CA VAL K 62 -20.60 -18.26 -7.56
C VAL K 62 -20.89 -16.95 -6.83
N SER K 63 -20.84 -16.96 -5.50
CA SER K 63 -20.95 -15.74 -4.71
C SER K 63 -19.55 -15.44 -4.20
N ASN K 64 -19.01 -14.27 -4.56
CA ASN K 64 -17.68 -13.88 -4.12
C ASN K 64 -17.63 -12.37 -3.75
N MET K 65 -16.44 -11.76 -3.64
CA MET K 65 -16.26 -10.37 -3.24
C MET K 65 -16.79 -9.35 -4.26
N THR K 66 -17.03 -9.74 -5.51
CA THR K 66 -17.59 -8.79 -6.48
C THR K 66 -19.13 -8.99 -6.68
N GLY K 67 -19.72 -9.99 -6.02
CA GLY K 67 -21.16 -10.24 -6.07
C GLY K 67 -21.57 -11.65 -6.46
N LEU K 68 -22.77 -11.78 -7.06
CA LEU K 68 -23.27 -13.09 -7.47
C LEU K 68 -23.09 -13.27 -8.95
N HIS K 69 -22.27 -14.21 -9.38
CA HIS K 69 -21.99 -14.46 -10.78
C HIS K 69 -22.84 -15.66 -11.25
N LEU K 70 -23.67 -15.48 -12.29
CA LEU K 70 -24.54 -16.53 -12.83
C LEU K 70 -24.17 -16.85 -14.28
N GLY K 71 -23.95 -18.13 -14.61
CA GLY K 71 -23.71 -18.53 -16.00
C GLY K 71 -24.95 -18.35 -16.86
N THR K 72 -24.79 -18.17 -18.18
CA THR K 72 -25.96 -17.96 -19.05
C THR K 72 -26.33 -19.16 -19.91
N LYS K 73 -26.05 -20.39 -19.45
CA LYS K 73 -26.41 -21.58 -20.22
C LYS K 73 -27.93 -21.73 -20.38
N ALA K 74 -28.71 -21.50 -19.30
CA ALA K 74 -30.15 -21.63 -19.36
C ALA K 74 -30.90 -20.32 -19.71
N PHE K 75 -30.18 -19.31 -20.25
CA PHE K 75 -30.82 -18.05 -20.63
C PHE K 75 -31.46 -18.13 -22.00
N LYS K 76 -32.64 -17.52 -22.16
CA LYS K 76 -33.34 -17.52 -23.44
C LYS K 76 -33.78 -16.10 -23.83
N ASP K 77 -34.12 -15.88 -25.11
CA ASP K 77 -34.56 -14.58 -25.58
C ASP K 77 -35.91 -14.20 -24.96
N GLY K 78 -36.02 -12.96 -24.47
CA GLY K 78 -37.23 -12.46 -23.85
C GLY K 78 -37.12 -12.41 -22.34
N GLU K 79 -38.21 -12.67 -21.63
CA GLU K 79 -38.23 -12.64 -20.16
C GLU K 79 -37.58 -13.87 -19.51
N ASN K 80 -36.65 -13.65 -18.59
CA ASN K 80 -35.95 -14.71 -17.86
C ASN K 80 -36.24 -14.53 -16.37
N THR K 81 -36.54 -15.62 -15.66
CA THR K 81 -36.85 -15.56 -14.24
C THR K 81 -35.80 -16.26 -13.38
N ILE K 82 -35.16 -15.51 -12.48
CA ILE K 82 -34.14 -16.05 -11.58
C ILE K 82 -34.76 -16.13 -10.18
N VAL K 83 -34.72 -17.29 -9.52
CA VAL K 83 -35.27 -17.44 -8.16
C VAL K 83 -34.13 -17.79 -7.23
N ILE K 84 -33.93 -16.99 -6.19
CA ILE K 84 -32.88 -17.27 -5.22
C ILE K 84 -33.51 -17.64 -3.89
N SER K 85 -33.13 -18.79 -3.35
CA SER K 85 -33.64 -19.26 -2.06
C SER K 85 -32.54 -19.24 -1.02
N SER K 86 -32.85 -18.80 0.21
CA SER K 86 -31.86 -18.67 1.29
C SER K 86 -32.44 -19.19 2.61
N LYS K 87 -31.66 -19.94 3.40
CA LYS K 87 -32.17 -20.52 4.65
C LYS K 87 -32.62 -19.44 5.64
N GLY K 88 -33.90 -19.47 5.99
CA GLY K 88 -34.46 -18.50 6.92
C GLY K 88 -34.81 -17.17 6.29
N PHE K 89 -34.97 -17.14 4.95
CA PHE K 89 -35.35 -15.92 4.22
C PHE K 89 -36.44 -16.23 3.19
N GLU K 90 -37.20 -15.21 2.80
CA GLU K 90 -38.23 -15.39 1.77
C GLU K 90 -37.52 -15.36 0.39
N ASP K 91 -37.98 -16.19 -0.58
CA ASP K 91 -37.39 -16.27 -1.92
C ASP K 91 -37.31 -14.90 -2.62
N VAL K 92 -36.24 -14.66 -3.36
CA VAL K 92 -36.04 -13.42 -4.09
C VAL K 92 -36.20 -13.72 -5.58
N THR K 93 -37.11 -13.03 -6.25
CA THR K 93 -37.36 -13.23 -7.67
C THR K 93 -36.78 -12.10 -8.50
N ILE K 94 -35.83 -12.40 -9.37
CA ILE K 94 -35.21 -11.40 -10.23
C ILE K 94 -35.65 -11.61 -11.67
N THR K 95 -36.17 -10.55 -12.30
CA THR K 95 -36.64 -10.62 -13.67
C THR K 95 -35.66 -9.86 -14.57
N VAL K 96 -35.15 -10.54 -15.61
CA VAL K 96 -34.20 -9.96 -16.57
C VAL K 96 -34.64 -10.23 -18.03
N THR K 97 -34.30 -9.34 -18.98
CA THR K 97 -34.70 -9.56 -20.39
C THR K 97 -33.47 -9.73 -21.29
N LYS K 98 -33.53 -10.68 -22.25
CA LYS K 98 -32.41 -10.87 -23.18
C LYS K 98 -32.82 -10.64 -24.63
N LYS K 99 -32.14 -9.70 -25.30
CA LYS K 99 -32.43 -9.38 -26.68
C LYS K 99 -31.14 -8.93 -27.36
N ASP K 100 -30.83 -9.53 -28.53
CA ASP K 100 -29.65 -9.23 -29.33
C ASP K 100 -28.33 -9.36 -28.54
N GLY K 101 -28.26 -10.36 -27.66
CA GLY K 101 -27.09 -10.62 -26.84
C GLY K 101 -26.96 -9.74 -25.60
N GLN K 102 -27.90 -8.82 -25.38
CA GLN K 102 -27.86 -7.93 -24.23
C GLN K 102 -28.89 -8.34 -23.19
N ILE K 103 -28.47 -8.37 -21.92
CA ILE K 103 -29.31 -8.74 -20.80
C ILE K 103 -29.56 -7.49 -19.95
N HIS K 104 -30.82 -7.18 -19.71
CA HIS K 104 -31.20 -6.00 -18.97
C HIS K 104 -31.93 -6.33 -17.70
N PHE K 105 -31.69 -5.53 -16.65
CA PHE K 105 -32.38 -5.70 -15.37
C PHE K 105 -33.80 -5.14 -15.45
N VAL K 106 -34.79 -5.96 -15.08
CA VAL K 106 -36.18 -5.50 -15.07
C VAL K 106 -36.65 -5.17 -13.66
N SER K 107 -36.60 -6.15 -12.73
CA SER K 107 -37.08 -5.94 -11.36
C SER K 107 -36.63 -7.03 -10.39
N ALA K 108 -36.74 -6.77 -9.08
CA ALA K 108 -36.44 -7.76 -8.05
C ALA K 108 -37.55 -7.69 -7.02
N LYS K 109 -38.08 -8.85 -6.60
CA LYS K 109 -39.17 -8.88 -5.63
C LYS K 109 -38.94 -9.89 -4.52
N GLN K 110 -39.58 -9.67 -3.37
CA GLN K 110 -39.46 -10.54 -2.19
C GLN K 110 -40.59 -10.20 -1.22
CHA HEM L . -15.29 -8.03 29.00
CHB HEM L . -11.20 -7.57 31.58
CHC HEM L . -8.63 -7.99 27.49
CHD HEM L . -12.72 -7.74 24.88
C1A HEM L . -14.37 -7.92 30.09
C2A HEM L . -14.78 -7.87 31.49
C3A HEM L . -13.62 -7.71 32.22
C4A HEM L . -12.53 -7.68 31.27
CMA HEM L . -13.47 -7.59 33.71
CAA HEM L . -16.18 -8.01 32.01
CBA HEM L . -16.48 -9.46 32.45
CGA HEM L . -17.87 -9.68 32.94
O1A HEM L . -18.86 -9.25 32.42
O2A HEM L . -17.92 -10.38 34.04
C1B HEM L . -10.13 -7.66 30.68
C2B HEM L . -8.74 -7.62 31.09
C3B HEM L . -8.03 -7.75 29.91
C4B HEM L . -8.96 -7.88 28.83
CMB HEM L . -8.25 -7.55 32.51
CAB HEM L . -6.59 -7.70 29.71
CBB HEM L . -5.70 -6.93 30.31
C1C HEM L . -9.51 -7.97 26.36
C2C HEM L . -9.08 -7.81 25.00
C3C HEM L . -10.26 -7.66 24.28
C4C HEM L . -11.36 -7.77 25.19
CMC HEM L . -7.65 -7.81 24.53
CAC HEM L . -10.41 -7.42 22.83
CBC HEM L . -9.78 -6.54 22.04
C1D HEM L . -13.82 -7.86 25.79
C2D HEM L . -15.22 -7.84 25.41
C3D HEM L . -15.94 -7.93 26.57
C4D HEM L . -14.98 -8.00 27.66
CMD HEM L . -15.74 -7.78 24.00
CAD HEM L . -17.44 -7.88 26.71
CBD HEM L . -17.96 -6.43 26.76
CGD HEM L . -19.43 -6.26 27.06
O1D HEM L . -19.84 -5.38 27.76
O2D HEM L . -20.24 -7.05 26.41
NA HEM L . -13.02 -7.82 29.98
NB HEM L . -10.25 -7.83 29.33
NC HEM L . -10.87 -7.97 26.47
ND HEM L . -13.69 -7.97 27.15
FE HEM L . -11.96 -8.03 28.21
CHA HEM M . 22.63 -0.34 14.02
CHB HEM M . 18.49 2.10 13.35
CHC HEM M . 16.10 -1.54 15.51
CHD HEM M . 20.27 -3.78 16.51
C1A HEM M . 21.71 0.67 13.65
C2A HEM M . 22.09 1.95 13.06
C3A HEM M . 20.93 2.66 12.93
C4A HEM M . 19.85 1.80 13.39
CMA HEM M . 20.76 4.07 12.42
CAA HEM M . 23.44 2.39 12.62
CBA HEM M . 23.75 1.87 11.21
CGA HEM M . 25.09 2.26 10.66
O1A HEM M . 25.19 2.73 9.54
O2A HEM M . 26.11 2.00 11.42
C1B HEM M . 17.45 1.27 13.82
C2B HEM M . 16.05 1.64 13.81
C3B HEM M . 15.40 0.60 14.43
C4B HEM M . 16.37 -0.38 14.80
CMB HEM M . 15.49 2.89 13.19
CAB HEM M . 13.98 0.55 14.77
CBB HEM M . 13.01 -0.09 14.22
C1C HEM M . 17.03 -2.46 16.01
C2C HEM M . 16.70 -3.55 16.93
C3C HEM M . 17.90 -4.17 17.22
C4C HEM M . 18.92 -3.48 16.49
CMC HEM M . 15.33 -3.83 17.47
CAC HEM M . 18.19 -5.31 18.08
CBC HEM M . 17.49 -5.89 19.04
C1D HEM M . 21.31 -3.05 15.86
C2D HEM M . 22.72 -3.35 15.98
C3D HEM M . 23.39 -2.37 15.26
C4D HEM M . 22.36 -1.49 14.72
CMD HEM M . 23.31 -4.51 16.72
CAD HEM M . 24.87 -2.18 15.15
CBD HEM M . 25.44 -1.48 16.39
CGD HEM M . 26.95 -1.39 16.40
O1D HEM M . 27.66 -2.31 16.05
O2D HEM M . 27.39 -0.25 16.83
NA HEM M . 20.37 0.60 13.84
NB HEM M . 17.63 0.05 14.41
NC HEM M . 18.36 -2.45 15.74
ND HEM M . 21.11 -1.94 15.09
FE HEM M . 19.35 -0.94 14.79
C1 GOL N . 24.77 -12.07 17.97
O1 GOL N . 24.75 -11.68 16.61
C2 GOL N . 26.17 -12.40 18.42
O2 GOL N . 27.00 -11.24 18.30
C3 GOL N . 26.19 -12.89 19.85
O3 GOL N . 25.64 -14.20 19.94
CHA HEM O . 20.71 -26.36 24.65
CHB HEM O . 16.28 -28.28 24.96
CHC HEM O . 14.58 -24.60 22.28
CHD HEM O . 19.10 -23.04 21.47
C1A HEM O . 19.64 -27.20 25.00
C2A HEM O . 19.76 -28.41 25.80
C3A HEM O . 18.52 -28.96 25.90
C4A HEM O . 17.62 -28.09 25.14
CMA HEM O . 18.10 -30.21 26.62
CAA HEM O . 21.05 -28.99 26.34
CBA HEM O . 21.26 -28.72 27.83
CGA HEM O . 22.69 -28.89 28.26
O1A HEM O . 23.26 -28.00 28.87
O2A HEM O . 23.26 -30.04 27.93
C1B HEM O . 15.41 -27.42 24.27
C2B HEM O . 13.97 -27.63 24.17
C3B HEM O . 13.52 -26.57 23.41
C4B HEM O . 14.64 -25.75 23.07
CMB HEM O . 13.22 -28.76 24.81
CAB HEM O . 12.16 -26.31 22.97
CBB HEM O . 11.27 -27.15 22.53
C1C HEM O . 15.68 -23.84 21.78
C2C HEM O . 15.57 -22.76 20.81
C3C HEM O . 16.86 -22.36 20.55
C4C HEM O . 17.72 -23.16 21.36
CMC HEM O . 14.27 -22.25 20.25
CAC HEM O . 17.33 -21.33 19.60
CBC HEM O . 17.04 -21.17 18.33
C1D HEM O . 19.97 -23.82 22.31
C2D HEM O . 21.40 -23.66 22.37
C3D HEM O . 21.86 -24.59 23.27
C4D HEM O . 20.69 -25.30 23.76
CMD HEM O . 22.20 -22.64 21.61
CAD HEM O . 23.30 -24.85 23.64
CBD HEM O . 23.96 -25.84 22.70
CGD HEM O . 25.36 -26.21 23.09
O1D HEM O . 25.64 -27.25 23.67
O2D HEM O . 26.24 -25.32 22.75
NA HEM O . 18.34 -27.02 24.61
NB HEM O . 15.79 -26.29 23.61
NC HEM O . 16.97 -24.05 22.10
ND HEM O . 19.55 -24.80 23.16
FE HEM O . 17.66 -25.51 23.38
CHA HEM P . -12.55 -15.33 2.49
CHB HEM P . -8.16 -16.59 0.88
CHC HEM P . -6.51 -16.40 5.43
CHD HEM P . -10.97 -15.51 7.10
C1A HEM P . -11.50 -15.68 1.64
C2A HEM P . -11.63 -15.92 0.21
C3A HEM P . -10.41 -16.34 -0.25
C4A HEM P . -9.52 -16.32 0.90
CMA HEM P . -10.03 -16.80 -1.62
CAA HEM P . -12.88 -15.71 -0.61
CBA HEM P . -12.95 -14.29 -1.17
CGA HEM P . -14.10 -14.06 -2.10
O1A HEM P . -13.95 -13.58 -3.21
O2A HEM P . -15.29 -14.39 -1.63
C1B HEM P . -7.28 -16.56 1.99
C2B HEM P . -5.86 -16.89 1.93
C3B HEM P . -5.42 -16.84 3.24
C4B HEM P . -6.54 -16.49 4.06
CMB HEM P . -5.09 -17.21 0.68
CAB HEM P . -4.08 -17.23 3.71
CBB HEM P . -3.05 -16.54 4.10
C1C HEM P . -7.58 -16.15 6.32
C2C HEM P . -7.49 -16.23 7.76
C3C HEM P . -8.78 -15.98 8.21
C4C HEM P . -9.60 -15.75 7.07
CMC HEM P . -6.25 -16.61 8.52
CAC HEM P . -9.33 -15.92 9.57
CBC HEM P . -8.83 -16.35 10.71
C1D HEM P . -11.83 -15.39 5.96
C2D HEM P . -13.27 -15.23 6.03
C3D HEM P . -13.71 -15.17 4.71
C4D HEM P . -12.53 -15.28 3.88
CMD HEM P . -14.08 -15.07 7.28
CAD HEM P . -15.13 -15.03 4.25
CBD HEM P . -15.87 -16.35 4.24
CGD HEM P . -17.30 -16.21 3.83
O1D HEM P . -17.98 -15.25 4.08
O2D HEM P . -17.75 -17.23 3.16
NA HEM P . -10.21 -15.93 2.03
NB HEM P . -7.68 -16.31 3.27
NC HEM P . -8.84 -15.85 5.93
ND HEM P . -11.39 -15.40 4.67
FE HEM P . -9.53 -15.79 3.99
C1 GOL Q . -16.26 -10.70 13.76
O1 GOL Q . -17.29 -11.66 13.56
C2 GOL Q . -16.00 -9.94 12.47
O2 GOL Q . -14.92 -9.01 12.67
C3 GOL Q . -15.65 -10.94 11.39
O3 GOL Q . -15.53 -10.31 10.11
CHA HEM R . 0.08 4.49 -45.73
CHB HEM R . 3.30 8.11 -45.26
CHC HEM R . 3.09 7.73 -40.43
CHD HEM R . 0.13 3.92 -40.90
C1A HEM R . 1.01 5.52 -46.05
C2A HEM R . 1.44 5.87 -47.40
C3A HEM R . 2.36 6.89 -47.27
C4A HEM R . 2.48 7.16 -45.84
CMA HEM R . 3.12 7.60 -48.35
CAA HEM R . 0.96 5.25 -48.68
CBA HEM R . -0.17 6.05 -49.32
CGA HEM R . -0.64 5.49 -50.63
O1A HEM R . -0.18 4.49 -51.15
O2A HEM R . -1.62 6.21 -51.17
C1B HEM R . 3.50 8.36 -43.89
C2B HEM R . 4.42 9.35 -43.36
C3B HEM R . 4.37 9.21 -42.00
C4B HEM R . 3.43 8.17 -41.70
CMB HEM R . 5.21 10.33 -44.19
CAB HEM R . 5.12 9.97 -41.00
CBB HEM R . 6.42 10.08 -40.87
C1C HEM R . 2.26 6.63 -40.11
C2C HEM R . 2.09 6.07 -38.78
C3C HEM R . 1.29 4.97 -38.93
C4C HEM R . 0.94 4.88 -40.33
CMC HEM R . 2.70 6.63 -37.53
CAC HEM R . 0.87 4.04 -37.89
CBC HEM R . 1.59 3.23 -37.14
C1D HEM R . -0.21 3.77 -42.28
C2D HEM R . -1.06 2.72 -42.80
C3D HEM R . -1.08 2.89 -44.17
C4D HEM R . -0.24 4.04 -44.45
CMD HEM R . -1.79 1.70 -41.98
CAD HEM R . -1.87 2.08 -45.16
CBD HEM R . -1.17 0.80 -45.54
CGD HEM R . -1.88 0.09 -46.66
O1D HEM R . -1.69 0.39 -47.83
O2D HEM R . -2.74 -0.81 -46.25
NA HEM R . 1.65 6.31 -45.14
NB HEM R . 2.92 7.66 -42.88
NC HEM R . 1.56 5.91 -41.03
ND HEM R . 0.27 4.55 -43.27
FE HEM R . 1.67 6.03 -43.09
CHA HEM S . 19.36 15.28 -10.45
CHB HEM S . 18.92 10.91 -12.49
CHC HEM S . 15.70 12.76 -15.61
CHD HEM S . 16.46 17.20 -13.84
C1A HEM S . 19.54 13.91 -10.74
C2A HEM S . 20.49 13.05 -10.06
C3A HEM S . 20.39 11.81 -10.67
C4A HEM S . 19.37 11.93 -11.69
CMA HEM S . 21.19 10.58 -10.39
CAA HEM S . 21.33 13.41 -8.87
CBA HEM S . 20.58 13.14 -7.56
CGA HEM S . 21.42 13.35 -6.32
O1A HEM S . 21.54 12.49 -5.46
O2A HEM S . 21.95 14.54 -6.24
C1B HEM S . 17.92 11.01 -13.48
C2B HEM S . 17.49 9.91 -14.34
C3B HEM S . 16.62 10.46 -15.24
C4B HEM S . 16.47 11.86 -14.91
CMB HEM S . 17.96 8.49 -14.22
CAB HEM S . 16.00 9.78 -16.39
CBB HEM S . 14.80 9.32 -16.56
C1C HEM S . 15.63 14.16 -15.43
C2C HEM S . 14.97 15.07 -16.35
C3C HEM S . 15.18 16.33 -15.81
C4C HEM S . 15.96 16.17 -14.63
CMC HEM S . 14.26 14.66 -17.61
CAC HEM S . 14.76 17.65 -16.29
CBC HEM S . 14.30 18.04 -17.45
C1D HEM S . 17.31 17.07 -12.71
C2D HEM S . 17.86 18.18 -11.96
C3D HEM S . 18.68 17.64 -11.00
C4D HEM S . 18.61 16.19 -11.17
CMD HEM S . 17.51 19.63 -12.17
CAD HEM S . 19.51 18.37 -9.99
CBD HEM S . 20.82 18.89 -10.58
CGD HEM S . 21.62 19.68 -9.60
O1D HEM S . 21.13 20.41 -8.75
O2D HEM S . 22.91 19.52 -9.71
NA HEM S . 18.88 13.22 -11.71
NB HEM S . 17.28 12.17 -13.83
NC HEM S . 16.21 14.84 -14.41
ND HEM S . 17.75 15.88 -12.22
FE HEM S . 17.48 14.04 -13.01
CHA HEM T . 2.60 35.70 -18.92
CHB HEM T . -0.95 34.46 -21.97
CHC HEM T . -0.04 29.78 -21.02
CHD HEM T . 3.07 31.05 -17.55
C1A HEM T . 1.56 35.78 -19.87
C2A HEM T . 1.02 37.03 -20.39
C3A HEM T . 0.01 36.68 -21.27
C4A HEM T . -0.06 35.23 -21.25
CMA HEM T . -0.85 37.58 -22.10
CAA HEM T . 1.48 38.41 -20.01
CBA HEM T . 2.25 39.09 -21.14
CGA HEM T . 3.15 40.21 -20.71
O1A HEM T . 4.28 40.26 -21.12
O2A HEM T . 2.64 41.11 -19.88
C1B HEM T . -1.05 33.05 -21.97
C2B HEM T . -1.93 32.29 -22.83
C3B HEM T . -1.66 30.98 -22.54
C4B HEM T . -0.62 30.93 -21.56
CMB HEM T . -2.89 32.88 -23.82
CAB HEM T . -2.30 29.78 -23.09
CBB HEM T . -3.57 29.55 -23.27
C1C HEM T . 0.89 29.69 -19.97
C2C HEM T . 1.26 28.46 -19.29
C3C HEM T . 2.11 28.83 -18.26
C4C HEM T . 2.27 30.26 -18.35
CMC HEM T . 0.77 27.08 -19.67
CAC HEM T . 2.75 27.95 -17.28
CBC HEM T . 2.20 27.07 -16.45
C1D HEM T . 3.25 32.47 -17.63
C2D HEM T . 4.14 33.24 -16.77
C3D HEM T . 4.00 34.55 -17.17
C4D HEM T . 3.05 34.56 -18.27
CMD HEM T . 5.03 32.67 -15.72
CAD HEM T . 4.68 35.74 -16.53
CBD HEM T . 3.87 36.28 -15.36
CGD HEM T . 4.33 37.64 -14.87
O1D HEM T . 4.36 37.95 -13.70
O2D HEM T . 4.65 38.47 -15.84
NA HEM T . 0.90 34.72 -20.40
NB HEM T . -0.27 32.22 -21.21
NC HEM T . 1.51 30.76 -19.40
ND HEM T . 2.61 33.28 -18.52
FE HEM T . 1.22 32.74 -19.91
CHA HEM U . -14.25 -2.08 -22.58
CHB HEM U . -13.74 0.72 -18.65
CHC HEM U . -10.93 3.72 -21.25
CHD HEM U . -11.84 1.17 -25.28
C1A HEM U . -14.37 -1.57 -21.26
C2A HEM U . -15.22 -2.15 -20.22
C3A HEM U . -15.11 -1.34 -19.12
C4A HEM U . -14.19 -0.28 -19.49
CMA HEM U . -15.81 -1.47 -17.81
CAA HEM U . -15.98 -3.44 -20.28
CBA HEM U . -15.09 -4.62 -19.92
CGA HEM U . -15.79 -5.96 -19.86
O1A HEM U . -15.64 -6.72 -18.93
O2A HEM U . -16.52 -6.23 -20.91
C1B HEM U . -12.83 1.75 -19.00
C2B HEM U . -12.40 2.79 -18.09
C3B HEM U . -11.64 3.64 -18.85
C4B HEM U . -11.57 3.12 -20.17
CMB HEM U . -12.74 2.86 -16.63
CAB HEM U . -11.05 4.91 -18.41
CBB HEM U . -9.83 5.23 -18.13
C1C HEM U . -10.95 3.31 -22.61
C2C HEM U . -10.45 4.11 -23.71
C3C HEM U . -10.71 3.37 -24.84
C4C HEM U . -11.36 2.16 -24.42
CMC HEM U . -9.84 5.47 -23.57
CAC HEM U . -10.44 3.68 -26.25
CBC HEM U . -10.14 4.82 -26.85
C1D HEM U . -12.58 0.01 -24.88
C2D HEM U . -13.12 -0.98 -25.80
C3D HEM U . -13.79 -1.90 -25.03
C4D HEM U . -13.64 -1.47 -23.65
CMD HEM U . -12.94 -0.95 -27.29
CAD HEM U . -14.62 -3.06 -25.51
CBD HEM U . -15.98 -2.61 -26.03
CGD HEM U . -16.87 -3.72 -26.50
O1D HEM U . -17.32 -4.55 -25.73
O2D HEM U . -17.13 -3.71 -27.79
NA HEM U . -13.76 -0.46 -20.79
NB HEM U . -12.31 1.95 -20.24
NC HEM U . -11.48 2.15 -23.05
ND HEM U . -12.89 -0.31 -23.59
FE HEM U . -12.61 0.84 -21.92
C1 GOL V . -22.62 -2.97 34.48
O1 GOL V . -23.43 -3.64 35.43
C2 GOL V . -23.06 -3.41 33.10
O2 GOL V . -22.29 -4.54 32.73
C3 GOL V . -22.92 -2.31 32.07
O3 GOL V . -24.09 -1.51 32.04
#